data_7VWP
#
_entry.id   7VWP
#
_cell.length_a   76.540
_cell.length_b   84.636
_cell.length_c   102.799
_cell.angle_alpha   91.314
_cell.angle_beta   107.860
_cell.angle_gamma   115.391
#
_symmetry.space_group_name_H-M   'P 1'
#
loop_
_entity.id
_entity.type
_entity.pdbx_description
1 polymer FlsO1
2 non-polymer 'PHOSPHATE ION'
3 non-polymer 'FLAVIN-ADENINE DINUCLEOTIDE'
4 non-polymer 'SODIUM ION'
5 water water
#
_entity_poly.entity_id   1
_entity_poly.type   'polypeptide(L)'
_entity_poly.pdbx_seq_one_letter_code
;MNTIDAEVIIVGAGPTGLMLAGELRLNNVSTIVLDRLAEPMQQSRALGFSARTIEEFDQRGLLARFGEVGTIPFGHFGGV
PLDYRVIKGGSYGARGIPQSRTEGMLAAAAVELGAELRRGQEVVSIDDDGTGVAVVVRTADGEQTLRAKYLVGADGARST
VRKAAGIDFPGTDPTMEMWLADVAGCDLRLRFSGELVPGGMVMVLPLGPVAQRVVVFEHATGLRNSTEPPTFAEVADAFE
RLTGEDIRGGKPLWVSWFTDSSRQAAEYRRGRILLAGDAAHIHMPIGGQGMSAGIQDAVNLGWKLAAEIHGHAPEGLLDT
YHTERHPVDGRVVMNTLAQRWLYLGGEAMQPLRELLGELVRYPDVQEHLVGMVTGLDIRYDVGAGEHPLLGRRIPNQELV
GEFDGSGKSTTFEQLHRGRGVLFAFGDDTAGPQAATGWTDRVDVVRATPHTADPDDPFHGLDAVLVRPDGYVAWVAPAGA
GAAGLDEALSRWFGPSR
;
_entity_poly.pdbx_strand_id   D,A,B,C
#
# COMPACT_ATOMS: atom_id res chain seq x y z
N ILE A 4 -31.72 -38.57 -2.44
CA ILE A 4 -30.28 -38.10 -2.35
C ILE A 4 -30.24 -36.57 -2.20
N ASP A 5 -29.28 -36.06 -1.41
CA ASP A 5 -29.02 -34.60 -1.25
C ASP A 5 -28.32 -34.03 -2.49
N ALA A 6 -27.55 -34.83 -3.24
CA ALA A 6 -26.84 -34.40 -4.47
C ALA A 6 -26.33 -35.64 -5.23
N GLU A 7 -26.08 -35.49 -6.53
CA GLU A 7 -25.51 -36.58 -7.37
C GLU A 7 -24.05 -36.88 -6.93
N VAL A 8 -23.32 -35.89 -6.39
CA VAL A 8 -21.94 -36.11 -5.83
C VAL A 8 -21.75 -35.32 -4.54
N ILE A 9 -21.23 -36.02 -3.53
CA ILE A 9 -20.68 -35.41 -2.29
C ILE A 9 -19.17 -35.42 -2.40
N ILE A 10 -18.52 -34.28 -2.16
CA ILE A 10 -17.03 -34.14 -2.14
C ILE A 10 -16.64 -33.88 -0.70
N VAL A 11 -15.79 -34.72 -0.12
CA VAL A 11 -15.29 -34.49 1.26
C VAL A 11 -13.95 -33.74 1.17
N GLY A 12 -13.95 -32.47 1.60
CA GLY A 12 -12.76 -31.60 1.57
C GLY A 12 -12.95 -30.44 0.62
N ALA A 13 -12.84 -29.22 1.14
CA ALA A 13 -12.85 -27.96 0.37
C ALA A 13 -11.46 -27.34 0.40
N GLY A 14 -10.44 -28.16 0.14
CA GLY A 14 -9.11 -27.68 -0.27
C GLY A 14 -9.15 -27.38 -1.77
N PRO A 15 -8.00 -27.10 -2.39
CA PRO A 15 -7.93 -26.87 -3.84
C PRO A 15 -8.43 -28.09 -4.63
N THR A 16 -8.16 -29.31 -4.17
CA THR A 16 -8.58 -30.51 -4.95
C THR A 16 -10.11 -30.59 -4.98
N GLY A 17 -10.76 -30.52 -3.82
CA GLY A 17 -12.23 -30.64 -3.77
C GLY A 17 -12.89 -29.52 -4.54
N LEU A 18 -12.44 -28.27 -4.34
CA LEU A 18 -13.10 -27.05 -4.91
C LEU A 18 -12.94 -27.05 -6.43
N MET A 19 -11.79 -27.52 -6.93
CA MET A 19 -11.55 -27.62 -8.40
C MET A 19 -12.51 -28.67 -8.99
N LEU A 20 -12.63 -29.83 -8.33
CA LEU A 20 -13.49 -30.93 -8.84
C LEU A 20 -14.95 -30.48 -8.74
N ALA A 21 -15.35 -29.81 -7.65
CA ALA A 21 -16.67 -29.14 -7.56
C ALA A 21 -16.91 -28.34 -8.85
N GLY A 22 -15.97 -27.46 -9.20
CA GLY A 22 -16.07 -26.63 -10.43
C GLY A 22 -16.30 -27.49 -11.67
N GLU A 23 -15.54 -28.56 -11.83
CA GLU A 23 -15.60 -29.43 -13.04
C GLU A 23 -16.96 -30.17 -13.06
N LEU A 24 -17.43 -30.61 -11.91
CA LEU A 24 -18.74 -31.29 -11.80
C LEU A 24 -19.89 -30.32 -12.13
N ARG A 25 -19.88 -29.07 -11.61
CA ARG A 25 -20.91 -28.05 -11.95
C ARG A 25 -20.86 -27.72 -13.46
N LEU A 26 -19.69 -27.64 -14.07
CA LEU A 26 -19.59 -27.43 -15.54
C LEU A 26 -20.33 -28.55 -16.27
N ASN A 27 -20.42 -29.74 -15.64
CA ASN A 27 -21.02 -30.94 -16.26
C ASN A 27 -22.50 -31.07 -15.87
N ASN A 28 -23.04 -30.12 -15.12
CA ASN A 28 -24.44 -30.12 -14.61
C ASN A 28 -24.66 -31.28 -13.64
N VAL A 29 -23.62 -31.68 -12.92
CA VAL A 29 -23.74 -32.66 -11.82
C VAL A 29 -24.00 -31.88 -10.53
N SER A 30 -25.14 -32.10 -9.86
CA SER A 30 -25.46 -31.45 -8.57
C SER A 30 -24.40 -31.90 -7.57
N THR A 31 -23.75 -31.00 -6.84
CA THR A 31 -22.66 -31.39 -5.91
C THR A 31 -22.72 -30.61 -4.59
N ILE A 32 -22.32 -31.29 -3.53
CA ILE A 32 -22.19 -30.76 -2.14
C ILE A 32 -20.73 -30.93 -1.70
N VAL A 33 -20.13 -29.84 -1.24
CA VAL A 33 -18.75 -29.85 -0.70
C VAL A 33 -18.84 -29.74 0.84
N LEU A 34 -18.21 -30.68 1.54
CA LEU A 34 -18.19 -30.71 3.03
C LEU A 34 -16.77 -30.45 3.49
N ASP A 35 -16.65 -29.71 4.59
CA ASP A 35 -15.36 -29.50 5.26
C ASP A 35 -15.66 -29.28 6.73
N ARG A 36 -14.86 -29.89 7.58
CA ARG A 36 -15.02 -29.82 9.05
C ARG A 36 -14.64 -28.44 9.51
N LEU A 37 -13.78 -27.73 8.77
CA LEU A 37 -13.23 -26.42 9.22
C LEU A 37 -14.36 -25.39 9.10
N ALA A 38 -14.56 -24.61 10.15
CA ALA A 38 -15.60 -23.55 10.19
C ALA A 38 -15.22 -22.46 9.20
N GLU A 39 -13.92 -22.30 8.97
CA GLU A 39 -13.31 -21.23 8.16
C GLU A 39 -12.22 -21.81 7.27
N PRO A 40 -11.97 -21.25 6.06
CA PRO A 40 -10.78 -21.62 5.31
C PRO A 40 -9.52 -21.43 6.17
N MET A 41 -8.54 -22.30 5.98
CA MET A 41 -7.22 -22.13 6.62
C MET A 41 -6.70 -20.75 6.20
N GLN A 42 -6.27 -19.99 7.19
CA GLN A 42 -5.81 -18.61 7.08
C GLN A 42 -4.38 -18.58 6.50
N GLN A 43 -3.52 -19.51 6.91
CA GLN A 43 -2.11 -19.59 6.43
C GLN A 43 -2.09 -20.44 5.18
N SER A 44 -1.10 -20.19 4.31
CA SER A 44 -0.93 -20.83 2.99
C SER A 44 0.26 -21.78 3.05
N ARG A 45 0.05 -23.03 2.69
CA ARG A 45 1.15 -24.01 2.56
C ARG A 45 1.84 -23.75 1.22
N ALA A 46 1.18 -24.04 0.10
CA ALA A 46 1.72 -23.71 -1.24
C ALA A 46 1.79 -22.18 -1.38
N LEU A 47 2.82 -21.67 -2.07
CA LEU A 47 2.94 -20.24 -2.51
C LEU A 47 2.74 -20.10 -4.03
N GLY A 48 2.44 -21.18 -4.73
CA GLY A 48 2.20 -21.13 -6.19
C GLY A 48 1.57 -22.40 -6.67
N PHE A 49 1.79 -22.74 -7.92
CA PHE A 49 1.31 -24.02 -8.50
C PHE A 49 2.03 -24.16 -9.84
N SER A 50 1.92 -25.33 -10.46
CA SER A 50 2.76 -25.69 -11.62
C SER A 50 2.27 -24.95 -12.89
N ALA A 51 3.07 -25.00 -13.95
CA ALA A 51 2.70 -24.55 -15.31
C ALA A 51 1.47 -25.32 -15.82
N ARG A 52 1.34 -26.64 -15.56
CA ARG A 52 0.15 -27.36 -16.10
C ARG A 52 -1.07 -26.85 -15.34
N THR A 53 -0.89 -26.47 -14.07
CA THR A 53 -2.00 -26.02 -13.18
C THR A 53 -2.41 -24.62 -13.64
N ILE A 54 -1.44 -23.79 -14.02
CA ILE A 54 -1.75 -22.48 -14.68
C ILE A 54 -2.69 -22.75 -15.87
N GLU A 55 -2.34 -23.69 -16.72
CA GLU A 55 -3.09 -24.01 -17.96
C GLU A 55 -4.49 -24.59 -17.65
N GLU A 56 -4.63 -25.39 -16.59
CA GLU A 56 -5.93 -26.04 -16.26
C GLU A 56 -6.86 -24.98 -15.65
N PHE A 57 -6.34 -23.98 -14.94
CA PHE A 57 -7.17 -22.83 -14.48
C PHE A 57 -7.60 -22.00 -15.70
N ASP A 58 -6.64 -21.69 -16.58
CA ASP A 58 -6.82 -20.80 -17.75
C ASP A 58 -7.82 -21.45 -18.69
N GLN A 59 -7.81 -22.79 -18.78
CA GLN A 59 -8.69 -23.64 -19.63
C GLN A 59 -10.15 -23.40 -19.25
N ARG A 60 -10.43 -23.01 -18.01
CA ARG A 60 -11.80 -22.82 -17.47
C ARG A 60 -12.07 -21.32 -17.26
N GLY A 61 -11.15 -20.46 -17.66
CA GLY A 61 -11.22 -19.00 -17.43
C GLY A 61 -11.09 -18.63 -15.96
N LEU A 62 -10.58 -19.54 -15.11
CA LEU A 62 -10.38 -19.30 -13.64
C LEU A 62 -9.11 -18.49 -13.42
N LEU A 63 -8.11 -18.64 -14.27
CA LEU A 63 -6.81 -17.97 -14.03
C LEU A 63 -7.00 -16.44 -13.99
N ALA A 64 -7.81 -15.87 -14.90
CA ALA A 64 -8.19 -14.43 -14.94
C ALA A 64 -8.78 -13.94 -13.60
N ARG A 65 -9.39 -14.83 -12.81
CA ARG A 65 -10.02 -14.46 -11.52
C ARG A 65 -8.98 -14.10 -10.46
N PHE A 66 -7.71 -14.42 -10.68
CA PHE A 66 -6.60 -14.02 -9.77
C PHE A 66 -6.19 -12.57 -10.07
N GLY A 67 -6.60 -12.08 -11.24
CA GLY A 67 -5.99 -10.90 -11.86
C GLY A 67 -4.76 -11.32 -12.65
N GLU A 68 -3.72 -10.49 -12.60
CA GLU A 68 -2.46 -10.70 -13.33
C GLU A 68 -1.73 -11.83 -12.63
N VAL A 69 -1.33 -12.88 -13.34
CA VAL A 69 -0.50 -13.97 -12.76
C VAL A 69 0.80 -14.06 -13.56
N GLY A 70 1.92 -13.84 -12.86
CA GLY A 70 3.28 -13.92 -13.41
C GLY A 70 3.89 -15.27 -13.09
N THR A 71 4.88 -15.67 -13.88
CA THR A 71 5.55 -16.99 -13.73
C THR A 71 7.01 -16.78 -13.42
N ILE A 72 7.67 -17.85 -12.99
CA ILE A 72 9.08 -17.90 -12.50
C ILE A 72 9.83 -18.63 -13.60
N PRO A 73 10.71 -17.94 -14.36
CA PRO A 73 11.40 -18.60 -15.48
C PRO A 73 12.42 -19.68 -15.08
N PHE A 74 13.16 -19.49 -14.00
CA PHE A 74 14.28 -20.41 -13.62
C PHE A 74 13.93 -21.13 -12.32
N GLY A 75 14.51 -22.32 -12.17
CA GLY A 75 14.36 -23.12 -10.96
C GLY A 75 15.47 -24.14 -10.91
N HIS A 76 15.16 -25.33 -10.37
CA HIS A 76 16.17 -26.37 -10.09
C HIS A 76 15.49 -27.72 -10.22
N PHE A 77 16.32 -28.75 -10.30
CA PHE A 77 15.97 -30.14 -10.02
C PHE A 77 17.05 -30.71 -9.10
N GLY A 78 16.70 -30.93 -7.84
CA GLY A 78 17.64 -31.51 -6.86
C GLY A 78 18.83 -30.60 -6.65
N GLY A 79 18.58 -29.30 -6.62
CA GLY A 79 19.62 -28.25 -6.52
C GLY A 79 20.37 -27.97 -7.81
N VAL A 80 20.08 -28.64 -8.94
CA VAL A 80 20.76 -28.33 -10.24
C VAL A 80 19.94 -27.26 -10.97
N PRO A 81 20.51 -26.07 -11.24
CA PRO A 81 19.77 -25.00 -11.92
C PRO A 81 19.26 -25.43 -13.29
N LEU A 82 18.08 -24.95 -13.67
CA LEU A 82 17.40 -25.29 -14.94
C LEU A 82 16.61 -24.06 -15.36
N ASP A 83 16.64 -23.77 -16.66
CA ASP A 83 15.75 -22.81 -17.33
C ASP A 83 14.48 -23.59 -17.64
N TYR A 84 13.35 -23.23 -17.07
CA TYR A 84 12.07 -23.96 -17.19
C TYR A 84 11.27 -23.50 -18.41
N ARG A 85 11.83 -22.58 -19.18
CA ARG A 85 11.23 -22.10 -20.46
C ARG A 85 11.57 -23.05 -21.62
N VAL A 86 12.37 -24.09 -21.40
CA VAL A 86 12.92 -24.92 -22.51
C VAL A 86 11.81 -25.77 -23.11
N ILE A 87 10.68 -25.97 -22.44
CA ILE A 87 9.49 -26.53 -23.15
C ILE A 87 8.46 -25.40 -23.25
N LYS A 88 7.75 -25.33 -24.39
CA LYS A 88 6.75 -24.30 -24.72
C LYS A 88 5.67 -24.29 -23.64
N GLY A 89 5.47 -23.12 -23.01
CA GLY A 89 4.50 -22.91 -21.92
C GLY A 89 5.06 -23.27 -20.56
N GLY A 90 6.33 -23.67 -20.50
CA GLY A 90 6.99 -24.12 -19.26
C GLY A 90 7.46 -22.95 -18.41
N SER A 91 7.39 -23.11 -17.10
CA SER A 91 7.93 -22.21 -16.06
C SER A 91 8.09 -23.05 -14.80
N TYR A 92 8.79 -22.54 -13.79
CA TYR A 92 8.91 -23.21 -12.48
C TYR A 92 7.62 -23.07 -11.68
N GLY A 93 6.73 -22.15 -12.08
CA GLY A 93 5.34 -22.12 -11.63
C GLY A 93 4.81 -20.71 -11.52
N ALA A 94 3.57 -20.57 -11.08
CA ALA A 94 2.95 -19.27 -10.76
C ALA A 94 3.72 -18.59 -9.62
N ARG A 95 3.92 -17.28 -9.73
CA ARG A 95 4.61 -16.47 -8.69
C ARG A 95 3.64 -15.83 -7.67
N GLY A 96 3.94 -15.95 -6.37
CA GLY A 96 3.24 -15.25 -5.28
C GLY A 96 1.72 -15.41 -5.30
N ILE A 97 1.18 -16.61 -5.56
CA ILE A 97 -0.28 -16.90 -5.40
C ILE A 97 -0.42 -17.88 -4.22
N PRO A 98 -0.60 -17.36 -2.99
CA PRO A 98 -0.73 -18.21 -1.81
C PRO A 98 -1.95 -19.13 -1.95
N GLN A 99 -1.84 -20.30 -1.32
CA GLN A 99 -2.85 -21.38 -1.38
C GLN A 99 -4.22 -20.86 -0.91
N SER A 100 -4.27 -19.93 0.06
CA SER A 100 -5.54 -19.32 0.55
C SER A 100 -6.22 -18.55 -0.59
N ARG A 101 -5.42 -17.82 -1.37
CA ARG A 101 -5.92 -17.10 -2.55
C ARG A 101 -6.43 -18.13 -3.57
N THR A 102 -5.68 -19.23 -3.77
CA THR A 102 -6.09 -20.29 -4.72
C THR A 102 -7.43 -20.91 -4.28
N GLU A 103 -7.56 -21.32 -3.03
CA GLU A 103 -8.81 -21.91 -2.49
C GLU A 103 -9.92 -20.84 -2.52
N GLY A 104 -9.60 -19.61 -2.12
CA GLY A 104 -10.50 -18.44 -2.25
C GLY A 104 -11.08 -18.35 -3.66
N MET A 105 -10.26 -18.53 -4.69
CA MET A 105 -10.72 -18.36 -6.08
C MET A 105 -11.63 -19.54 -6.45
N LEU A 106 -11.22 -20.77 -6.12
CA LEU A 106 -11.90 -22.02 -6.59
C LEU A 106 -13.28 -22.19 -5.91
N ALA A 107 -13.38 -21.82 -4.63
CA ALA A 107 -14.67 -21.78 -3.91
C ALA A 107 -15.60 -20.77 -4.58
N ALA A 108 -15.11 -19.54 -4.82
CA ALA A 108 -15.90 -18.49 -5.47
C ALA A 108 -16.47 -19.00 -6.77
N ALA A 109 -15.64 -19.67 -7.58
CA ALA A 109 -16.08 -20.20 -8.87
C ALA A 109 -17.06 -21.35 -8.71
N ALA A 110 -16.88 -22.20 -7.70
CA ALA A 110 -17.72 -23.38 -7.47
C ALA A 110 -19.10 -22.94 -6.99
N VAL A 111 -19.15 -22.04 -6.01
CA VAL A 111 -20.44 -21.51 -5.49
C VAL A 111 -21.15 -20.73 -6.61
N GLU A 112 -20.42 -19.90 -7.37
CA GLU A 112 -21.03 -19.14 -8.49
C GLU A 112 -21.75 -20.10 -9.44
N LEU A 113 -21.17 -21.30 -9.67
CA LEU A 113 -21.67 -22.31 -10.65
C LEU A 113 -22.66 -23.30 -10.00
N GLY A 114 -22.97 -23.15 -8.72
CA GLY A 114 -24.06 -23.92 -8.11
C GLY A 114 -23.61 -25.03 -7.18
N ALA A 115 -22.31 -25.24 -6.99
CA ALA A 115 -21.83 -26.18 -5.95
C ALA A 115 -22.31 -25.62 -4.60
N GLU A 116 -22.78 -26.47 -3.70
CA GLU A 116 -23.10 -26.07 -2.30
C GLU A 116 -21.86 -26.33 -1.47
N LEU A 117 -21.44 -25.32 -0.71
CA LEU A 117 -20.30 -25.45 0.21
C LEU A 117 -20.87 -25.41 1.63
N ARG A 118 -20.57 -26.44 2.43
CA ARG A 118 -21.04 -26.55 3.82
C ARG A 118 -19.85 -26.77 4.74
N ARG A 119 -19.56 -25.78 5.58
CA ARG A 119 -18.41 -25.78 6.50
C ARG A 119 -18.84 -26.23 7.90
N GLY A 120 -17.87 -26.60 8.75
CA GLY A 120 -18.15 -27.15 10.09
C GLY A 120 -18.94 -28.45 10.00
N GLN A 121 -18.63 -29.29 9.00
CA GLN A 121 -19.31 -30.58 8.74
C GLN A 121 -18.24 -31.66 8.66
N GLU A 122 -18.06 -32.44 9.72
CA GLU A 122 -17.05 -33.53 9.77
C GLU A 122 -17.71 -34.85 9.36
N VAL A 123 -17.15 -35.53 8.35
CA VAL A 123 -17.59 -36.89 7.94
C VAL A 123 -16.94 -37.89 8.89
N VAL A 124 -17.72 -38.87 9.40
CA VAL A 124 -17.21 -39.83 10.43
C VAL A 124 -17.37 -41.26 9.91
N SER A 125 -18.31 -41.51 9.01
CA SER A 125 -18.61 -42.87 8.48
C SER A 125 -19.20 -42.74 7.08
N ILE A 126 -18.86 -43.66 6.19
CA ILE A 126 -19.33 -43.70 4.78
C ILE A 126 -19.90 -45.10 4.52
N ASP A 127 -20.82 -45.23 3.56
CA ASP A 127 -21.44 -46.54 3.21
C ASP A 127 -21.80 -46.60 1.72
N ASP A 128 -21.07 -47.42 0.96
CA ASP A 128 -21.36 -47.78 -0.45
C ASP A 128 -22.20 -49.07 -0.45
N ASP A 129 -23.49 -49.00 -0.79
CA ASP A 129 -24.41 -50.17 -0.91
C ASP A 129 -24.36 -50.71 -2.35
N GLY A 130 -23.91 -49.90 -3.31
CA GLY A 130 -23.71 -50.27 -4.72
C GLY A 130 -24.75 -49.68 -5.66
N THR A 131 -25.68 -48.86 -5.14
CA THR A 131 -26.66 -48.04 -5.92
C THR A 131 -26.60 -46.55 -5.52
N GLY A 132 -25.79 -46.21 -4.52
CA GLY A 132 -25.69 -44.88 -3.87
C GLY A 132 -24.63 -44.92 -2.79
N VAL A 133 -24.24 -43.76 -2.25
CA VAL A 133 -23.30 -43.66 -1.10
C VAL A 133 -23.95 -42.79 -0.03
N ALA A 134 -23.76 -43.15 1.25
CA ALA A 134 -24.30 -42.42 2.40
C ALA A 134 -23.16 -42.05 3.33
N VAL A 135 -23.32 -40.91 4.00
CA VAL A 135 -22.25 -40.34 4.86
C VAL A 135 -22.90 -39.84 6.14
N VAL A 136 -22.35 -40.23 7.28
CA VAL A 136 -22.73 -39.61 8.58
C VAL A 136 -21.80 -38.40 8.77
N VAL A 137 -22.42 -37.25 9.04
CA VAL A 137 -21.75 -35.93 9.16
C VAL A 137 -22.09 -35.36 10.54
N ARG A 138 -21.06 -35.05 11.32
CA ARG A 138 -21.15 -34.32 12.60
C ARG A 138 -21.10 -32.80 12.34
N THR A 139 -22.21 -32.12 12.63
CA THR A 139 -22.37 -30.64 12.59
C THR A 139 -22.28 -30.14 14.04
N ALA A 140 -22.62 -28.87 14.28
CA ALA A 140 -22.82 -28.28 15.63
C ALA A 140 -24.25 -28.60 16.12
N ASP A 141 -25.23 -28.58 15.20
CA ASP A 141 -26.68 -28.82 15.47
C ASP A 141 -26.92 -30.27 15.92
N GLY A 142 -26.11 -31.25 15.49
CA GLY A 142 -26.19 -32.63 16.00
C GLY A 142 -25.40 -33.65 15.18
N GLU A 143 -26.11 -34.56 14.50
CA GLU A 143 -25.60 -35.47 13.45
C GLU A 143 -26.65 -35.53 12.34
N GLN A 144 -26.23 -35.81 11.11
CA GLN A 144 -27.16 -36.05 9.98
C GLN A 144 -26.59 -37.14 9.08
N THR A 145 -27.35 -37.50 8.06
CA THR A 145 -26.98 -38.49 7.03
C THR A 145 -27.28 -37.89 5.65
N LEU A 146 -26.26 -37.68 4.85
CA LEU A 146 -26.41 -37.12 3.49
C LEU A 146 -26.24 -38.29 2.52
N ARG A 147 -26.72 -38.17 1.29
CA ARG A 147 -26.68 -39.30 0.33
C ARG A 147 -26.46 -38.76 -1.07
N ALA A 148 -25.67 -39.50 -1.84
CA ALA A 148 -25.30 -39.15 -3.22
C ALA A 148 -25.12 -40.44 -4.01
N LYS A 149 -25.02 -40.32 -5.33
CA LYS A 149 -24.68 -41.46 -6.22
C LYS A 149 -23.20 -41.85 -6.07
N TYR A 150 -22.31 -40.87 -5.87
CA TYR A 150 -20.84 -41.08 -5.75
C TYR A 150 -20.28 -40.18 -4.66
N LEU A 151 -19.32 -40.71 -3.90
CA LEU A 151 -18.57 -40.00 -2.84
C LEU A 151 -17.11 -39.85 -3.27
N VAL A 152 -16.56 -38.64 -3.17
CA VAL A 152 -15.14 -38.36 -3.49
C VAL A 152 -14.45 -37.93 -2.20
N GLY A 153 -13.38 -38.63 -1.82
CA GLY A 153 -12.49 -38.22 -0.72
C GLY A 153 -11.36 -37.31 -1.24
N ALA A 154 -11.51 -36.00 -1.02
CA ALA A 154 -10.50 -34.95 -1.29
C ALA A 154 -10.12 -34.37 0.06
N ASP A 155 -9.88 -35.26 1.04
CA ASP A 155 -9.93 -34.91 2.49
C ASP A 155 -8.53 -34.96 3.11
N GLY A 156 -7.47 -34.89 2.29
CA GLY A 156 -6.10 -34.60 2.77
C GLY A 156 -5.30 -35.87 3.08
N ALA A 157 -4.09 -35.68 3.64
CA ALA A 157 -3.10 -36.74 3.89
C ALA A 157 -3.70 -37.87 4.77
N ARG A 158 -4.49 -37.51 5.79
CA ARG A 158 -5.12 -38.45 6.77
C ARG A 158 -6.56 -38.78 6.37
N SER A 159 -6.84 -38.86 5.06
CA SER A 159 -8.18 -39.04 4.44
C SER A 159 -9.04 -40.01 5.26
N THR A 160 -10.02 -39.46 5.97
CA THR A 160 -11.14 -40.21 6.61
C THR A 160 -11.66 -41.22 5.60
N VAL A 161 -11.93 -40.76 4.38
CA VAL A 161 -12.63 -41.55 3.34
C VAL A 161 -11.74 -42.72 2.92
N ARG A 162 -10.45 -42.47 2.64
CA ARG A 162 -9.45 -43.52 2.27
C ARG A 162 -9.52 -44.65 3.30
N LYS A 163 -9.38 -44.33 4.59
CA LYS A 163 -9.39 -45.30 5.72
C LYS A 163 -10.74 -46.04 5.76
N ALA A 164 -11.85 -45.31 5.97
CA ALA A 164 -13.23 -45.86 5.97
C ALA A 164 -13.43 -46.80 4.77
N ALA A 165 -12.83 -46.52 3.61
CA ALA A 165 -12.99 -47.32 2.38
C ALA A 165 -12.08 -48.54 2.40
N GLY A 166 -11.13 -48.56 3.34
CA GLY A 166 -10.16 -49.65 3.54
C GLY A 166 -9.00 -49.62 2.55
N ILE A 167 -8.81 -48.55 1.78
CA ILE A 167 -7.75 -48.49 0.73
C ILE A 167 -6.41 -48.31 1.43
N ASP A 168 -5.39 -48.95 0.89
CA ASP A 168 -4.02 -48.94 1.48
C ASP A 168 -3.27 -47.66 1.04
N PHE A 169 -2.43 -47.11 1.93
CA PHE A 169 -1.65 -45.87 1.69
C PHE A 169 -0.16 -46.20 1.78
N PRO A 170 0.37 -47.08 0.90
CA PRO A 170 1.76 -47.53 0.98
C PRO A 170 2.81 -46.53 0.50
N GLY A 171 3.94 -46.50 1.19
CA GLY A 171 5.13 -45.82 0.69
C GLY A 171 6.23 -45.79 1.73
N THR A 172 6.99 -44.70 1.72
CA THR A 172 8.21 -44.51 2.55
C THR A 172 7.83 -43.68 3.76
N ASP A 173 8.61 -43.87 4.82
CA ASP A 173 8.41 -43.23 6.14
C ASP A 173 9.21 -41.94 6.12
N PRO A 174 8.80 -40.92 6.91
CA PRO A 174 9.63 -39.74 7.11
C PRO A 174 11.07 -40.11 7.49
N THR A 175 12.08 -39.61 6.78
CA THR A 175 13.50 -39.68 7.21
C THR A 175 14.01 -38.31 7.63
N MET A 176 13.20 -37.27 7.52
CA MET A 176 13.64 -35.89 7.87
C MET A 176 12.44 -34.96 7.98
N GLU A 177 12.68 -33.78 8.56
CA GLU A 177 11.73 -32.64 8.59
C GLU A 177 12.41 -31.40 7.99
N MET A 178 11.60 -30.47 7.50
CA MET A 178 12.02 -29.05 7.36
C MET A 178 11.05 -28.21 8.15
N TRP A 179 11.54 -27.12 8.71
CA TRP A 179 10.74 -26.16 9.48
C TRP A 179 10.65 -24.86 8.66
N LEU A 180 9.50 -24.20 8.76
CA LEU A 180 9.33 -22.87 8.19
C LEU A 180 8.85 -21.94 9.31
N ALA A 181 9.35 -20.72 9.30
CA ALA A 181 8.80 -19.61 10.08
C ALA A 181 8.46 -18.48 9.11
N ASP A 182 7.26 -17.93 9.23
CA ASP A 182 6.86 -16.68 8.53
C ASP A 182 7.14 -15.51 9.48
N VAL A 183 7.91 -14.54 9.04
CA VAL A 183 8.45 -13.48 9.92
C VAL A 183 8.44 -12.14 9.16
N ALA A 184 7.85 -11.09 9.75
CA ALA A 184 7.79 -9.74 9.18
C ALA A 184 8.89 -8.89 9.79
N GLY A 185 9.46 -8.02 8.97
CA GLY A 185 10.28 -6.88 9.39
C GLY A 185 11.76 -7.23 9.35
N CYS A 186 12.16 -8.39 8.86
CA CYS A 186 13.59 -8.78 8.95
C CYS A 186 14.34 -8.34 7.69
N ASP A 187 13.61 -8.11 6.59
CA ASP A 187 14.17 -7.60 5.31
C ASP A 187 15.30 -8.54 4.88
N LEU A 188 14.98 -9.84 4.78
CA LEU A 188 15.96 -10.92 4.50
C LEU A 188 16.15 -10.98 2.99
N ARG A 189 17.37 -11.31 2.58
CA ARG A 189 17.78 -11.66 1.22
C ARG A 189 17.08 -12.96 0.82
N LEU A 190 16.33 -12.94 -0.28
CA LEU A 190 15.60 -14.13 -0.78
C LEU A 190 16.59 -15.24 -1.14
N ARG A 191 16.13 -16.47 -1.06
CA ARG A 191 16.85 -17.71 -1.48
C ARG A 191 15.76 -18.67 -1.97
N PHE A 192 15.32 -18.47 -3.20
N PHE A 192 15.27 -18.49 -3.20
CA PHE A 192 14.06 -19.02 -3.78
CA PHE A 192 13.97 -19.06 -3.67
C PHE A 192 14.14 -20.55 -3.85
C PHE A 192 14.09 -20.57 -3.90
N SER A 193 15.25 -21.07 -4.37
CA SER A 193 15.46 -22.50 -4.69
C SER A 193 16.09 -23.19 -3.48
N GLY A 194 16.34 -22.43 -2.42
CA GLY A 194 17.18 -22.90 -1.31
C GLY A 194 18.62 -22.71 -1.69
N GLU A 195 19.49 -23.08 -0.77
CA GLU A 195 20.93 -22.78 -0.83
C GLU A 195 21.66 -23.74 0.14
N LEU A 196 22.55 -24.59 -0.39
CA LEU A 196 23.35 -25.48 0.49
C LEU A 196 24.36 -24.64 1.30
N VAL A 197 24.49 -24.98 2.57
CA VAL A 197 25.42 -24.35 3.54
C VAL A 197 25.91 -25.47 4.45
N PRO A 198 27.05 -25.26 5.14
CA PRO A 198 27.63 -26.32 5.97
C PRO A 198 26.61 -26.55 7.09
N GLY A 199 26.02 -27.73 7.16
CA GLY A 199 25.02 -28.02 8.20
C GLY A 199 23.64 -28.28 7.63
N GLY A 200 23.35 -27.86 6.41
CA GLY A 200 22.12 -28.26 5.72
C GLY A 200 21.73 -27.35 4.56
N MET A 201 20.53 -26.77 4.64
CA MET A 201 19.92 -26.02 3.53
C MET A 201 18.96 -24.96 4.07
N VAL A 202 18.95 -23.79 3.45
CA VAL A 202 18.10 -22.64 3.84
C VAL A 202 17.38 -22.16 2.59
N MET A 203 16.09 -21.84 2.71
CA MET A 203 15.31 -21.09 1.71
C MET A 203 14.71 -19.87 2.39
N VAL A 204 14.64 -18.78 1.65
CA VAL A 204 13.91 -17.56 2.04
C VAL A 204 13.04 -17.18 0.84
N LEU A 205 11.72 -17.22 1.03
CA LEU A 205 10.71 -16.91 -0.01
C LEU A 205 10.00 -15.65 0.42
N PRO A 206 9.60 -14.78 -0.54
CA PRO A 206 8.85 -13.57 -0.22
C PRO A 206 7.39 -13.90 0.14
N LEU A 207 6.79 -13.10 1.01
CA LEU A 207 5.35 -13.22 1.33
C LEU A 207 4.58 -11.94 0.98
N GLY A 208 5.25 -10.91 0.50
CA GLY A 208 4.71 -9.54 0.50
C GLY A 208 5.82 -8.61 0.94
N PRO A 209 5.61 -7.29 0.85
CA PRO A 209 6.72 -6.34 0.90
C PRO A 209 7.56 -6.43 2.19
N VAL A 210 6.97 -6.87 3.31
CA VAL A 210 7.65 -6.78 4.64
C VAL A 210 7.67 -8.14 5.35
N ALA A 211 7.34 -9.25 4.70
CA ALA A 211 7.41 -10.59 5.32
C ALA A 211 8.08 -11.58 4.38
N GLN A 212 8.79 -12.54 4.97
CA GLN A 212 9.43 -13.66 4.28
C GLN A 212 9.15 -14.95 5.04
N ARG A 213 9.02 -16.02 4.28
CA ARG A 213 9.06 -17.41 4.77
C ARG A 213 10.49 -17.93 4.80
N VAL A 214 11.02 -18.30 5.98
CA VAL A 214 12.36 -18.95 6.11
C VAL A 214 12.14 -20.45 6.21
N VAL A 215 12.96 -21.22 5.51
CA VAL A 215 12.77 -22.69 5.45
C VAL A 215 14.13 -23.30 5.75
N VAL A 216 14.19 -24.24 6.69
CA VAL A 216 15.51 -24.73 7.18
C VAL A 216 15.50 -26.24 7.23
N PHE A 217 16.63 -26.79 6.86
CA PHE A 217 16.96 -28.22 7.01
C PHE A 217 18.34 -28.28 7.65
N GLU A 218 18.49 -29.18 8.60
CA GLU A 218 19.76 -29.37 9.35
C GLU A 218 20.09 -30.86 9.38
N HIS A 219 21.26 -31.24 8.86
CA HIS A 219 21.75 -32.64 8.87
C HIS A 219 21.69 -33.20 10.31
N ALA A 220 22.02 -32.41 11.34
CA ALA A 220 22.11 -32.84 12.77
C ALA A 220 20.73 -33.18 13.34
N THR A 221 19.70 -32.40 13.00
CA THR A 221 18.28 -32.73 13.20
C THR A 221 17.93 -33.90 12.29
N GLY A 222 17.33 -34.99 12.80
CA GLY A 222 16.74 -35.07 14.12
C GLY A 222 15.23 -35.08 14.04
N LEU A 223 14.62 -36.14 13.49
CA LEU A 223 13.14 -36.30 13.55
C LEU A 223 12.72 -35.98 14.98
N ARG A 224 11.86 -34.99 15.18
CA ARG A 224 11.38 -34.62 16.54
C ARG A 224 10.36 -35.63 17.05
N ASN A 225 9.79 -36.45 16.17
CA ASN A 225 8.78 -37.49 16.51
C ASN A 225 7.65 -36.84 17.32
N SER A 226 7.30 -35.60 16.97
CA SER A 226 6.17 -34.83 17.55
C SER A 226 5.09 -34.68 16.47
N THR A 227 3.90 -34.28 16.89
CA THR A 227 2.73 -33.97 16.01
C THR A 227 2.50 -32.46 15.99
N GLU A 228 3.22 -31.76 16.88
CA GLU A 228 3.17 -30.29 17.08
C GLU A 228 4.28 -29.65 16.26
N PRO A 229 4.04 -28.42 15.75
CA PRO A 229 5.07 -27.70 15.02
C PRO A 229 6.24 -27.38 15.95
N PRO A 230 7.43 -27.11 15.38
CA PRO A 230 8.53 -26.60 16.18
C PRO A 230 8.08 -25.19 16.57
N THR A 231 8.75 -24.59 17.54
CA THR A 231 8.53 -23.20 17.95
C THR A 231 9.38 -22.27 17.07
N PHE A 232 8.95 -21.03 16.99
CA PHE A 232 9.65 -19.92 16.33
C PHE A 232 11.10 -19.88 16.83
N ALA A 233 11.27 -19.96 18.15
CA ALA A 233 12.60 -19.84 18.80
C ALA A 233 13.51 -20.91 18.20
N GLU A 234 12.97 -22.11 18.06
CA GLU A 234 13.71 -23.29 17.53
C GLU A 234 14.08 -23.09 16.07
N VAL A 235 13.15 -22.51 15.30
CA VAL A 235 13.36 -22.25 13.86
C VAL A 235 14.46 -21.19 13.75
N ALA A 236 14.38 -20.14 14.58
CA ALA A 236 15.33 -19.01 14.58
C ALA A 236 16.72 -19.51 14.99
N ASP A 237 16.80 -20.41 15.97
CA ASP A 237 18.09 -21.05 16.35
C ASP A 237 18.65 -21.81 15.13
N ALA A 238 17.83 -22.61 14.46
CA ALA A 238 18.22 -23.34 13.23
C ALA A 238 18.74 -22.34 12.18
N PHE A 239 17.92 -21.35 11.83
CA PHE A 239 18.29 -20.32 10.84
C PHE A 239 19.66 -19.74 11.17
N GLU A 240 19.88 -19.44 12.46
CA GLU A 240 21.12 -18.79 12.95
C GLU A 240 22.30 -19.76 12.81
N ARG A 241 22.17 -21.04 13.20
CA ARG A 241 23.31 -21.99 13.06
C ARG A 241 23.66 -22.12 11.56
N LEU A 242 22.67 -21.96 10.69
CA LEU A 242 22.83 -22.28 9.25
C LEU A 242 23.46 -21.07 8.55
N THR A 243 23.09 -19.85 8.93
CA THR A 243 23.41 -18.61 8.16
C THR A 243 24.12 -17.57 9.04
N GLY A 244 24.00 -17.67 10.37
CA GLY A 244 24.50 -16.66 11.32
C GLY A 244 23.59 -15.45 11.43
N GLU A 245 22.46 -15.44 10.72
CA GLU A 245 21.48 -14.32 10.73
C GLU A 245 20.49 -14.49 11.90
N ASP A 246 20.09 -13.39 12.54
CA ASP A 246 19.20 -13.37 13.72
C ASP A 246 17.84 -12.83 13.27
N ILE A 247 16.79 -13.65 13.27
CA ILE A 247 15.40 -13.20 12.93
C ILE A 247 14.58 -12.93 14.19
N ARG A 248 15.18 -13.04 15.38
CA ARG A 248 14.45 -13.01 16.69
C ARG A 248 13.87 -11.61 16.93
N GLY A 249 14.45 -10.57 16.32
CA GLY A 249 13.90 -9.20 16.31
C GLY A 249 12.69 -9.03 15.38
N GLY A 250 12.29 -10.04 14.60
CA GLY A 250 11.17 -9.92 13.66
C GLY A 250 9.83 -10.17 14.32
N LYS A 251 8.74 -9.93 13.59
CA LYS A 251 7.38 -10.28 14.07
C LYS A 251 7.02 -11.68 13.54
N PRO A 252 6.91 -12.71 14.41
CA PRO A 252 6.54 -14.03 13.94
C PRO A 252 5.08 -14.02 13.48
N LEU A 253 4.77 -14.62 12.32
CA LEU A 253 3.42 -14.66 11.72
C LEU A 253 2.95 -16.10 11.66
N TRP A 254 3.87 -17.05 11.46
CA TRP A 254 3.49 -18.48 11.37
C TRP A 254 4.70 -19.37 11.59
N VAL A 255 4.48 -20.59 12.07
CA VAL A 255 5.54 -21.62 12.12
C VAL A 255 4.88 -22.90 11.68
N SER A 256 5.53 -23.66 10.81
CA SER A 256 5.01 -24.99 10.39
C SER A 256 6.18 -25.88 9.96
N TRP A 257 5.87 -27.01 9.36
CA TRP A 257 6.90 -28.02 9.03
C TRP A 257 6.27 -29.05 8.12
N PHE A 258 7.13 -29.89 7.54
CA PHE A 258 6.78 -30.95 6.58
C PHE A 258 7.95 -31.93 6.58
N THR A 259 7.74 -33.08 5.96
CA THR A 259 8.72 -34.20 5.94
C THR A 259 8.79 -34.73 4.51
N ASP A 260 9.54 -35.81 4.31
CA ASP A 260 9.63 -36.50 3.01
C ASP A 260 8.82 -37.78 3.03
N SER A 261 7.85 -37.92 3.94
CA SER A 261 6.90 -39.05 3.87
C SER A 261 6.26 -39.05 2.49
N SER A 262 6.39 -40.17 1.79
CA SER A 262 6.02 -40.27 0.37
C SER A 262 5.13 -41.50 0.18
N ARG A 263 3.81 -41.28 0.04
CA ARG A 263 2.81 -42.38 -0.02
C ARG A 263 1.82 -42.15 -1.17
N GLN A 264 1.14 -43.23 -1.57
CA GLN A 264 0.13 -43.19 -2.65
C GLN A 264 -0.98 -44.21 -2.40
N ALA A 265 -2.24 -43.83 -2.66
CA ALA A 265 -3.42 -44.72 -2.52
C ALA A 265 -3.23 -45.86 -3.49
N ALA A 266 -3.36 -47.11 -3.01
CA ALA A 266 -3.20 -48.32 -3.84
C ALA A 266 -4.34 -48.40 -4.87
N GLU A 267 -5.52 -47.86 -4.55
CA GLU A 267 -6.69 -47.71 -5.47
C GLU A 267 -7.29 -46.30 -5.36
N TYR A 268 -7.51 -45.66 -6.50
CA TYR A 268 -8.14 -44.32 -6.60
C TYR A 268 -9.67 -44.43 -6.58
N ARG A 269 -10.18 -45.65 -6.86
CA ARG A 269 -11.62 -45.99 -6.95
C ARG A 269 -11.89 -47.38 -6.35
N ARG A 270 -12.82 -47.43 -5.40
CA ARG A 270 -13.49 -48.66 -4.90
C ARG A 270 -15.00 -48.45 -5.00
N GLY A 271 -15.59 -48.94 -6.09
CA GLY A 271 -17.03 -48.88 -6.34
C GLY A 271 -17.46 -47.47 -6.73
N ARG A 272 -18.23 -46.82 -5.84
CA ARG A 272 -18.75 -45.43 -5.97
C ARG A 272 -17.99 -44.49 -5.00
N ILE A 273 -16.87 -44.96 -4.44
CA ILE A 273 -15.95 -44.14 -3.61
C ILE A 273 -14.68 -43.89 -4.42
N LEU A 274 -14.30 -42.61 -4.59
CA LEU A 274 -13.14 -42.13 -5.38
C LEU A 274 -12.22 -41.31 -4.46
N LEU A 275 -10.91 -41.30 -4.73
CA LEU A 275 -9.90 -40.46 -4.03
C LEU A 275 -9.21 -39.48 -5.00
N ALA A 276 -8.82 -38.31 -4.51
CA ALA A 276 -8.11 -37.31 -5.35
C ALA A 276 -7.30 -36.40 -4.44
N GLY A 277 -6.25 -35.82 -4.99
CA GLY A 277 -5.35 -34.91 -4.27
C GLY A 277 -4.56 -35.63 -3.20
N ASP A 278 -4.32 -34.97 -2.06
CA ASP A 278 -3.43 -35.49 -0.99
C ASP A 278 -4.03 -36.76 -0.37
N ALA A 279 -5.34 -36.99 -0.51
CA ALA A 279 -6.00 -38.24 -0.04
C ALA A 279 -5.45 -39.41 -0.87
N ALA A 280 -4.95 -39.14 -2.07
CA ALA A 280 -4.40 -40.20 -2.95
C ALA A 280 -2.86 -40.18 -3.03
N HIS A 281 -2.18 -39.18 -2.45
CA HIS A 281 -0.70 -39.04 -2.58
C HIS A 281 -0.17 -37.93 -1.67
N ILE A 282 0.88 -38.22 -0.91
CA ILE A 282 1.67 -37.18 -0.22
C ILE A 282 3.12 -37.38 -0.63
N HIS A 283 3.92 -36.33 -0.53
CA HIS A 283 5.37 -36.36 -0.88
C HIS A 283 5.97 -35.08 -0.35
N MET A 284 7.29 -34.93 -0.42
CA MET A 284 7.89 -33.66 0.03
C MET A 284 7.47 -32.59 -0.97
N PRO A 285 7.03 -31.42 -0.49
CA PRO A 285 6.65 -30.33 -1.38
C PRO A 285 7.91 -29.67 -1.94
N ILE A 286 7.97 -29.48 -3.26
CA ILE A 286 9.02 -28.65 -3.91
C ILE A 286 8.36 -27.65 -4.88
N GLY A 287 8.37 -26.37 -4.51
CA GLY A 287 7.89 -25.27 -5.38
C GLY A 287 6.48 -25.57 -5.87
N GLY A 288 6.32 -25.89 -7.15
CA GLY A 288 4.98 -26.16 -7.73
C GLY A 288 4.42 -27.51 -7.34
N GLN A 289 5.17 -28.39 -6.66
CA GLN A 289 4.83 -29.84 -6.59
C GLN A 289 4.19 -30.16 -5.25
N GLY A 290 2.96 -30.69 -5.29
CA GLY A 290 2.17 -31.06 -4.11
C GLY A 290 0.69 -30.84 -4.35
N MET A 291 0.23 -29.58 -4.26
CA MET A 291 -1.15 -29.19 -4.66
C MET A 291 -1.41 -29.46 -6.15
N SER A 292 -0.42 -29.27 -7.04
CA SER A 292 -0.62 -29.16 -8.52
C SER A 292 -1.25 -30.47 -9.05
N ALA A 293 -0.75 -31.65 -8.67
CA ALA A 293 -1.24 -32.94 -9.17
C ALA A 293 -2.65 -33.24 -8.62
N GLY A 294 -3.05 -32.66 -7.48
CA GLY A 294 -4.43 -32.68 -6.99
C GLY A 294 -5.38 -31.97 -7.94
N ILE A 295 -4.97 -30.82 -8.47
CA ILE A 295 -5.74 -30.09 -9.50
C ILE A 295 -5.80 -30.99 -10.75
N GLN A 296 -4.67 -31.53 -11.20
CA GLN A 296 -4.69 -32.46 -12.38
C GLN A 296 -5.63 -33.65 -12.06
N ASP A 297 -5.60 -34.19 -10.83
CA ASP A 297 -6.47 -35.33 -10.45
C ASP A 297 -7.93 -34.91 -10.71
N ALA A 298 -8.34 -33.78 -10.14
CA ALA A 298 -9.73 -33.25 -10.16
C ALA A 298 -10.17 -33.04 -11.60
N VAL A 299 -9.28 -32.50 -12.42
CA VAL A 299 -9.60 -32.18 -13.83
C VAL A 299 -9.69 -33.51 -14.62
N ASN A 300 -8.94 -34.54 -14.22
CA ASN A 300 -9.02 -35.87 -14.88
C ASN A 300 -10.37 -36.53 -14.53
N LEU A 301 -10.85 -36.35 -13.29
CA LEU A 301 -11.99 -37.09 -12.68
C LEU A 301 -13.36 -36.53 -13.12
N GLY A 302 -13.61 -35.25 -12.83
CA GLY A 302 -14.89 -34.54 -13.01
C GLY A 302 -15.71 -35.02 -14.19
N TRP A 303 -15.25 -34.78 -15.43
CA TRP A 303 -16.00 -35.15 -16.66
C TRP A 303 -16.24 -36.66 -16.73
N LYS A 304 -15.33 -37.48 -16.20
CA LYS A 304 -15.47 -38.95 -16.21
C LYS A 304 -16.56 -39.33 -15.21
N LEU A 305 -16.52 -38.80 -14.01
CA LEU A 305 -17.54 -39.13 -12.98
C LEU A 305 -18.93 -38.69 -13.48
N ALA A 306 -18.97 -37.62 -14.28
CA ALA A 306 -20.22 -36.98 -14.75
C ALA A 306 -20.85 -37.82 -15.85
N ALA A 307 -20.03 -38.33 -16.79
CA ALA A 307 -20.45 -39.23 -17.89
C ALA A 307 -20.92 -40.56 -17.29
N GLU A 308 -20.27 -41.03 -16.23
CA GLU A 308 -20.72 -42.21 -15.46
C GLU A 308 -22.17 -41.95 -15.04
N ILE A 309 -22.39 -40.88 -14.27
CA ILE A 309 -23.71 -40.51 -13.68
C ILE A 309 -24.73 -40.24 -14.79
N HIS A 310 -24.33 -39.72 -15.95
CA HIS A 310 -25.26 -39.34 -17.06
C HIS A 310 -25.52 -40.51 -18.00
N GLY A 311 -24.85 -41.65 -17.78
CA GLY A 311 -25.15 -42.93 -18.44
C GLY A 311 -24.58 -43.01 -19.86
N HIS A 312 -23.78 -42.03 -20.30
CA HIS A 312 -23.08 -42.13 -21.61
C HIS A 312 -21.61 -42.54 -21.42
N ALA A 313 -21.22 -42.94 -20.20
CA ALA A 313 -19.84 -43.40 -19.91
C ALA A 313 -19.54 -44.65 -20.75
N PRO A 314 -18.61 -44.59 -21.72
CA PRO A 314 -18.16 -45.79 -22.40
C PRO A 314 -17.68 -46.83 -21.38
N GLU A 315 -17.66 -48.11 -21.76
CA GLU A 315 -17.16 -49.20 -20.89
C GLU A 315 -15.68 -48.88 -20.58
N GLY A 316 -15.33 -48.72 -19.30
CA GLY A 316 -13.93 -48.52 -18.84
C GLY A 316 -13.59 -47.07 -18.48
N LEU A 317 -14.43 -46.08 -18.82
CA LEU A 317 -14.02 -44.65 -18.77
C LEU A 317 -13.63 -44.28 -17.33
N LEU A 318 -14.45 -44.56 -16.32
CA LEU A 318 -14.17 -44.08 -14.96
C LEU A 318 -13.00 -44.87 -14.35
N ASP A 319 -12.72 -46.03 -14.93
CA ASP A 319 -11.56 -46.88 -14.53
C ASP A 319 -10.29 -46.25 -15.09
N THR A 320 -10.37 -45.44 -16.16
CA THR A 320 -9.19 -44.71 -16.68
C THR A 320 -8.76 -43.61 -15.69
N TYR A 321 -9.59 -43.21 -14.73
CA TYR A 321 -9.15 -42.28 -13.67
C TYR A 321 -7.92 -42.90 -12.98
N HIS A 322 -8.02 -44.13 -12.49
CA HIS A 322 -6.89 -44.81 -11.79
C HIS A 322 -5.70 -45.04 -12.74
N THR A 323 -5.96 -45.67 -13.89
CA THR A 323 -4.87 -46.12 -14.78
C THR A 323 -4.14 -44.91 -15.36
N GLU A 324 -4.77 -43.74 -15.41
CA GLU A 324 -4.09 -42.54 -15.95
C GLU A 324 -3.37 -41.82 -14.81
N ARG A 325 -4.05 -41.57 -13.69
CA ARG A 325 -3.57 -40.65 -12.62
C ARG A 325 -2.64 -41.37 -11.65
N HIS A 326 -2.83 -42.68 -11.39
CA HIS A 326 -1.96 -43.41 -10.43
C HIS A 326 -0.52 -43.33 -10.91
N PRO A 327 -0.18 -43.75 -12.15
CA PRO A 327 1.20 -43.66 -12.59
C PRO A 327 1.76 -42.23 -12.66
N VAL A 328 0.96 -41.23 -13.03
CA VAL A 328 1.46 -39.82 -13.12
C VAL A 328 1.75 -39.26 -11.71
N ASP A 329 0.83 -39.45 -10.77
CA ASP A 329 1.03 -39.01 -9.36
C ASP A 329 2.23 -39.74 -8.72
N GLY A 330 2.42 -41.02 -9.04
CA GLY A 330 3.58 -41.83 -8.61
C GLY A 330 4.88 -41.21 -9.11
N ARG A 331 4.92 -40.70 -10.34
CA ARG A 331 6.14 -40.08 -10.91
C ARG A 331 6.47 -38.76 -10.20
N VAL A 332 5.47 -38.00 -9.80
CA VAL A 332 5.66 -36.79 -8.95
C VAL A 332 6.29 -37.27 -7.64
N VAL A 333 5.70 -38.30 -7.01
CA VAL A 333 6.25 -38.87 -5.74
C VAL A 333 7.72 -39.25 -5.94
N MET A 334 8.05 -39.95 -7.02
CA MET A 334 9.43 -40.45 -7.30
C MET A 334 10.38 -39.26 -7.51
N ASN A 335 10.02 -38.32 -8.39
CA ASN A 335 10.92 -37.18 -8.75
C ASN A 335 11.17 -36.36 -7.47
N THR A 336 10.18 -36.19 -6.59
CA THR A 336 10.37 -35.36 -5.37
C THR A 336 11.33 -36.11 -4.46
N LEU A 337 11.25 -37.43 -4.41
CA LEU A 337 12.14 -38.23 -3.54
C LEU A 337 13.56 -38.13 -4.07
N ALA A 338 13.75 -38.27 -5.39
CA ALA A 338 15.07 -38.17 -6.03
C ALA A 338 15.66 -36.78 -5.72
N GLN A 339 14.87 -35.73 -5.88
CA GLN A 339 15.38 -34.35 -5.62
C GLN A 339 15.73 -34.22 -4.14
N ARG A 340 14.87 -34.74 -3.25
CA ARG A 340 15.09 -34.69 -1.78
C ARG A 340 16.48 -35.26 -1.45
N TRP A 341 16.87 -36.39 -2.05
CA TRP A 341 18.19 -37.02 -1.77
C TRP A 341 19.30 -36.23 -2.48
N LEU A 342 19.09 -35.88 -3.75
CA LEU A 342 20.10 -35.10 -4.50
C LEU A 342 20.45 -33.85 -3.70
N TYR A 343 19.43 -33.15 -3.22
CA TYR A 343 19.58 -31.79 -2.66
C TYR A 343 19.95 -31.87 -1.19
N LEU A 344 19.33 -32.76 -0.42
CA LEU A 344 19.43 -32.72 1.07
C LEU A 344 20.33 -33.84 1.61
N GLY A 345 21.04 -34.58 0.74
CA GLY A 345 21.77 -35.78 1.15
C GLY A 345 23.19 -35.46 1.56
N GLY A 346 23.52 -34.18 1.74
CA GLY A 346 24.86 -33.75 2.18
C GLY A 346 25.95 -34.13 1.18
N GLU A 347 27.16 -34.34 1.69
CA GLU A 347 28.38 -34.50 0.86
C GLU A 347 28.33 -35.87 0.19
N ALA A 348 27.69 -36.84 0.81
CA ALA A 348 27.50 -38.21 0.28
C ALA A 348 26.93 -38.14 -1.15
N MET A 349 26.03 -37.20 -1.38
CA MET A 349 25.22 -37.07 -2.61
C MET A 349 25.81 -35.99 -3.54
N GLN A 350 26.86 -35.28 -3.12
CA GLN A 350 27.52 -34.26 -3.99
C GLN A 350 27.89 -34.88 -5.33
N PRO A 351 28.48 -36.09 -5.37
CA PRO A 351 28.87 -36.69 -6.65
C PRO A 351 27.65 -36.84 -7.55
N LEU A 352 26.51 -37.27 -7.04
CA LEU A 352 25.29 -37.45 -7.88
C LEU A 352 24.75 -36.08 -8.36
N ARG A 353 24.92 -35.01 -7.55
CA ARG A 353 24.56 -33.62 -7.94
C ARG A 353 25.49 -33.14 -9.07
N GLU A 354 26.78 -33.42 -8.94
CA GLU A 354 27.77 -32.99 -9.96
C GLU A 354 27.52 -33.77 -11.24
N LEU A 355 27.17 -35.05 -11.13
CA LEU A 355 26.82 -35.89 -12.30
C LEU A 355 25.56 -35.30 -12.97
N LEU A 356 24.53 -35.02 -12.22
CA LEU A 356 23.28 -34.49 -12.82
C LEU A 356 23.60 -33.12 -13.41
N GLY A 357 24.42 -32.33 -12.73
CA GLY A 357 24.83 -31.00 -13.22
C GLY A 357 25.46 -31.08 -14.61
N GLU A 358 26.21 -32.14 -14.87
CA GLU A 358 26.87 -32.37 -16.18
C GLU A 358 25.80 -32.71 -17.22
N LEU A 359 24.90 -33.63 -16.86
CA LEU A 359 23.87 -34.18 -17.78
C LEU A 359 22.88 -33.10 -18.21
N VAL A 360 22.68 -32.03 -17.46
CA VAL A 360 21.67 -30.99 -17.83
C VAL A 360 22.26 -30.08 -18.90
N ARG A 361 23.50 -30.32 -19.34
CA ARG A 361 24.06 -29.66 -20.55
C ARG A 361 23.29 -30.12 -21.78
N TYR A 362 22.69 -31.33 -21.77
CA TYR A 362 21.98 -31.91 -22.95
C TYR A 362 20.54 -31.40 -22.96
N PRO A 363 20.08 -30.73 -24.05
CA PRO A 363 18.67 -30.32 -24.19
C PRO A 363 17.61 -31.35 -23.78
N ASP A 364 17.72 -32.57 -24.28
CA ASP A 364 16.71 -33.63 -24.04
C ASP A 364 16.66 -33.94 -22.53
N VAL A 365 17.75 -33.76 -21.79
CA VAL A 365 17.74 -33.90 -20.30
C VAL A 365 17.02 -32.70 -19.69
N GLN A 366 17.31 -31.48 -20.11
CA GLN A 366 16.64 -30.31 -19.48
C GLN A 366 15.13 -30.47 -19.72
N GLU A 367 14.75 -30.83 -20.94
CA GLU A 367 13.33 -30.98 -21.36
C GLU A 367 12.66 -32.08 -20.52
N HIS A 368 13.37 -33.14 -20.19
CA HIS A 368 12.80 -34.29 -19.44
C HIS A 368 12.51 -33.86 -18.00
N LEU A 369 13.44 -33.17 -17.36
CA LEU A 369 13.34 -32.76 -15.93
C LEU A 369 12.28 -31.67 -15.82
N VAL A 370 12.28 -30.71 -16.74
CA VAL A 370 11.27 -29.62 -16.77
C VAL A 370 9.89 -30.26 -17.01
N GLY A 371 9.83 -31.23 -17.92
CA GLY A 371 8.58 -31.91 -18.27
C GLY A 371 7.97 -32.55 -17.04
N MET A 372 8.80 -33.27 -16.27
CA MET A 372 8.34 -34.00 -15.07
C MET A 372 7.69 -33.02 -14.11
N VAL A 373 8.39 -31.92 -13.83
CA VAL A 373 8.07 -30.99 -12.71
C VAL A 373 6.89 -30.10 -13.10
N THR A 374 6.84 -29.62 -14.33
CA THR A 374 5.81 -28.66 -14.80
C THR A 374 4.45 -29.36 -14.98
N GLY A 375 4.45 -30.66 -15.31
CA GLY A 375 3.29 -31.48 -15.66
C GLY A 375 2.97 -31.43 -17.15
N LEU A 376 3.87 -30.83 -17.94
CA LEU A 376 3.68 -30.65 -19.40
C LEU A 376 4.14 -31.90 -20.18
N ASP A 377 4.73 -32.91 -19.53
CA ASP A 377 5.13 -34.15 -20.24
C ASP A 377 4.04 -35.23 -20.19
N ILE A 378 2.90 -34.98 -19.56
CA ILE A 378 1.90 -36.03 -19.32
C ILE A 378 1.40 -36.54 -20.68
N ARG A 379 1.44 -37.86 -20.88
CA ARG A 379 0.94 -38.56 -22.11
C ARG A 379 0.06 -39.75 -21.68
N TYR A 380 -1.24 -39.68 -21.92
CA TYR A 380 -2.19 -40.76 -21.55
C TYR A 380 -2.35 -41.72 -22.73
N ASP A 381 -2.68 -42.98 -22.44
CA ASP A 381 -2.90 -44.02 -23.49
C ASP A 381 -4.26 -43.75 -24.15
N VAL A 382 -4.25 -43.32 -25.41
CA VAL A 382 -5.51 -43.04 -26.17
C VAL A 382 -5.58 -43.99 -27.38
N GLY A 383 -4.94 -45.16 -27.23
CA GLY A 383 -4.85 -46.23 -28.25
C GLY A 383 -3.70 -45.97 -29.19
N ALA A 384 -3.77 -46.55 -30.39
CA ALA A 384 -2.68 -46.56 -31.39
C ALA A 384 -2.55 -45.17 -32.02
N GLY A 385 -1.41 -44.92 -32.66
CA GLY A 385 -1.06 -43.66 -33.32
C GLY A 385 0.23 -43.11 -32.74
N GLU A 386 1.02 -42.42 -33.58
CA GLU A 386 2.38 -41.96 -33.23
C GLU A 386 2.53 -40.46 -33.46
N HIS A 387 1.45 -39.73 -33.77
CA HIS A 387 1.50 -38.25 -33.81
C HIS A 387 2.00 -37.74 -32.46
N PRO A 388 3.04 -36.88 -32.44
CA PRO A 388 3.62 -36.44 -31.17
C PRO A 388 2.57 -35.85 -30.23
N LEU A 389 1.48 -35.29 -30.77
CA LEU A 389 0.43 -34.55 -30.02
C LEU A 389 -0.51 -35.53 -29.34
N LEU A 390 -0.65 -36.73 -29.90
CA LEU A 390 -1.63 -37.75 -29.44
C LEU A 390 -1.41 -38.08 -27.95
N GLY A 391 -2.45 -37.93 -27.13
CA GLY A 391 -2.44 -38.27 -25.70
C GLY A 391 -1.82 -37.17 -24.83
N ARG A 392 -1.45 -36.03 -25.42
CA ARG A 392 -0.78 -34.92 -24.68
C ARG A 392 -1.75 -33.75 -24.49
N ARG A 393 -1.39 -32.82 -23.58
CA ARG A 393 -2.07 -31.52 -23.41
C ARG A 393 -2.22 -30.91 -24.80
N ILE A 394 -3.39 -30.36 -25.13
CA ILE A 394 -3.51 -29.43 -26.29
C ILE A 394 -2.90 -28.11 -25.84
N PRO A 395 -1.91 -27.55 -26.58
CA PRO A 395 -1.33 -26.27 -26.22
C PRO A 395 -2.30 -25.12 -26.49
N ASN A 396 -2.03 -23.95 -25.89
CA ASN A 396 -2.85 -22.73 -26.02
C ASN A 396 -2.37 -21.99 -27.28
N GLN A 397 -3.22 -21.84 -28.29
CA GLN A 397 -2.85 -21.19 -29.56
C GLN A 397 -3.95 -20.22 -29.97
N GLU A 398 -3.54 -19.08 -30.54
CA GLU A 398 -4.45 -18.07 -31.15
C GLU A 398 -5.21 -18.82 -32.25
N LEU A 399 -6.53 -18.68 -32.27
CA LEU A 399 -7.40 -19.28 -33.34
C LEU A 399 -8.11 -18.15 -34.09
N VAL A 400 -7.86 -18.04 -35.40
CA VAL A 400 -8.57 -17.11 -36.34
C VAL A 400 -9.82 -17.83 -36.82
N GLY A 401 -10.99 -17.43 -36.32
CA GLY A 401 -12.28 -18.03 -36.68
C GLY A 401 -13.37 -16.98 -36.62
N GLU A 402 -14.63 -17.41 -36.72
CA GLU A 402 -15.78 -16.48 -36.64
C GLU A 402 -15.81 -15.89 -35.23
N PHE A 403 -16.34 -16.59 -34.21
CA PHE A 403 -16.43 -16.06 -32.83
C PHE A 403 -17.11 -14.67 -32.86
N SER A 406 -15.82 -11.24 -31.66
CA SER A 406 -14.42 -11.11 -32.15
C SER A 406 -14.23 -11.97 -33.41
N GLY A 407 -13.08 -11.83 -34.09
CA GLY A 407 -12.63 -12.74 -35.17
C GLY A 407 -11.40 -13.54 -34.76
N LYS A 408 -10.96 -13.37 -33.50
CA LYS A 408 -9.80 -14.06 -32.89
C LYS A 408 -10.22 -14.66 -31.54
N SER A 409 -9.80 -15.89 -31.28
CA SER A 409 -9.94 -16.60 -29.99
C SER A 409 -8.67 -17.42 -29.73
N THR A 410 -8.74 -18.27 -28.73
CA THR A 410 -7.68 -19.25 -28.42
C THR A 410 -8.33 -20.60 -28.16
N THR A 411 -7.50 -21.62 -28.27
CA THR A 411 -7.81 -23.03 -28.02
C THR A 411 -8.26 -23.20 -26.54
N PHE A 412 -7.56 -22.57 -25.59
CA PHE A 412 -7.90 -22.58 -24.15
C PHE A 412 -9.23 -21.85 -23.91
N GLU A 413 -9.51 -20.75 -24.63
CA GLU A 413 -10.81 -20.05 -24.46
C GLU A 413 -11.97 -21.01 -24.76
N GLN A 414 -11.77 -21.92 -25.72
CA GLN A 414 -12.80 -22.87 -26.21
C GLN A 414 -12.99 -24.04 -25.24
N LEU A 415 -12.30 -24.12 -24.10
CA LEU A 415 -12.46 -25.22 -23.11
C LEU A 415 -13.13 -24.67 -21.85
N HIS A 416 -13.50 -23.39 -21.83
CA HIS A 416 -14.20 -22.79 -20.66
C HIS A 416 -15.45 -23.62 -20.33
N ARG A 417 -16.21 -24.07 -21.33
CA ARG A 417 -17.48 -24.82 -21.13
C ARG A 417 -17.22 -26.18 -20.45
N GLY A 418 -15.98 -26.68 -20.51
CA GLY A 418 -15.60 -27.97 -19.91
C GLY A 418 -16.19 -29.12 -20.71
N ARG A 419 -16.45 -28.90 -22.00
CA ARG A 419 -16.94 -29.94 -22.93
C ARG A 419 -15.76 -30.52 -23.73
N GLY A 420 -15.93 -31.68 -24.32
CA GLY A 420 -15.11 -32.13 -25.44
C GLY A 420 -15.14 -31.08 -26.55
N VAL A 421 -14.12 -31.09 -27.41
CA VAL A 421 -13.97 -30.10 -28.49
C VAL A 421 -13.26 -30.78 -29.67
N LEU A 422 -13.86 -30.69 -30.85
CA LEU A 422 -13.23 -31.05 -32.14
C LEU A 422 -12.88 -29.76 -32.84
N PHE A 423 -11.60 -29.41 -32.80
CA PHE A 423 -11.06 -28.25 -33.55
C PHE A 423 -10.93 -28.71 -34.99
N ALA A 424 -11.65 -28.05 -35.91
CA ALA A 424 -11.53 -28.28 -37.37
C ALA A 424 -10.77 -27.10 -37.96
N PHE A 425 -9.60 -27.36 -38.55
CA PHE A 425 -8.61 -26.33 -38.97
C PHE A 425 -8.82 -25.94 -40.44
N ASP A 428 -12.78 -28.79 -44.94
CA ASP A 428 -13.07 -30.25 -44.92
C ASP A 428 -14.14 -30.51 -43.85
N THR A 429 -15.25 -31.13 -44.24
CA THR A 429 -16.47 -31.28 -43.38
C THR A 429 -16.51 -32.65 -42.70
N ALA A 430 -15.64 -33.59 -43.10
CA ALA A 430 -15.77 -35.01 -42.74
C ALA A 430 -15.86 -35.19 -41.22
N GLY A 431 -14.91 -34.61 -40.47
CA GLY A 431 -14.83 -34.63 -39.00
C GLY A 431 -16.03 -33.94 -38.36
N PRO A 432 -16.29 -32.65 -38.70
CA PRO A 432 -17.48 -31.97 -38.22
C PRO A 432 -18.77 -32.76 -38.50
N GLN A 433 -18.84 -33.50 -39.62
CA GLN A 433 -20.02 -34.30 -40.02
C GLN A 433 -20.15 -35.54 -39.12
N ALA A 434 -19.08 -36.28 -38.82
CA ALA A 434 -19.16 -37.51 -37.98
C ALA A 434 -19.45 -37.13 -36.53
N ALA A 435 -19.12 -35.90 -36.13
CA ALA A 435 -19.23 -35.40 -34.74
C ALA A 435 -20.69 -35.13 -34.37
N THR A 436 -21.58 -34.99 -35.37
CA THR A 436 -23.02 -34.61 -35.20
C THR A 436 -23.71 -35.58 -34.22
N GLY A 437 -23.31 -36.85 -34.20
CA GLY A 437 -23.74 -37.81 -33.16
C GLY A 437 -23.44 -37.35 -31.74
N TRP A 438 -22.56 -36.38 -31.54
CA TRP A 438 -21.95 -36.09 -30.21
C TRP A 438 -22.02 -34.60 -29.85
N THR A 439 -22.88 -33.83 -30.51
CA THR A 439 -23.06 -32.37 -30.25
C THR A 439 -23.35 -32.15 -28.77
N ASP A 440 -24.10 -33.05 -28.14
CA ASP A 440 -24.52 -32.92 -26.72
C ASP A 440 -23.31 -33.00 -25.79
N ARG A 441 -22.18 -33.56 -26.25
CA ARG A 441 -20.99 -33.84 -25.42
C ARG A 441 -19.72 -33.18 -26.02
N VAL A 442 -19.68 -33.00 -27.34
CA VAL A 442 -18.52 -32.42 -28.08
C VAL A 442 -18.96 -31.18 -28.84
N ASP A 443 -18.23 -30.08 -28.66
CA ASP A 443 -18.45 -28.83 -29.42
C ASP A 443 -17.54 -28.90 -30.65
N VAL A 444 -18.03 -28.42 -31.78
CA VAL A 444 -17.22 -28.29 -33.01
C VAL A 444 -16.78 -26.83 -33.06
N VAL A 445 -15.49 -26.60 -33.25
CA VAL A 445 -14.94 -25.22 -33.39
C VAL A 445 -14.21 -25.18 -34.74
N ARG A 446 -14.70 -24.36 -35.66
CA ARG A 446 -14.10 -24.17 -37.01
C ARG A 446 -13.27 -22.89 -36.93
N ALA A 447 -11.95 -23.03 -37.02
CA ALA A 447 -10.98 -21.93 -36.86
C ALA A 447 -9.60 -22.43 -37.26
N THR A 448 -8.75 -21.52 -37.74
CA THR A 448 -7.39 -21.82 -38.23
C THR A 448 -6.37 -21.37 -37.17
N PRO A 449 -5.49 -22.28 -36.70
CA PRO A 449 -4.42 -21.91 -35.76
C PRO A 449 -3.43 -20.88 -36.33
N ASP A 456 5.35 -25.28 -35.12
CA ASP A 456 3.91 -25.37 -34.76
C ASP A 456 3.56 -26.81 -34.40
N PRO A 457 2.96 -27.08 -33.22
CA PRO A 457 2.50 -28.44 -32.90
C PRO A 457 1.30 -28.96 -33.72
N PHE A 458 0.56 -28.07 -34.38
CA PHE A 458 -0.58 -28.41 -35.28
C PHE A 458 -0.16 -28.39 -36.76
N HIS A 459 1.15 -28.41 -37.07
CA HIS A 459 1.72 -28.15 -38.43
C HIS A 459 0.94 -28.89 -39.54
N GLY A 460 1.16 -30.18 -39.75
CA GLY A 460 0.58 -30.90 -40.89
C GLY A 460 -0.81 -31.46 -40.59
N LEU A 461 -1.60 -30.77 -39.76
CA LEU A 461 -2.86 -31.31 -39.19
C LEU A 461 -4.06 -30.57 -39.77
N ASP A 462 -5.18 -31.30 -39.86
CA ASP A 462 -6.49 -30.81 -40.34
C ASP A 462 -7.44 -30.72 -39.16
N ALA A 463 -7.37 -31.64 -38.20
CA ALA A 463 -8.26 -31.62 -37.02
C ALA A 463 -7.58 -32.23 -35.80
N VAL A 464 -8.08 -31.84 -34.63
CA VAL A 464 -7.69 -32.37 -33.28
C VAL A 464 -8.97 -32.56 -32.47
N LEU A 465 -9.16 -33.76 -31.94
CA LEU A 465 -10.23 -34.01 -30.94
C LEU A 465 -9.58 -34.02 -29.56
N VAL A 466 -10.21 -33.27 -28.66
CA VAL A 466 -9.73 -33.10 -27.27
C VAL A 466 -10.81 -33.61 -26.32
N ARG A 467 -10.42 -34.42 -25.34
CA ARG A 467 -11.30 -34.77 -24.20
C ARG A 467 -11.58 -33.46 -23.45
N PRO A 468 -12.58 -33.39 -22.54
CA PRO A 468 -12.84 -32.16 -21.78
C PRO A 468 -11.72 -31.68 -20.84
N ASP A 469 -10.74 -32.53 -20.52
CA ASP A 469 -9.58 -32.16 -19.66
C ASP A 469 -8.48 -31.51 -20.51
N GLY A 470 -8.64 -31.43 -21.84
CA GLY A 470 -7.66 -30.76 -22.72
C GLY A 470 -6.80 -31.75 -23.52
N TYR A 471 -6.74 -33.01 -23.08
CA TYR A 471 -5.83 -34.04 -23.64
C TYR A 471 -6.37 -34.58 -24.97
N VAL A 472 -5.52 -34.53 -26.00
CA VAL A 472 -5.81 -34.96 -27.39
C VAL A 472 -6.12 -36.47 -27.45
N ALA A 473 -7.35 -36.80 -27.89
CA ALA A 473 -7.87 -38.18 -28.06
C ALA A 473 -7.62 -38.68 -29.48
N TRP A 474 -7.41 -37.77 -30.43
CA TRP A 474 -7.41 -38.12 -31.87
C TRP A 474 -6.92 -36.90 -32.64
N VAL A 475 -6.10 -37.11 -33.66
CA VAL A 475 -5.78 -36.06 -34.69
C VAL A 475 -6.24 -36.59 -36.06
N ALA A 476 -6.28 -35.68 -37.02
CA ALA A 476 -6.43 -35.97 -38.46
C ALA A 476 -5.24 -35.34 -39.18
N PRO A 477 -4.26 -36.14 -39.65
CA PRO A 477 -3.24 -35.60 -40.55
C PRO A 477 -3.92 -34.91 -41.75
N ALA A 478 -3.21 -33.98 -42.41
CA ALA A 478 -3.70 -33.21 -43.57
C ALA A 478 -4.07 -34.19 -44.69
N GLY A 479 -5.36 -34.25 -45.06
CA GLY A 479 -5.89 -35.19 -46.06
C GLY A 479 -6.97 -36.09 -45.49
N ALA A 480 -6.67 -36.82 -44.41
CA ALA A 480 -7.63 -37.70 -43.70
C ALA A 480 -8.87 -36.88 -43.34
N GLY A 481 -10.01 -37.51 -43.22
CA GLY A 481 -11.25 -36.81 -42.86
C GLY A 481 -11.57 -37.11 -41.41
N ALA A 482 -12.45 -38.07 -41.21
CA ALA A 482 -12.89 -38.59 -39.91
C ALA A 482 -12.39 -40.03 -39.79
N ALA A 483 -11.31 -40.34 -40.51
CA ALA A 483 -10.69 -41.69 -40.63
C ALA A 483 -10.83 -42.44 -39.31
N GLY A 484 -10.41 -41.87 -38.18
CA GLY A 484 -10.46 -42.60 -36.89
C GLY A 484 -11.49 -42.05 -35.93
N LEU A 485 -12.24 -41.02 -36.34
CA LEU A 485 -12.95 -40.11 -35.38
C LEU A 485 -14.06 -40.86 -34.63
N ASP A 486 -14.86 -41.67 -35.33
CA ASP A 486 -16.01 -42.39 -34.74
C ASP A 486 -15.53 -43.26 -33.57
N GLU A 487 -14.44 -44.01 -33.79
CA GLU A 487 -13.83 -44.89 -32.75
C GLU A 487 -13.40 -44.02 -31.57
N ALA A 488 -12.68 -42.93 -31.85
CA ALA A 488 -12.19 -41.95 -30.85
C ALA A 488 -13.37 -41.40 -30.05
N LEU A 489 -14.34 -40.75 -30.71
CA LEU A 489 -15.57 -40.21 -30.08
C LEU A 489 -16.20 -41.27 -29.15
N SER A 490 -16.32 -42.50 -29.63
CA SER A 490 -17.05 -43.57 -28.91
C SER A 490 -16.26 -44.06 -27.68
N ARG A 491 -14.93 -44.02 -27.75
CA ARG A 491 -14.06 -44.48 -26.64
C ARG A 491 -14.19 -43.54 -25.43
N TRP A 492 -14.20 -42.22 -25.65
CA TRP A 492 -14.05 -41.22 -24.57
C TRP A 492 -15.38 -40.57 -24.19
N PHE A 493 -16.34 -40.49 -25.12
CA PHE A 493 -17.62 -39.75 -24.92
C PHE A 493 -18.84 -40.69 -24.91
N GLY A 494 -18.71 -41.91 -25.47
CA GLY A 494 -19.77 -42.93 -25.43
C GLY A 494 -20.56 -43.02 -26.74
N PRO A 495 -21.74 -43.66 -26.73
CA PRO A 495 -22.51 -43.92 -27.96
C PRO A 495 -23.05 -42.64 -28.63
N SER A 496 -22.99 -42.56 -29.96
CA SER A 496 -23.72 -41.57 -30.80
C SER A 496 -25.22 -41.55 -30.44
N ARG A 497 -25.89 -40.40 -30.62
CA ARG A 497 -27.33 -40.19 -30.30
C ARG A 497 -28.16 -40.15 -31.59
N ASN B 2 2.27 12.17 1.54
CA ASN B 2 1.78 10.87 2.13
C ASN B 2 1.39 9.88 1.02
N THR B 3 1.96 8.68 1.05
CA THR B 3 1.64 7.55 0.15
C THR B 3 0.25 7.00 0.50
N ILE B 4 -0.55 6.68 -0.52
CA ILE B 4 -1.89 6.07 -0.31
C ILE B 4 -1.85 4.62 -0.80
N ASP B 5 -2.52 3.71 -0.10
CA ASP B 5 -2.58 2.27 -0.45
C ASP B 5 -3.39 2.09 -1.76
N ALA B 6 -4.44 2.89 -1.97
CA ALA B 6 -5.23 2.90 -3.22
C ALA B 6 -6.06 4.17 -3.30
N GLU B 7 -6.57 4.49 -4.48
CA GLU B 7 -7.42 5.70 -4.71
C GLU B 7 -8.71 5.57 -3.88
N VAL B 8 -9.29 4.37 -3.85
CA VAL B 8 -10.54 4.07 -3.08
C VAL B 8 -10.32 2.80 -2.26
N ILE B 9 -10.70 2.86 -0.98
CA ILE B 9 -10.93 1.72 -0.08
C ILE B 9 -12.44 1.55 0.10
N ILE B 10 -13.01 0.43 -0.31
CA ILE B 10 -14.41 0.01 -0.03
C ILE B 10 -14.43 -0.82 1.26
N VAL B 11 -15.19 -0.42 2.28
CA VAL B 11 -15.43 -1.30 3.47
C VAL B 11 -16.67 -2.13 3.15
N GLY B 12 -16.50 -3.43 2.93
CA GLY B 12 -17.61 -4.39 2.69
C GLY B 12 -17.48 -5.05 1.33
N ALA B 13 -17.38 -6.38 1.31
CA ALA B 13 -17.35 -7.22 0.08
C ALA B 13 -18.68 -7.97 -0.10
N GLY B 14 -19.79 -7.33 0.29
CA GLY B 14 -21.14 -7.73 -0.10
C GLY B 14 -21.37 -7.37 -1.57
N PRO B 15 -22.57 -7.65 -2.11
CA PRO B 15 -22.87 -7.36 -3.50
C PRO B 15 -22.66 -5.88 -3.83
N THR B 16 -22.93 -4.97 -2.89
CA THR B 16 -22.80 -3.51 -3.13
C THR B 16 -21.31 -3.16 -3.31
N GLY B 17 -20.47 -3.54 -2.35
CA GLY B 17 -19.01 -3.35 -2.38
C GLY B 17 -18.42 -3.88 -3.68
N LEU B 18 -18.80 -5.08 -4.07
CA LEU B 18 -18.14 -5.80 -5.19
C LEU B 18 -18.60 -5.20 -6.51
N MET B 19 -19.86 -4.81 -6.61
CA MET B 19 -20.37 -4.12 -7.83
C MET B 19 -19.62 -2.78 -7.97
N LEU B 20 -19.46 -2.05 -6.87
CA LEU B 20 -18.73 -0.77 -6.87
C LEU B 20 -17.27 -0.98 -7.30
N ALA B 21 -16.59 -1.99 -6.75
CA ALA B 21 -15.20 -2.34 -7.11
C ALA B 21 -15.10 -2.62 -8.61
N GLY B 22 -16.08 -3.35 -9.15
CA GLY B 22 -16.10 -3.60 -10.60
C GLY B 22 -16.17 -2.29 -11.38
N GLU B 23 -17.07 -1.39 -10.99
CA GLU B 23 -17.32 -0.13 -11.72
C GLU B 23 -16.06 0.74 -11.63
N LEU B 24 -15.46 0.81 -10.44
CA LEU B 24 -14.24 1.64 -10.25
C LEU B 24 -13.12 1.13 -11.16
N ARG B 25 -12.93 -0.18 -11.24
CA ARG B 25 -11.88 -0.78 -12.09
C ARG B 25 -12.19 -0.47 -13.55
N LEU B 26 -13.45 -0.53 -13.97
CA LEU B 26 -13.84 -0.13 -15.35
C LEU B 26 -13.39 1.33 -15.59
N ASN B 27 -13.30 2.14 -14.56
CA ASN B 27 -12.83 3.54 -14.67
C ASN B 27 -11.37 3.64 -14.24
N ASN B 28 -10.66 2.53 -14.14
CA ASN B 28 -9.19 2.51 -13.88
C ASN B 28 -8.90 3.23 -12.56
N VAL B 29 -9.77 3.08 -11.57
CA VAL B 29 -9.47 3.56 -10.19
C VAL B 29 -8.90 2.40 -9.35
N SER B 30 -7.72 2.62 -8.79
CA SER B 30 -7.11 1.63 -7.89
C SER B 30 -8.03 1.48 -6.67
N THR B 31 -8.40 0.25 -6.36
CA THR B 31 -9.47 -0.12 -5.41
C THR B 31 -9.00 -1.29 -4.56
N ILE B 32 -8.98 -1.08 -3.25
CA ILE B 32 -8.90 -2.11 -2.18
C ILE B 32 -10.31 -2.28 -1.62
N VAL B 33 -10.78 -3.53 -1.54
CA VAL B 33 -12.03 -3.93 -0.85
C VAL B 33 -11.64 -4.73 0.40
N LEU B 34 -12.11 -4.29 1.56
CA LEU B 34 -11.88 -4.95 2.85
C LEU B 34 -13.18 -5.62 3.33
N ASP B 35 -13.07 -6.85 3.82
CA ASP B 35 -14.18 -7.52 4.55
C ASP B 35 -13.63 -8.24 5.78
N ARG B 36 -14.33 -8.11 6.91
CA ARG B 36 -13.92 -8.75 8.19
C ARG B 36 -14.12 -10.27 8.07
N LEU B 37 -14.94 -10.73 7.12
CA LEU B 37 -15.28 -12.18 6.99
C LEU B 37 -14.14 -12.85 6.23
N ALA B 38 -13.74 -14.06 6.67
CA ALA B 38 -12.63 -14.86 6.10
C ALA B 38 -13.03 -15.45 4.76
N GLU B 39 -14.34 -15.56 4.50
CA GLU B 39 -14.91 -16.02 3.21
C GLU B 39 -16.30 -15.41 3.02
N PRO B 40 -16.85 -15.46 1.78
CA PRO B 40 -18.21 -14.95 1.54
C PRO B 40 -19.17 -15.75 2.42
N MET B 41 -20.21 -15.10 2.93
CA MET B 41 -21.31 -15.74 3.71
C MET B 41 -21.81 -16.94 2.90
N GLN B 42 -21.85 -18.13 3.50
CA GLN B 42 -22.24 -19.40 2.80
C GLN B 42 -23.73 -19.35 2.47
N GLN B 43 -24.51 -18.83 3.42
CA GLN B 43 -25.99 -18.81 3.34
C GLN B 43 -26.46 -17.55 2.59
N SER B 44 -27.46 -17.75 1.73
CA SER B 44 -28.02 -16.74 0.81
C SER B 44 -29.27 -16.08 1.42
N ARG B 45 -29.15 -14.82 1.83
CA ARG B 45 -30.28 -13.97 2.31
C ARG B 45 -31.26 -13.77 1.15
N ALA B 46 -30.88 -13.02 0.11
CA ALA B 46 -31.73 -12.82 -1.10
C ALA B 46 -31.70 -14.08 -1.97
N LEU B 47 -32.80 -14.36 -2.68
CA LEU B 47 -32.87 -15.50 -3.64
C LEU B 47 -33.08 -14.96 -5.06
N GLY B 48 -32.89 -13.66 -5.26
CA GLY B 48 -32.98 -13.06 -6.60
C GLY B 48 -32.57 -11.62 -6.56
N PHE B 49 -32.98 -10.86 -7.57
CA PHE B 49 -32.83 -9.39 -7.64
C PHE B 49 -33.77 -8.84 -8.72
N SER B 50 -33.86 -7.52 -8.80
CA SER B 50 -34.91 -6.76 -9.52
C SER B 50 -34.65 -6.75 -11.02
N ALA B 51 -35.69 -6.44 -11.80
CA ALA B 51 -35.63 -6.33 -13.26
C ALA B 51 -34.52 -5.34 -13.63
N ARG B 52 -34.41 -4.21 -12.93
CA ARG B 52 -33.35 -3.20 -13.25
C ARG B 52 -31.97 -3.76 -12.86
N THR B 53 -31.87 -4.57 -11.81
CA THR B 53 -30.57 -5.16 -11.38
C THR B 53 -30.09 -6.16 -12.42
N ILE B 54 -31.00 -6.96 -12.98
CA ILE B 54 -30.74 -7.85 -14.15
C ILE B 54 -30.06 -6.99 -15.24
N GLU B 55 -30.79 -5.96 -15.70
CA GLU B 55 -30.32 -5.04 -16.77
C GLU B 55 -28.92 -4.49 -16.45
N GLU B 56 -28.64 -4.13 -15.20
CA GLU B 56 -27.35 -3.46 -14.86
C GLU B 56 -26.23 -4.49 -14.83
N PHE B 57 -26.51 -5.74 -14.45
CA PHE B 57 -25.60 -6.88 -14.69
C PHE B 57 -25.41 -7.09 -16.21
N ASP B 58 -26.49 -7.11 -16.98
CA ASP B 58 -26.45 -7.37 -18.45
C ASP B 58 -25.74 -6.20 -19.15
N GLN B 59 -25.84 -5.01 -18.56
CA GLN B 59 -25.20 -3.75 -19.01
C GLN B 59 -23.67 -3.92 -19.00
N ARG B 60 -23.14 -4.80 -18.15
CA ARG B 60 -21.67 -4.99 -18.00
C ARG B 60 -21.25 -6.36 -18.53
N GLY B 61 -22.15 -7.14 -19.15
CA GLY B 61 -21.87 -8.49 -19.63
C GLY B 61 -21.63 -9.43 -18.47
N LEU B 62 -22.13 -9.10 -17.29
CA LEU B 62 -21.96 -9.96 -16.08
C LEU B 62 -22.89 -11.18 -16.14
N LEU B 63 -23.82 -11.26 -17.10
CA LEU B 63 -24.78 -12.41 -17.20
C LEU B 63 -24.30 -13.41 -18.26
N ALA B 64 -23.26 -14.21 -17.97
CA ALA B 64 -22.69 -15.18 -18.94
C ALA B 64 -22.11 -16.41 -18.26
N ARG B 65 -21.52 -16.26 -17.08
CA ARG B 65 -21.13 -17.39 -16.20
C ARG B 65 -22.35 -17.79 -15.33
N PHE B 66 -23.36 -16.92 -15.22
CA PHE B 66 -24.71 -17.26 -14.67
C PHE B 66 -25.44 -18.18 -15.65
N GLY B 67 -25.25 -17.91 -16.95
CA GLY B 67 -26.01 -18.52 -18.05
C GLY B 67 -27.31 -17.77 -18.30
N GLU B 68 -28.43 -18.51 -18.34
CA GLU B 68 -29.81 -17.98 -18.58
C GLU B 68 -30.41 -17.51 -17.26
N VAL B 69 -30.85 -16.25 -17.19
CA VAL B 69 -31.58 -15.68 -16.01
C VAL B 69 -33.09 -15.78 -16.28
N GLY B 70 -33.75 -16.74 -15.64
CA GLY B 70 -35.22 -16.83 -15.66
C GLY B 70 -35.82 -15.72 -14.84
N THR B 71 -37.02 -15.26 -15.23
CA THR B 71 -37.78 -14.20 -14.50
C THR B 71 -39.13 -14.72 -13.99
N ILE B 72 -39.68 -14.00 -13.00
CA ILE B 72 -41.05 -14.21 -12.44
C ILE B 72 -41.99 -13.21 -13.10
N PRO B 73 -42.98 -13.65 -13.92
CA PRO B 73 -43.79 -12.74 -14.73
C PRO B 73 -44.76 -11.93 -13.87
N PHE B 74 -45.28 -12.53 -12.79
CA PHE B 74 -46.33 -11.93 -11.91
C PHE B 74 -45.80 -11.81 -10.48
N GLY B 75 -46.34 -10.84 -9.76
CA GLY B 75 -46.11 -10.71 -8.31
C GLY B 75 -47.28 -10.01 -7.62
N HIS B 76 -47.00 -9.28 -6.56
CA HIS B 76 -48.00 -8.53 -5.76
C HIS B 76 -47.40 -7.21 -5.31
N PHE B 77 -48.28 -6.31 -4.84
CA PHE B 77 -47.97 -5.08 -4.06
C PHE B 77 -48.80 -5.14 -2.78
N GLY B 78 -48.15 -5.41 -1.66
CA GLY B 78 -48.78 -5.56 -0.33
C GLY B 78 -49.97 -6.52 -0.36
N GLY B 79 -49.86 -7.60 -1.11
CA GLY B 79 -50.94 -8.62 -1.20
C GLY B 79 -51.63 -8.54 -2.54
N VAL B 80 -51.81 -7.34 -3.10
CA VAL B 80 -52.60 -7.08 -4.33
C VAL B 80 -51.83 -7.63 -5.52
N PRO B 81 -52.33 -8.70 -6.19
CA PRO B 81 -51.72 -9.24 -7.40
C PRO B 81 -51.51 -8.24 -8.54
N LEU B 82 -50.36 -8.35 -9.20
CA LEU B 82 -50.00 -7.51 -10.37
C LEU B 82 -49.27 -8.39 -11.38
N ASP B 83 -49.49 -8.10 -12.65
CA ASP B 83 -48.64 -8.50 -13.78
C ASP B 83 -47.51 -7.47 -13.90
N TYR B 84 -46.27 -7.90 -13.69
CA TYR B 84 -45.08 -7.03 -13.68
C TYR B 84 -44.53 -6.84 -15.09
N ARG B 85 -45.15 -7.44 -16.13
CA ARG B 85 -44.77 -7.19 -17.55
C ARG B 85 -45.55 -5.99 -18.14
N VAL B 86 -46.37 -5.31 -17.35
CA VAL B 86 -47.06 -4.04 -17.78
C VAL B 86 -46.05 -2.99 -18.22
N ILE B 87 -44.84 -2.98 -17.65
CA ILE B 87 -43.69 -2.14 -18.10
C ILE B 87 -42.85 -2.99 -19.07
N LYS B 88 -42.32 -2.40 -20.12
CA LYS B 88 -41.39 -3.07 -21.06
C LYS B 88 -40.09 -3.40 -20.29
N GLY B 89 -39.78 -4.70 -20.22
CA GLY B 89 -38.58 -5.27 -19.57
C GLY B 89 -38.86 -5.70 -18.14
N GLY B 90 -40.10 -5.54 -17.68
CA GLY B 90 -40.46 -5.65 -16.26
C GLY B 90 -40.78 -7.07 -15.84
N SER B 91 -40.63 -7.37 -14.56
CA SER B 91 -40.91 -8.68 -13.93
C SER B 91 -40.74 -8.47 -12.43
N TYR B 92 -41.17 -9.43 -11.63
CA TYR B 92 -41.05 -9.41 -10.16
C TYR B 92 -39.60 -9.71 -9.78
N GLY B 93 -38.77 -10.04 -10.78
CA GLY B 93 -37.32 -10.20 -10.63
C GLY B 93 -36.82 -11.56 -11.10
N ALA B 94 -35.59 -11.88 -10.73
CA ALA B 94 -34.84 -13.08 -11.15
C ALA B 94 -35.31 -14.26 -10.30
N ARG B 95 -35.54 -15.39 -10.96
CA ARG B 95 -36.04 -16.64 -10.34
C ARG B 95 -34.83 -17.45 -9.87
N GLY B 96 -34.76 -17.72 -8.55
CA GLY B 96 -33.95 -18.78 -7.91
C GLY B 96 -32.45 -18.58 -8.08
N ILE B 97 -31.93 -17.37 -7.89
CA ILE B 97 -30.46 -17.07 -7.87
C ILE B 97 -30.10 -16.60 -6.46
N PRO B 98 -29.60 -17.53 -5.61
CA PRO B 98 -29.20 -17.19 -4.24
C PRO B 98 -28.11 -16.12 -4.26
N GLN B 99 -28.05 -15.33 -3.19
CA GLN B 99 -27.15 -14.17 -3.04
C GLN B 99 -25.69 -14.65 -3.14
N SER B 100 -25.39 -15.83 -2.58
CA SER B 100 -24.05 -16.47 -2.68
C SER B 100 -23.62 -16.55 -4.14
N ARG B 101 -24.52 -16.87 -5.07
CA ARG B 101 -24.11 -17.00 -6.50
C ARG B 101 -23.81 -15.59 -7.04
N THR B 102 -24.63 -14.61 -6.66
CA THR B 102 -24.47 -13.19 -7.07
C THR B 102 -23.08 -12.69 -6.61
N GLU B 103 -22.72 -12.94 -5.35
CA GLU B 103 -21.47 -12.47 -4.71
C GLU B 103 -20.25 -13.15 -5.35
N GLY B 104 -20.34 -14.46 -5.60
CA GLY B 104 -19.30 -15.20 -6.34
C GLY B 104 -19.04 -14.60 -7.70
N MET B 105 -20.11 -14.26 -8.43
CA MET B 105 -19.96 -13.69 -9.79
C MET B 105 -19.36 -12.30 -9.64
N LEU B 106 -19.89 -11.48 -8.73
CA LEU B 106 -19.38 -10.09 -8.57
C LEU B 106 -17.93 -10.13 -8.12
N ALA B 107 -17.58 -10.99 -7.17
CA ALA B 107 -16.18 -11.09 -6.65
C ALA B 107 -15.27 -11.44 -7.83
N ALA B 108 -15.75 -12.33 -8.71
CA ALA B 108 -14.99 -12.85 -9.87
C ALA B 108 -14.58 -11.71 -10.78
N ALA B 109 -15.59 -11.00 -11.30
CA ALA B 109 -15.42 -9.89 -12.25
C ALA B 109 -14.54 -8.80 -11.66
N ALA B 110 -14.69 -8.49 -10.37
CA ALA B 110 -13.98 -7.39 -9.70
C ALA B 110 -12.50 -7.71 -9.54
N VAL B 111 -12.17 -8.91 -9.02
CA VAL B 111 -10.74 -9.26 -8.84
C VAL B 111 -10.12 -9.46 -10.22
N GLU B 112 -10.90 -9.97 -11.18
CA GLU B 112 -10.42 -10.16 -12.56
C GLU B 112 -9.93 -8.81 -13.09
N LEU B 113 -10.72 -7.74 -12.86
CA LEU B 113 -10.54 -6.38 -13.42
C LEU B 113 -9.51 -5.57 -12.64
N GLY B 114 -8.92 -6.14 -11.57
CA GLY B 114 -7.75 -5.58 -10.85
C GLY B 114 -8.07 -5.03 -9.47
N ALA B 115 -9.31 -5.17 -8.98
CA ALA B 115 -9.66 -4.80 -7.59
C ALA B 115 -8.96 -5.79 -6.67
N GLU B 116 -8.54 -5.32 -5.50
CA GLU B 116 -7.80 -6.12 -4.50
C GLU B 116 -8.73 -6.39 -3.33
N LEU B 117 -9.12 -7.65 -3.16
CA LEU B 117 -10.09 -8.08 -2.14
C LEU B 117 -9.32 -8.69 -0.97
N ARG B 118 -9.43 -8.12 0.23
CA ARG B 118 -8.66 -8.53 1.43
C ARG B 118 -9.63 -8.97 2.54
N ARG B 119 -9.58 -10.26 2.90
CA ARG B 119 -10.53 -10.85 3.90
C ARG B 119 -9.87 -10.91 5.28
N GLY B 120 -10.66 -11.12 6.32
CA GLY B 120 -10.21 -11.12 7.74
C GLY B 120 -9.72 -9.75 8.15
N GLN B 121 -10.22 -8.70 7.47
CA GLN B 121 -9.76 -7.29 7.65
C GLN B 121 -10.94 -6.49 8.22
N GLU B 122 -10.99 -6.27 9.54
CA GLU B 122 -12.09 -5.46 10.09
C GLU B 122 -11.67 -3.98 10.29
N VAL B 123 -12.41 -3.06 9.68
CA VAL B 123 -12.19 -1.59 9.83
C VAL B 123 -12.74 -1.17 11.18
N VAL B 124 -11.91 -0.54 12.03
CA VAL B 124 -12.31 -0.23 13.43
C VAL B 124 -12.20 1.27 13.71
N SER B 125 -11.60 2.03 12.79
CA SER B 125 -11.26 3.47 12.93
C SER B 125 -11.15 4.10 11.54
N ILE B 126 -11.63 5.35 11.40
CA ILE B 126 -11.59 6.12 10.13
C ILE B 126 -11.29 7.58 10.50
N ASP B 127 -10.42 8.24 9.73
CA ASP B 127 -10.08 9.67 9.91
C ASP B 127 -9.99 10.31 8.53
N ASP B 128 -10.79 11.32 8.26
CA ASP B 128 -10.84 12.01 6.96
C ASP B 128 -10.33 13.42 7.23
N ASP B 129 -9.15 13.77 6.74
CA ASP B 129 -8.49 15.07 7.05
C ASP B 129 -8.61 16.03 5.87
N GLY B 130 -9.44 15.69 4.89
CA GLY B 130 -9.85 16.59 3.80
C GLY B 130 -9.02 16.41 2.55
N THR B 131 -7.86 15.75 2.65
CA THR B 131 -6.95 15.41 1.50
C THR B 131 -6.99 13.91 1.18
N GLY B 132 -7.26 13.06 2.19
CA GLY B 132 -7.51 11.62 1.99
C GLY B 132 -8.19 11.07 3.22
N VAL B 133 -8.27 9.75 3.37
CA VAL B 133 -8.82 9.11 4.61
C VAL B 133 -7.95 7.91 5.02
N ALA B 134 -7.64 7.86 6.32
CA ALA B 134 -6.87 6.82 7.03
C ALA B 134 -7.85 5.85 7.67
N VAL B 135 -7.57 4.56 7.53
CA VAL B 135 -8.42 3.46 8.07
C VAL B 135 -7.54 2.56 8.96
N VAL B 136 -7.89 2.37 10.22
CA VAL B 136 -7.25 1.34 11.09
C VAL B 136 -7.94 -0.01 10.84
N VAL B 137 -7.18 -0.99 10.38
CA VAL B 137 -7.66 -2.36 10.07
C VAL B 137 -7.14 -3.34 11.14
N ARG B 138 -8.04 -4.16 11.68
CA ARG B 138 -7.71 -5.28 12.60
C ARG B 138 -7.69 -6.57 11.77
N THR B 139 -6.53 -7.22 11.71
CA THR B 139 -6.32 -8.52 11.04
C THR B 139 -5.78 -9.52 12.06
N ALA B 140 -5.72 -10.80 11.69
CA ALA B 140 -5.10 -11.88 12.49
C ALA B 140 -3.59 -11.66 12.62
N ASP B 141 -2.96 -10.85 11.76
CA ASP B 141 -1.51 -10.52 11.79
C ASP B 141 -1.29 -9.15 12.47
N GLY B 142 -2.13 -8.78 13.43
CA GLY B 142 -2.09 -7.47 14.13
C GLY B 142 -2.84 -6.40 13.36
N GLU B 143 -2.62 -5.13 13.71
CA GLU B 143 -3.27 -3.95 13.08
C GLU B 143 -2.37 -3.33 12.01
N GLN B 144 -2.98 -2.77 10.96
CA GLN B 144 -2.33 -1.78 10.05
C GLN B 144 -3.25 -0.59 9.80
N THR B 145 -2.63 0.54 9.45
CA THR B 145 -3.25 1.74 8.88
C THR B 145 -3.12 1.71 7.36
N LEU B 146 -4.25 1.90 6.66
CA LEU B 146 -4.33 2.03 5.18
C LEU B 146 -4.86 3.43 4.86
N ARG B 147 -4.51 3.96 3.68
CA ARG B 147 -4.86 5.35 3.30
C ARG B 147 -5.39 5.30 1.88
N ALA B 148 -6.35 6.16 1.58
CA ALA B 148 -6.99 6.27 0.25
C ALA B 148 -7.42 7.71 0.01
N LYS B 149 -7.84 8.05 -1.22
CA LYS B 149 -8.38 9.40 -1.51
C LYS B 149 -9.85 9.45 -1.06
N TYR B 150 -10.61 8.39 -1.34
CA TYR B 150 -12.03 8.26 -0.94
C TYR B 150 -12.26 6.92 -0.23
N LEU B 151 -13.06 6.98 0.82
CA LEU B 151 -13.55 5.77 1.54
C LEU B 151 -15.04 5.61 1.27
N VAL B 152 -15.46 4.41 0.91
CA VAL B 152 -16.90 4.10 0.71
C VAL B 152 -17.31 3.02 1.70
N GLY B 153 -18.27 3.33 2.57
CA GLY B 153 -18.92 2.32 3.42
C GLY B 153 -19.98 1.55 2.65
N ALA B 154 -19.66 0.35 2.18
CA ALA B 154 -20.60 -0.67 1.66
C ALA B 154 -20.68 -1.81 2.70
N ASP B 155 -20.72 -1.41 3.97
CA ASP B 155 -20.41 -2.30 5.12
C ASP B 155 -21.70 -2.65 5.88
N GLY B 156 -22.85 -2.59 5.22
CA GLY B 156 -24.10 -3.21 5.71
C GLY B 156 -24.89 -2.37 6.69
N ALA B 157 -25.97 -2.97 7.22
CA ALA B 157 -27.01 -2.38 8.09
C ALA B 157 -26.41 -1.58 9.24
N ARG B 158 -25.37 -2.12 9.87
CA ARG B 158 -24.74 -1.51 11.07
C ARG B 158 -23.41 -0.86 10.68
N SER B 159 -23.34 -0.29 9.47
CA SER B 159 -22.15 0.38 8.92
C SER B 159 -21.23 0.90 10.03
N THR B 160 -20.00 0.38 10.09
CA THR B 160 -18.92 1.00 10.90
C THR B 160 -18.62 2.41 10.35
N VAL B 161 -18.63 2.57 9.01
CA VAL B 161 -18.21 3.82 8.31
C VAL B 161 -19.22 4.94 8.58
N ARG B 162 -20.53 4.66 8.48
CA ARG B 162 -21.62 5.64 8.67
C ARG B 162 -21.49 6.29 10.06
N LYS B 163 -21.29 5.47 11.09
CA LYS B 163 -21.16 5.96 12.47
C LYS B 163 -19.87 6.75 12.60
N ALA B 164 -18.77 6.24 12.08
CA ALA B 164 -17.44 6.88 12.20
C ALA B 164 -17.47 8.19 11.41
N ALA B 165 -18.28 8.30 10.35
CA ALA B 165 -18.45 9.54 9.56
C ALA B 165 -19.42 10.49 10.27
N GLY B 166 -20.18 9.97 11.26
CA GLY B 166 -21.12 10.77 12.08
C GLY B 166 -22.48 10.95 11.41
N ILE B 167 -22.82 10.13 10.42
CA ILE B 167 -24.02 10.31 9.55
C ILE B 167 -25.21 9.60 10.21
N ASP B 168 -26.27 10.36 10.44
CA ASP B 168 -27.54 9.88 11.04
C ASP B 168 -28.20 8.86 10.12
N PHE B 169 -28.92 7.93 10.72
CA PHE B 169 -29.63 6.80 10.07
C PHE B 169 -31.07 6.86 10.54
N PRO B 170 -31.77 7.99 10.32
CA PRO B 170 -33.16 8.14 10.76
C PRO B 170 -34.09 7.16 10.05
N GLY B 171 -35.20 6.85 10.71
CA GLY B 171 -36.27 6.00 10.20
C GLY B 171 -37.05 5.43 11.37
N THR B 172 -37.66 4.28 11.14
CA THR B 172 -38.65 3.66 12.05
C THR B 172 -37.98 2.52 12.83
N ASP B 173 -38.47 2.26 14.05
CA ASP B 173 -38.03 1.06 14.83
C ASP B 173 -38.79 -0.15 14.31
N PRO B 174 -38.25 -1.37 14.49
CA PRO B 174 -38.99 -2.57 14.10
C PRO B 174 -40.30 -2.62 14.90
N THR B 175 -41.36 -3.18 14.31
CA THR B 175 -42.66 -3.47 14.97
C THR B 175 -42.95 -4.98 14.93
N MET B 176 -42.15 -5.76 14.21
CA MET B 176 -42.43 -7.19 13.97
C MET B 176 -41.14 -7.93 13.62
N GLU B 177 -41.21 -9.26 13.62
CA GLU B 177 -40.11 -10.12 13.13
C GLU B 177 -40.70 -11.20 12.26
N MET B 178 -40.08 -11.48 11.11
CA MET B 178 -40.26 -12.76 10.40
C MET B 178 -39.06 -13.67 10.71
N TRP B 179 -39.33 -14.96 10.84
CA TRP B 179 -38.33 -16.03 11.06
C TRP B 179 -38.23 -16.89 9.81
N LEU B 180 -37.02 -17.25 9.41
CA LEU B 180 -36.83 -18.23 8.32
C LEU B 180 -35.99 -19.38 8.86
N ALA B 181 -36.23 -20.55 8.29
CA ALA B 181 -35.47 -21.78 8.51
C ALA B 181 -35.44 -22.52 7.18
N ASP B 182 -34.23 -22.84 6.71
CA ASP B 182 -33.99 -23.72 5.55
C ASP B 182 -33.91 -25.16 6.08
N VAL B 183 -34.71 -26.05 5.50
CA VAL B 183 -34.94 -27.46 5.95
C VAL B 183 -34.89 -28.35 4.72
N ALA B 184 -34.13 -29.42 4.79
CA ALA B 184 -34.02 -30.43 3.72
C ALA B 184 -34.83 -31.66 4.14
N GLY B 185 -35.48 -32.32 3.18
CA GLY B 185 -36.07 -33.67 3.34
C GLY B 185 -37.58 -33.69 3.62
N CYS B 186 -38.23 -32.54 3.83
CA CYS B 186 -39.65 -32.48 4.28
C CYS B 186 -40.64 -32.50 3.10
N ASP B 187 -40.22 -32.15 1.88
CA ASP B 187 -41.10 -32.10 0.67
C ASP B 187 -42.42 -31.39 1.02
N LEU B 188 -42.33 -30.15 1.51
CA LEU B 188 -43.49 -29.31 1.90
C LEU B 188 -44.21 -28.80 0.66
N ARG B 189 -45.50 -28.47 0.80
CA ARG B 189 -46.24 -27.72 -0.24
C ARG B 189 -45.64 -26.31 -0.29
N LEU B 190 -45.31 -25.85 -1.50
CA LEU B 190 -44.71 -24.51 -1.75
C LEU B 190 -45.79 -23.44 -1.60
N ARG B 191 -45.39 -22.28 -1.09
CA ARG B 191 -46.23 -21.09 -0.86
C ARG B 191 -45.42 -19.87 -1.32
N PHE B 192 -45.27 -19.70 -2.64
CA PHE B 192 -44.28 -18.76 -3.23
C PHE B 192 -44.57 -17.33 -2.74
N SER B 193 -45.75 -16.79 -3.08
CA SER B 193 -46.14 -15.37 -2.85
C SER B 193 -46.12 -15.05 -1.36
N GLY B 194 -46.50 -16.02 -0.53
CA GLY B 194 -46.82 -15.82 0.91
C GLY B 194 -48.31 -16.01 1.15
N GLU B 195 -48.70 -16.57 2.30
CA GLU B 195 -50.08 -17.10 2.48
C GLU B 195 -50.58 -16.76 3.88
N LEU B 196 -51.60 -15.91 3.96
CA LEU B 196 -52.23 -15.55 5.25
C LEU B 196 -53.00 -16.78 5.77
N VAL B 197 -52.84 -17.03 7.06
CA VAL B 197 -53.51 -18.14 7.80
C VAL B 197 -53.97 -17.50 9.10
N PRO B 198 -54.97 -18.08 9.80
CA PRO B 198 -55.31 -17.64 11.14
C PRO B 198 -54.04 -17.42 11.99
N GLY B 199 -53.82 -16.19 12.45
CA GLY B 199 -52.75 -15.87 13.42
C GLY B 199 -51.46 -15.35 12.79
N GLY B 200 -51.32 -15.32 11.46
CA GLY B 200 -50.14 -14.69 10.81
C GLY B 200 -50.00 -15.02 9.33
N MET B 201 -48.80 -15.45 8.91
CA MET B 201 -48.44 -15.60 7.48
C MET B 201 -47.27 -16.59 7.35
N VAL B 202 -47.23 -17.32 6.24
CA VAL B 202 -46.27 -18.44 6.03
C VAL B 202 -45.83 -18.38 4.57
N MET B 203 -44.52 -18.43 4.32
CA MET B 203 -43.97 -18.74 2.97
C MET B 203 -43.17 -20.04 3.07
N VAL B 204 -43.22 -20.83 2.00
CA VAL B 204 -42.37 -22.02 1.80
C VAL B 204 -41.84 -21.91 0.37
N LEU B 205 -40.56 -21.50 0.22
CA LEU B 205 -39.91 -21.26 -1.09
C LEU B 205 -39.02 -22.44 -1.44
N PRO B 206 -38.91 -22.84 -2.73
CA PRO B 206 -38.06 -23.93 -3.14
C PRO B 206 -36.60 -23.45 -3.13
N LEU B 207 -35.67 -24.30 -2.68
CA LEU B 207 -34.22 -24.00 -2.67
C LEU B 207 -33.50 -24.92 -3.66
N GLY B 208 -34.19 -25.96 -4.14
CA GLY B 208 -33.63 -27.05 -4.96
C GLY B 208 -34.41 -28.34 -4.75
N PRO B 209 -33.89 -29.48 -5.24
CA PRO B 209 -34.58 -30.78 -5.15
C PRO B 209 -35.02 -31.25 -3.75
N VAL B 210 -34.19 -31.12 -2.71
CA VAL B 210 -34.54 -31.63 -1.34
C VAL B 210 -34.71 -30.48 -0.34
N ALA B 211 -34.33 -29.24 -0.67
CA ALA B 211 -34.31 -28.11 0.30
C ALA B 211 -35.45 -27.13 -0.02
N GLN B 212 -36.11 -26.63 1.04
CA GLN B 212 -37.12 -25.54 0.93
C GLN B 212 -36.88 -24.54 2.07
N ARG B 213 -37.19 -23.27 1.84
CA ARG B 213 -37.09 -22.18 2.84
C ARG B 213 -38.47 -21.91 3.43
N VAL B 214 -38.52 -21.89 4.75
CA VAL B 214 -39.77 -21.72 5.52
C VAL B 214 -39.68 -20.34 6.18
N VAL B 215 -40.61 -19.46 5.83
CA VAL B 215 -40.64 -18.07 6.35
C VAL B 215 -41.93 -17.93 7.16
N VAL B 216 -41.83 -17.27 8.31
CA VAL B 216 -42.89 -17.36 9.35
C VAL B 216 -43.04 -16.01 10.03
N PHE B 217 -44.30 -15.62 10.25
CA PHE B 217 -44.68 -14.41 11.02
C PHE B 217 -45.99 -14.70 11.75
N GLU B 218 -46.07 -14.36 13.04
CA GLU B 218 -47.32 -14.47 13.85
C GLU B 218 -47.59 -13.13 14.52
N HIS B 219 -48.84 -12.65 14.46
CA HIS B 219 -49.27 -11.36 15.07
C HIS B 219 -49.00 -11.37 16.58
N ALA B 220 -48.80 -12.54 17.18
CA ALA B 220 -48.72 -12.76 18.65
C ALA B 220 -47.28 -12.69 19.20
N THR B 221 -46.24 -12.85 18.35
CA THR B 221 -44.81 -12.89 18.78
C THR B 221 -44.24 -11.49 19.02
N GLY B 222 -44.76 -10.44 18.35
CA GLY B 222 -44.27 -9.06 18.49
C GLY B 222 -42.75 -8.98 18.26
N LEU B 223 -42.02 -8.43 19.23
CA LEU B 223 -40.52 -8.35 19.25
C LEU B 223 -40.01 -9.11 20.48
N ARG B 224 -38.78 -9.63 20.45
CA ARG B 224 -38.21 -10.37 21.59
C ARG B 224 -36.87 -9.75 21.99
N SER B 226 -35.07 -9.95 20.84
CA SER B 226 -33.68 -9.77 21.32
C SER B 226 -32.80 -9.50 20.09
N THR B 227 -31.49 -9.72 20.19
CA THR B 227 -30.55 -9.52 19.04
C THR B 227 -30.08 -10.88 18.51
N GLU B 228 -30.40 -11.99 19.19
CA GLU B 228 -30.01 -13.36 18.70
C GLU B 228 -31.03 -13.83 17.66
N PRO B 229 -30.65 -14.74 16.74
CA PRO B 229 -31.64 -15.44 15.92
C PRO B 229 -32.52 -16.33 16.79
N PRO B 230 -33.69 -16.76 16.27
CA PRO B 230 -34.52 -17.77 16.95
C PRO B 230 -33.87 -19.14 16.77
N THR B 231 -34.20 -20.11 17.62
CA THR B 231 -33.65 -21.49 17.49
C THR B 231 -34.51 -22.20 16.45
N PHE B 232 -34.00 -23.27 15.84
CA PHE B 232 -34.77 -24.07 14.87
C PHE B 232 -36.10 -24.53 15.51
N ALA B 233 -36.07 -24.87 16.80
CA ALA B 233 -37.24 -25.39 17.54
C ALA B 233 -38.30 -24.29 17.65
N GLU B 234 -37.88 -23.04 17.92
CA GLU B 234 -38.79 -21.86 18.04
C GLU B 234 -39.53 -21.66 16.72
N VAL B 235 -38.87 -21.94 15.59
CA VAL B 235 -39.41 -21.73 14.21
C VAL B 235 -40.36 -22.88 13.88
N ALA B 236 -39.95 -24.12 14.18
CA ALA B 236 -40.72 -25.33 13.84
C ALA B 236 -42.04 -25.26 14.59
N ASP B 237 -41.95 -24.88 15.88
CA ASP B 237 -43.11 -24.60 16.77
C ASP B 237 -44.04 -23.60 16.09
N ALA B 238 -43.49 -22.49 15.56
CA ALA B 238 -44.25 -21.39 14.93
C ALA B 238 -44.97 -21.90 13.68
N PHE B 239 -44.27 -22.64 12.83
CA PHE B 239 -44.82 -23.21 11.58
C PHE B 239 -45.99 -24.16 11.87
N GLU B 240 -45.98 -24.83 13.03
CA GLU B 240 -47.06 -25.76 13.45
C GLU B 240 -48.28 -24.97 13.94
N ARG B 241 -48.05 -23.92 14.74
CA ARG B 241 -49.12 -22.97 15.18
C ARG B 241 -49.82 -22.39 13.94
N LEU B 242 -49.09 -22.17 12.82
CA LEU B 242 -49.62 -21.48 11.63
C LEU B 242 -50.19 -22.46 10.61
N THR B 243 -49.64 -23.69 10.51
CA THR B 243 -50.05 -24.68 9.47
C THR B 243 -50.39 -26.05 10.04
N GLY B 244 -50.07 -26.33 11.31
CA GLY B 244 -50.20 -27.70 11.89
C GLY B 244 -49.08 -28.65 11.45
N GLU B 245 -48.46 -28.41 10.28
CA GLU B 245 -47.38 -29.25 9.70
C GLU B 245 -46.21 -29.32 10.69
N ASP B 246 -45.45 -30.42 10.65
CA ASP B 246 -44.32 -30.76 11.56
C ASP B 246 -43.06 -31.00 10.71
N ILE B 247 -42.07 -30.11 10.81
CA ILE B 247 -40.79 -30.15 10.01
C ILE B 247 -39.61 -30.48 10.95
N ARG B 248 -39.91 -30.93 12.17
CA ARG B 248 -38.87 -31.24 13.21
C ARG B 248 -38.12 -32.52 12.87
N GLY B 249 -38.60 -33.31 11.89
CA GLY B 249 -37.95 -34.54 11.40
C GLY B 249 -37.10 -34.31 10.16
N GLY B 250 -36.96 -33.04 9.72
CA GLY B 250 -36.10 -32.64 8.58
C GLY B 250 -34.72 -32.23 9.04
N LYS B 251 -33.78 -32.05 8.09
CA LYS B 251 -32.40 -31.55 8.35
C LYS B 251 -32.40 -30.03 8.41
N PRO B 252 -32.19 -29.41 9.59
CA PRO B 252 -31.91 -27.97 9.65
C PRO B 252 -30.64 -27.64 8.86
N LEU B 253 -30.74 -26.76 7.87
CA LEU B 253 -29.57 -26.22 7.11
C LEU B 253 -29.22 -24.83 7.61
N TRP B 254 -30.22 -24.01 7.97
CA TRP B 254 -30.01 -22.61 8.44
C TRP B 254 -31.26 -22.07 9.16
N VAL B 255 -31.05 -21.14 10.10
CA VAL B 255 -32.12 -20.38 10.79
C VAL B 255 -31.69 -18.92 10.84
N SER B 256 -32.61 -18.01 10.53
CA SER B 256 -32.37 -16.56 10.57
C SER B 256 -33.68 -15.79 10.74
N TRP B 257 -33.58 -14.47 10.61
CA TRP B 257 -34.71 -13.55 10.85
C TRP B 257 -34.39 -12.17 10.27
N PHE B 258 -35.47 -11.40 10.09
CA PHE B 258 -35.49 -9.99 9.64
C PHE B 258 -36.75 -9.31 10.19
N THR B 259 -36.65 -8.00 10.40
CA THR B 259 -37.69 -7.13 10.98
C THR B 259 -38.17 -6.16 9.91
N ASP B 260 -39.08 -5.25 10.26
CA ASP B 260 -39.49 -4.16 9.34
C ASP B 260 -38.74 -2.87 9.68
N SER B 261 -37.63 -2.92 10.42
CA SER B 261 -36.76 -1.72 10.63
C SER B 261 -36.43 -1.11 9.27
N SER B 262 -36.69 0.19 9.13
CA SER B 262 -36.71 0.91 7.85
C SER B 262 -36.03 2.26 8.09
N ARG B 263 -34.75 2.36 7.76
CA ARG B 263 -33.93 3.55 8.06
C ARG B 263 -33.13 3.92 6.80
N GLN B 264 -32.72 5.19 6.70
CA GLN B 264 -31.93 5.65 5.54
C GLN B 264 -30.92 6.68 6.05
N ALA B 265 -29.68 6.57 5.58
CA ALA B 265 -28.61 7.55 5.87
C ALA B 265 -29.07 8.95 5.42
N ALA B 266 -28.92 9.93 6.30
CA ALA B 266 -29.32 11.34 6.09
C ALA B 266 -28.43 11.97 5.02
N GLU B 267 -27.21 11.46 4.86
CA GLU B 267 -26.21 11.97 3.89
C GLU B 267 -25.52 10.78 3.21
N TYR B 268 -25.43 10.76 1.90
CA TYR B 268 -24.73 9.67 1.17
C TYR B 268 -23.25 10.03 1.04
N ARG B 269 -22.93 11.32 1.22
CA ARG B 269 -21.54 11.84 1.17
C ARG B 269 -21.33 12.78 2.35
N ARG B 270 -20.21 12.60 3.04
CA ARG B 270 -19.62 13.62 3.92
C ARG B 270 -18.12 13.69 3.58
N GLY B 271 -17.72 14.68 2.79
CA GLY B 271 -16.31 14.91 2.40
C GLY B 271 -15.80 13.81 1.48
N ARG B 272 -14.85 13.02 1.99
CA ARG B 272 -14.22 11.90 1.24
C ARG B 272 -14.81 10.57 1.72
N ILE B 273 -15.93 10.61 2.45
CA ILE B 273 -16.65 9.38 2.86
C ILE B 273 -18.02 9.37 2.18
N LEU B 274 -18.29 8.24 1.51
CA LEU B 274 -19.57 7.95 0.84
C LEU B 274 -20.12 6.64 1.39
N LEU B 275 -21.43 6.45 1.23
CA LEU B 275 -22.15 5.24 1.67
C LEU B 275 -22.95 4.64 0.51
N ALA B 276 -23.11 3.32 0.53
CA ALA B 276 -23.83 2.57 -0.53
C ALA B 276 -24.42 1.26 0.03
N GLY B 277 -25.53 0.86 -0.54
CA GLY B 277 -26.23 -0.37 -0.14
C GLY B 277 -26.81 -0.23 1.26
N ASP B 278 -26.74 -1.30 2.05
CA ASP B 278 -27.46 -1.40 3.34
C ASP B 278 -26.90 -0.36 4.34
N ALA B 279 -25.63 0.01 4.19
CA ALA B 279 -25.00 1.07 5.01
C ALA B 279 -25.79 2.37 4.79
N ALA B 280 -26.46 2.52 3.64
CA ALA B 280 -27.23 3.73 3.29
C ALA B 280 -28.73 3.53 3.49
N HIS B 281 -29.24 2.31 3.57
CA HIS B 281 -30.69 2.06 3.68
C HIS B 281 -30.97 0.61 4.07
N ILE B 282 -31.84 0.40 5.05
CA ILE B 282 -32.48 -0.90 5.36
C ILE B 282 -34.00 -0.73 5.38
N HIS B 283 -34.66 -1.85 5.20
CA HIS B 283 -36.13 -1.95 5.11
C HIS B 283 -36.45 -3.43 5.06
N MET B 284 -37.70 -3.80 5.29
CA MET B 284 -38.10 -5.22 5.22
C MET B 284 -37.86 -5.70 3.79
N PRO B 285 -37.23 -6.87 3.58
CA PRO B 285 -37.00 -7.36 2.23
C PRO B 285 -38.30 -7.92 1.65
N ILE B 286 -38.73 -7.38 0.52
CA ILE B 286 -39.87 -7.92 -0.29
C ILE B 286 -39.38 -8.14 -1.73
N GLY B 287 -39.44 -9.40 -2.20
CA GLY B 287 -39.05 -9.78 -3.58
C GLY B 287 -37.59 -9.47 -3.86
N GLY B 288 -37.30 -8.80 -4.98
CA GLY B 288 -35.94 -8.38 -5.34
C GLY B 288 -35.58 -7.06 -4.69
N GLN B 289 -36.23 -6.70 -3.59
CA GLN B 289 -35.99 -5.39 -2.96
C GLN B 289 -35.16 -5.59 -1.69
N GLY B 290 -34.04 -4.86 -1.66
CA GLY B 290 -33.00 -4.91 -0.60
C GLY B 290 -31.65 -4.75 -1.23
N MET B 291 -31.17 -5.80 -1.89
CA MET B 291 -29.82 -5.88 -2.54
C MET B 291 -29.88 -5.02 -3.79
N SER B 292 -31.00 -5.03 -4.48
CA SER B 292 -31.13 -4.41 -5.82
C SER B 292 -30.70 -2.94 -5.76
N ALA B 293 -31.22 -2.19 -4.78
CA ALA B 293 -30.94 -0.75 -4.62
C ALA B 293 -29.45 -0.51 -4.33
N GLY B 294 -28.80 -1.35 -3.52
CA GLY B 294 -27.34 -1.24 -3.32
C GLY B 294 -26.61 -1.31 -4.65
N ILE B 295 -27.07 -2.18 -5.57
CA ILE B 295 -26.40 -2.41 -6.87
C ILE B 295 -26.59 -1.14 -7.70
N GLN B 296 -27.79 -0.58 -7.72
CA GLN B 296 -28.06 0.69 -8.45
C GLN B 296 -27.19 1.80 -7.81
N ASP B 297 -27.05 1.81 -6.48
CA ASP B 297 -26.18 2.77 -5.75
C ASP B 297 -24.78 2.66 -6.36
N ALA B 298 -24.25 1.45 -6.44
CA ALA B 298 -22.85 1.24 -6.86
C ALA B 298 -22.68 1.78 -8.29
N VAL B 299 -23.67 1.56 -9.13
CA VAL B 299 -23.57 1.86 -10.59
C VAL B 299 -23.73 3.39 -10.75
N ASN B 300 -24.54 4.04 -9.91
CA ASN B 300 -24.64 5.52 -9.89
C ASN B 300 -23.29 6.12 -9.44
N LEU B 301 -22.64 5.53 -8.43
CA LEU B 301 -21.47 6.13 -7.75
C LEU B 301 -20.17 5.93 -8.55
N GLY B 302 -19.92 4.71 -9.02
CA GLY B 302 -18.60 4.33 -9.55
C GLY B 302 -18.05 5.36 -10.53
N TRP B 303 -18.73 5.57 -11.65
CA TRP B 303 -18.23 6.48 -12.70
C TRP B 303 -18.07 7.90 -12.14
N LYS B 304 -18.88 8.28 -11.15
CA LYS B 304 -18.89 9.66 -10.60
C LYS B 304 -17.66 9.83 -9.71
N LEU B 305 -17.33 8.83 -8.91
CA LEU B 305 -16.26 8.96 -7.90
C LEU B 305 -14.92 8.88 -8.64
N ALA B 306 -14.86 8.05 -9.66
CA ALA B 306 -13.74 8.01 -10.64
C ALA B 306 -13.50 9.40 -11.25
N ALA B 307 -14.52 10.03 -11.83
CA ALA B 307 -14.38 11.31 -12.55
C ALA B 307 -13.87 12.36 -11.57
N GLU B 308 -14.30 12.31 -10.31
CA GLU B 308 -13.84 13.23 -9.24
C GLU B 308 -12.33 13.05 -9.00
N ILE B 309 -11.88 11.81 -8.92
CA ILE B 309 -10.49 11.44 -8.52
C ILE B 309 -9.52 11.80 -9.64
N HIS B 310 -9.95 11.63 -10.88
CA HIS B 310 -9.12 11.82 -12.09
C HIS B 310 -9.06 13.31 -12.47
N GLY B 311 -9.74 14.18 -11.72
CA GLY B 311 -9.58 15.65 -11.84
C GLY B 311 -10.41 16.25 -12.97
N HIS B 312 -11.37 15.52 -13.52
CA HIS B 312 -12.17 16.00 -14.68
C HIS B 312 -13.66 16.13 -14.33
N ALA B 313 -14.10 15.78 -13.13
CA ALA B 313 -15.52 15.86 -12.76
C ALA B 313 -16.01 17.27 -13.08
N PRO B 314 -17.20 17.42 -13.72
CA PRO B 314 -17.93 18.67 -13.64
C PRO B 314 -18.08 19.10 -12.17
N GLU B 315 -17.92 20.38 -11.89
CA GLU B 315 -18.30 20.92 -10.57
C GLU B 315 -19.67 20.32 -10.26
N GLY B 316 -19.84 19.72 -9.08
CA GLY B 316 -21.13 19.16 -8.62
C GLY B 316 -21.42 17.70 -9.03
N LEU B 317 -20.61 17.01 -9.85
CA LEU B 317 -20.98 15.65 -10.36
C LEU B 317 -21.17 14.68 -9.18
N LEU B 318 -20.22 14.60 -8.26
CA LEU B 318 -20.24 13.59 -7.17
C LEU B 318 -21.41 13.89 -6.22
N ASP B 319 -21.75 15.16 -6.07
CA ASP B 319 -22.90 15.58 -5.22
C ASP B 319 -24.21 15.08 -5.81
N THR B 320 -24.26 14.68 -7.07
CA THR B 320 -25.50 14.09 -7.64
C THR B 320 -25.66 12.62 -7.16
N TYR B 321 -24.65 11.98 -6.55
CA TYR B 321 -24.86 10.62 -5.99
C TYR B 321 -25.96 10.78 -4.95
N HIS B 322 -25.79 11.65 -3.95
CA HIS B 322 -26.83 11.89 -2.91
C HIS B 322 -28.17 12.29 -3.55
N THR B 323 -28.17 13.33 -4.41
CA THR B 323 -29.42 14.00 -4.87
C THR B 323 -30.21 13.04 -5.77
N GLU B 324 -29.55 12.12 -6.47
CA GLU B 324 -30.27 11.12 -7.29
C GLU B 324 -30.68 9.94 -6.40
N ARG B 325 -29.79 9.40 -5.57
CA ARG B 325 -30.00 8.04 -4.98
C ARG B 325 -30.77 8.15 -3.66
N HIS B 326 -30.61 9.23 -2.92
CA HIS B 326 -31.35 9.38 -1.63
C HIS B 326 -32.87 9.31 -1.89
N PRO B 327 -33.47 10.09 -2.81
CA PRO B 327 -34.91 9.95 -3.03
C PRO B 327 -35.29 8.57 -3.59
N VAL B 328 -34.51 8.01 -4.53
CA VAL B 328 -34.87 6.70 -5.16
C VAL B 328 -34.88 5.60 -4.08
N ASP B 329 -33.84 5.52 -3.24
CA ASP B 329 -33.76 4.50 -2.15
C ASP B 329 -34.81 4.85 -1.09
N GLY B 330 -35.10 6.13 -0.89
CA GLY B 330 -36.27 6.56 -0.10
C GLY B 330 -37.56 5.84 -0.53
N ARG B 331 -37.81 5.71 -1.84
CA ARG B 331 -39.10 5.20 -2.35
C ARG B 331 -39.17 3.68 -2.09
N VAL B 332 -38.01 3.01 -2.02
CA VAL B 332 -37.93 1.56 -1.68
C VAL B 332 -38.29 1.35 -0.20
N VAL B 333 -37.68 2.12 0.69
CA VAL B 333 -37.98 2.05 2.15
C VAL B 333 -39.49 2.30 2.35
N MET B 334 -40.00 3.41 1.81
CA MET B 334 -41.43 3.81 1.84
C MET B 334 -42.31 2.69 1.24
N ASN B 335 -42.03 2.24 0.02
CA ASN B 335 -42.97 1.28 -0.63
C ASN B 335 -43.02 -0.02 0.18
N THR B 336 -41.89 -0.49 0.71
CA THR B 336 -41.82 -1.81 1.43
C THR B 336 -42.54 -1.70 2.76
N LEU B 337 -42.36 -0.62 3.54
CA LEU B 337 -43.18 -0.36 4.76
C LEU B 337 -44.67 -0.40 4.39
N ALA B 338 -45.05 0.31 3.31
CA ALA B 338 -46.45 0.39 2.81
C ALA B 338 -46.97 -1.04 2.61
N GLN B 339 -46.17 -1.88 1.94
CA GLN B 339 -46.55 -3.28 1.61
C GLN B 339 -46.66 -4.08 2.91
N ARG B 340 -45.79 -3.85 3.89
CA ARG B 340 -45.81 -4.59 5.17
C ARG B 340 -47.13 -4.30 5.90
N TRP B 341 -47.64 -3.07 5.84
CA TRP B 341 -48.90 -2.70 6.53
C TRP B 341 -50.11 -3.16 5.72
N LEU B 342 -50.04 -3.19 4.39
CA LEU B 342 -51.19 -3.69 3.59
C LEU B 342 -51.28 -5.20 3.76
N TYR B 343 -50.18 -5.91 3.53
CA TYR B 343 -50.13 -7.39 3.55
C TYR B 343 -50.47 -7.88 4.95
N LEU B 344 -49.79 -7.39 5.99
CA LEU B 344 -49.81 -8.04 7.33
C LEU B 344 -50.54 -7.19 8.38
N GLY B 345 -51.21 -6.10 7.96
CA GLY B 345 -51.89 -5.15 8.87
C GLY B 345 -53.17 -5.68 9.51
N GLY B 346 -53.76 -6.78 9.02
CA GLY B 346 -54.96 -7.38 9.63
C GLY B 346 -56.23 -6.62 9.27
N GLU B 347 -57.33 -6.86 10.00
CA GLU B 347 -58.72 -6.52 9.57
C GLU B 347 -58.92 -5.00 9.53
N ALA B 348 -58.26 -4.24 10.40
CA ALA B 348 -58.32 -2.75 10.39
C ALA B 348 -57.81 -2.17 9.05
N MET B 349 -56.96 -2.88 8.29
CA MET B 349 -56.37 -2.42 7.01
C MET B 349 -57.19 -2.89 5.81
N GLN B 350 -58.26 -3.67 6.04
CA GLN B 350 -59.11 -4.22 4.97
C GLN B 350 -59.73 -3.10 4.14
N PRO B 351 -60.23 -2.00 4.74
CA PRO B 351 -60.71 -0.86 3.93
C PRO B 351 -59.63 -0.33 2.96
N LEU B 352 -58.38 -0.21 3.40
CA LEU B 352 -57.29 0.24 2.50
C LEU B 352 -56.98 -0.82 1.44
N ARG B 353 -57.05 -2.11 1.80
CA ARG B 353 -56.80 -3.21 0.83
C ARG B 353 -57.86 -3.07 -0.26
N GLU B 354 -59.11 -2.80 0.12
CA GLU B 354 -60.25 -2.70 -0.82
C GLU B 354 -60.02 -1.49 -1.74
N LEU B 355 -59.66 -0.34 -1.19
CA LEU B 355 -59.36 0.89 -1.98
C LEU B 355 -58.24 0.63 -3.01
N LEU B 356 -57.13 0.04 -2.59
CA LEU B 356 -56.01 -0.23 -3.54
C LEU B 356 -56.47 -1.28 -4.55
N GLY B 357 -57.25 -2.26 -4.10
CA GLY B 357 -57.95 -3.21 -4.99
C GLY B 357 -58.67 -2.44 -6.08
N GLU B 358 -59.39 -1.37 -5.72
CA GLU B 358 -60.12 -0.56 -6.73
C GLU B 358 -59.10 0.20 -7.56
N LEU B 359 -58.08 0.80 -6.96
CA LEU B 359 -57.17 1.65 -7.77
C LEU B 359 -56.36 0.82 -8.77
N VAL B 360 -56.06 -0.47 -8.53
CA VAL B 360 -55.11 -1.17 -9.45
C VAL B 360 -55.80 -1.48 -10.78
N ARG B 361 -57.12 -1.37 -10.88
CA ARG B 361 -57.82 -1.64 -12.13
C ARG B 361 -57.46 -0.55 -13.14
N TYR B 362 -56.73 0.50 -12.74
CA TYR B 362 -56.23 1.55 -13.67
C TYR B 362 -54.83 1.18 -14.15
N PRO B 363 -54.57 1.12 -15.48
CA PRO B 363 -53.25 0.81 -15.98
C PRO B 363 -52.14 1.66 -15.34
N ASP B 364 -52.37 2.97 -15.15
CA ASP B 364 -51.27 3.87 -14.75
C ASP B 364 -50.89 3.59 -13.28
N VAL B 365 -51.79 3.04 -12.45
CA VAL B 365 -51.40 2.70 -11.05
C VAL B 365 -50.67 1.35 -11.05
N GLN B 366 -51.09 0.38 -11.88
CA GLN B 366 -50.31 -0.87 -12.08
C GLN B 366 -48.86 -0.51 -12.44
N GLU B 367 -48.68 0.28 -13.51
CA GLU B 367 -47.35 0.68 -14.02
C GLU B 367 -46.57 1.43 -12.94
N HIS B 368 -47.23 2.32 -12.21
CA HIS B 368 -46.57 3.09 -11.13
C HIS B 368 -46.01 2.12 -10.08
N LEU B 369 -46.81 1.19 -9.58
CA LEU B 369 -46.37 0.23 -8.53
C LEU B 369 -45.27 -0.69 -9.11
N VAL B 370 -45.48 -1.22 -10.31
CA VAL B 370 -44.50 -2.11 -10.98
C VAL B 370 -43.21 -1.34 -11.27
N GLY B 371 -43.31 -0.08 -11.70
CA GLY B 371 -42.15 0.84 -11.83
C GLY B 371 -41.33 0.95 -10.55
N MET B 372 -42.00 1.24 -9.42
CA MET B 372 -41.39 1.41 -8.07
C MET B 372 -40.54 0.18 -7.78
N VAL B 373 -41.17 -0.98 -7.90
CA VAL B 373 -40.64 -2.24 -7.36
C VAL B 373 -39.51 -2.71 -8.24
N THR B 374 -39.65 -2.59 -9.57
CA THR B 374 -38.69 -3.14 -10.56
C THR B 374 -37.44 -2.27 -10.71
N GLY B 375 -37.54 -0.99 -10.35
CA GLY B 375 -36.45 -0.03 -10.59
C GLY B 375 -36.52 0.57 -11.98
N LEU B 376 -37.58 0.30 -12.74
CA LEU B 376 -37.67 0.74 -14.17
C LEU B 376 -38.30 2.13 -14.30
N ASP B 377 -38.78 2.73 -13.21
CA ASP B 377 -39.42 4.07 -13.24
C ASP B 377 -38.37 5.18 -13.05
N ILE B 378 -37.12 4.83 -12.73
CA ILE B 378 -36.15 5.82 -12.19
C ILE B 378 -35.91 6.90 -13.23
N ARG B 379 -36.10 8.16 -12.86
CA ARG B 379 -35.84 9.35 -13.71
C ARG B 379 -34.98 10.36 -12.95
N TYR B 380 -33.76 10.59 -13.42
CA TYR B 380 -32.81 11.58 -12.84
C TYR B 380 -33.00 12.96 -13.47
N ASP B 381 -32.84 14.00 -12.66
CA ASP B 381 -32.79 15.41 -13.13
C ASP B 381 -31.56 15.57 -14.03
N VAL B 382 -31.80 15.76 -15.32
CA VAL B 382 -30.74 15.98 -16.35
C VAL B 382 -30.97 17.35 -17.01
N GLY B 383 -31.92 18.12 -16.49
CA GLY B 383 -32.19 19.50 -16.96
C GLY B 383 -33.36 19.52 -17.93
N ALA B 384 -33.47 20.60 -18.70
CA ALA B 384 -34.65 20.96 -19.53
C ALA B 384 -34.87 19.92 -20.63
N GLY B 385 -36.13 19.65 -20.95
CA GLY B 385 -36.55 18.69 -22.00
C GLY B 385 -37.72 17.88 -21.49
N GLU B 386 -38.67 17.55 -22.37
CA GLU B 386 -39.93 16.86 -21.97
C GLU B 386 -40.05 15.53 -22.70
N HIS B 387 -39.09 15.16 -23.56
CA HIS B 387 -39.03 13.82 -24.22
C HIS B 387 -39.05 12.72 -23.16
N PRO B 388 -39.87 11.65 -23.29
CA PRO B 388 -40.04 10.68 -22.20
C PRO B 388 -38.81 9.83 -21.83
N LEU B 389 -37.79 9.80 -22.70
CA LEU B 389 -36.56 9.00 -22.47
C LEU B 389 -35.59 9.72 -21.54
N LEU B 390 -35.61 11.05 -21.47
CA LEU B 390 -34.62 11.88 -20.72
C LEU B 390 -34.60 11.50 -19.23
N GLY B 391 -33.39 11.30 -18.69
CA GLY B 391 -33.17 10.95 -17.28
C GLY B 391 -33.53 9.50 -16.96
N ARG B 392 -34.06 8.74 -17.94
CA ARG B 392 -34.45 7.31 -17.78
C ARG B 392 -33.36 6.41 -18.37
N ARG B 393 -33.36 5.13 -17.94
CA ARG B 393 -32.44 4.07 -18.43
C ARG B 393 -32.55 3.99 -19.96
N ILE B 394 -31.47 3.69 -20.68
CA ILE B 394 -31.61 3.40 -22.14
C ILE B 394 -32.09 1.96 -22.28
N PRO B 395 -33.21 1.70 -23.00
CA PRO B 395 -33.72 0.34 -23.15
C PRO B 395 -32.75 -0.51 -23.98
N ASN B 396 -32.70 -1.81 -23.69
CA ASN B 396 -31.89 -2.77 -24.47
C ASN B 396 -32.55 -3.00 -25.85
N GLN B 397 -32.00 -2.38 -26.89
CA GLN B 397 -32.49 -2.49 -28.29
C GLN B 397 -31.43 -3.18 -29.16
N GLU B 398 -31.88 -3.73 -30.30
CA GLU B 398 -31.02 -4.27 -31.38
C GLU B 398 -30.54 -3.08 -32.21
N LEU B 399 -29.31 -3.15 -32.76
CA LEU B 399 -28.68 -2.07 -33.58
C LEU B 399 -28.19 -2.63 -34.93
N VAL B 400 -27.98 -1.76 -35.92
CA VAL B 400 -27.40 -2.09 -37.26
C VAL B 400 -26.57 -0.90 -37.75
N GLY B 407 -22.06 -5.92 -38.15
CA GLY B 407 -23.28 -5.46 -38.85
C GLY B 407 -24.36 -5.05 -37.87
N LYS B 408 -24.64 -5.90 -36.88
CA LYS B 408 -25.68 -5.65 -35.84
C LYS B 408 -25.08 -5.86 -34.44
N SER B 409 -25.70 -5.23 -33.44
CA SER B 409 -25.28 -5.21 -32.01
C SER B 409 -26.51 -5.01 -31.10
N THR B 410 -26.27 -4.71 -29.82
CA THR B 410 -27.26 -4.21 -28.82
C THR B 410 -26.73 -2.94 -28.13
N THR B 411 -27.64 -2.02 -27.78
CA THR B 411 -27.36 -0.82 -26.95
C THR B 411 -26.60 -1.26 -25.70
N PHE B 412 -27.00 -2.36 -25.06
CA PHE B 412 -26.40 -2.87 -23.80
C PHE B 412 -24.99 -3.41 -24.03
N GLU B 413 -24.77 -4.10 -25.15
CA GLU B 413 -23.46 -4.70 -25.53
C GLU B 413 -22.42 -3.57 -25.60
N GLN B 414 -22.85 -2.37 -26.01
CA GLN B 414 -21.99 -1.15 -26.10
C GLN B 414 -21.69 -0.53 -24.73
N LEU B 415 -22.34 -0.95 -23.62
CA LEU B 415 -22.15 -0.34 -22.27
C LEU B 415 -21.20 -1.17 -21.40
N HIS B 416 -20.65 -2.31 -21.88
CA HIS B 416 -19.78 -3.24 -21.10
C HIS B 416 -18.50 -2.54 -20.64
N ARG B 417 -18.01 -1.57 -21.40
CA ARG B 417 -16.76 -0.82 -21.05
C ARG B 417 -17.08 0.17 -19.93
N GLY B 418 -18.36 0.48 -19.74
CA GLY B 418 -18.82 1.36 -18.64
C GLY B 418 -18.35 2.79 -18.85
N ARG B 419 -18.39 3.26 -20.11
CA ARG B 419 -18.08 4.64 -20.52
C ARG B 419 -19.36 5.30 -21.03
N GLY B 420 -19.43 6.62 -21.04
CA GLY B 420 -20.49 7.37 -21.74
C GLY B 420 -20.55 6.92 -23.19
N VAL B 421 -21.73 6.90 -23.79
CA VAL B 421 -21.90 6.52 -25.22
C VAL B 421 -22.78 7.54 -25.92
N LEU B 422 -22.30 8.08 -27.05
CA LEU B 422 -23.16 8.84 -27.99
C LEU B 422 -23.70 7.85 -29.03
N PHE B 423 -24.98 7.48 -28.91
CA PHE B 423 -25.68 6.63 -29.91
C PHE B 423 -26.14 7.54 -31.05
N ALA B 424 -25.42 7.46 -32.18
CA ALA B 424 -25.69 8.27 -33.39
C ALA B 424 -26.56 7.45 -34.35
N PHE B 425 -27.88 7.67 -34.32
CA PHE B 425 -28.88 7.00 -35.21
C PHE B 425 -28.90 7.69 -36.58
N ASP B 427 -27.12 8.70 -39.68
CA ASP B 427 -26.27 9.11 -40.83
C ASP B 427 -25.44 10.36 -40.48
N ASP B 428 -26.05 11.34 -39.81
CA ASP B 428 -25.43 12.63 -39.38
C ASP B 428 -24.00 12.43 -38.84
N THR B 429 -23.18 13.48 -38.91
CA THR B 429 -21.86 13.57 -38.22
C THR B 429 -21.81 14.85 -37.38
N ALA B 430 -22.96 15.52 -37.15
CA ALA B 430 -23.09 16.75 -36.33
C ALA B 430 -22.70 16.46 -34.87
N GLY B 431 -23.42 15.53 -34.22
CA GLY B 431 -23.15 15.07 -32.85
C GLY B 431 -21.73 14.55 -32.67
N PRO B 432 -21.32 13.49 -33.39
CA PRO B 432 -19.97 12.93 -33.27
C PRO B 432 -18.82 13.94 -33.44
N GLN B 433 -19.02 15.00 -34.24
CA GLN B 433 -18.00 16.07 -34.42
C GLN B 433 -17.95 16.89 -33.12
N ALA B 434 -19.12 17.27 -32.58
CA ALA B 434 -19.26 18.06 -31.34
C ALA B 434 -18.60 17.32 -30.16
N ALA B 435 -18.68 15.99 -30.14
CA ALA B 435 -18.19 15.08 -29.06
C ALA B 435 -16.69 14.80 -29.17
N THR B 436 -16.03 15.32 -30.21
CA THR B 436 -14.58 15.12 -30.50
C THR B 436 -13.75 15.41 -29.24
N GLY B 437 -14.04 16.50 -28.55
CA GLY B 437 -13.33 16.94 -27.32
C GLY B 437 -13.55 15.98 -26.14
N TRP B 438 -14.51 15.05 -26.24
CA TRP B 438 -14.98 14.16 -25.14
C TRP B 438 -14.67 12.69 -25.44
N THR B 439 -13.77 12.43 -26.38
CA THR B 439 -13.50 11.07 -26.93
C THR B 439 -12.79 10.22 -25.88
N ASP B 440 -12.09 10.84 -24.94
CA ASP B 440 -11.38 10.10 -23.85
C ASP B 440 -12.39 9.48 -22.86
N ARG B 441 -13.66 9.91 -22.85
CA ARG B 441 -14.66 9.48 -21.83
C ARG B 441 -15.98 9.03 -22.46
N VAL B 442 -16.36 9.58 -23.62
CA VAL B 442 -17.60 9.21 -24.39
C VAL B 442 -17.18 8.50 -25.68
N ASP B 443 -17.73 7.31 -25.95
CA ASP B 443 -17.51 6.55 -27.20
C ASP B 443 -18.66 6.82 -28.16
N VAL B 444 -18.34 7.05 -29.43
CA VAL B 444 -19.33 7.27 -30.51
C VAL B 444 -19.70 5.90 -31.09
N VAL B 445 -20.99 5.62 -31.19
CA VAL B 445 -21.51 4.39 -31.84
C VAL B 445 -22.48 4.84 -32.92
N ARG B 446 -22.02 4.84 -34.18
CA ARG B 446 -22.86 5.07 -35.37
C ARG B 446 -23.56 3.73 -35.66
N ALA B 447 -24.86 3.66 -35.39
CA ALA B 447 -25.69 2.44 -35.59
C ALA B 447 -27.17 2.83 -35.46
N THR B 448 -28.02 2.17 -36.24
CA THR B 448 -29.46 2.50 -36.43
C THR B 448 -30.28 1.49 -35.63
N PRO B 449 -31.34 1.94 -34.92
CA PRO B 449 -32.26 1.03 -34.26
C PRO B 449 -33.48 0.70 -35.13
N ASP B 456 -42.10 1.88 -29.57
CA ASP B 456 -40.96 2.28 -30.45
C ASP B 456 -40.16 3.39 -29.76
N PRO B 457 -39.22 3.07 -28.84
CA PRO B 457 -38.76 4.03 -27.84
C PRO B 457 -37.77 5.10 -28.35
N PHE B 458 -37.08 4.81 -29.47
CA PHE B 458 -36.08 5.70 -30.08
C PHE B 458 -36.67 6.45 -31.28
N HIS B 459 -37.93 6.17 -31.64
CA HIS B 459 -38.61 6.75 -32.82
C HIS B 459 -38.58 8.28 -32.74
N GLY B 460 -38.25 8.94 -33.85
CA GLY B 460 -38.23 10.41 -33.95
C GLY B 460 -36.96 11.00 -33.36
N LEU B 461 -35.98 10.17 -33.01
CA LEU B 461 -34.67 10.61 -32.46
C LEU B 461 -33.58 10.24 -33.46
N ASP B 462 -32.64 11.16 -33.69
CA ASP B 462 -31.42 10.92 -34.52
C ASP B 462 -30.25 10.49 -33.63
N ALA B 463 -30.24 10.84 -32.34
CA ALA B 463 -29.16 10.46 -31.40
C ALA B 463 -29.59 10.55 -29.92
N VAL B 464 -29.03 9.64 -29.11
CA VAL B 464 -29.18 9.56 -27.62
C VAL B 464 -27.77 9.59 -27.01
N LEU B 465 -27.56 10.44 -26.02
CA LEU B 465 -26.34 10.44 -25.18
C LEU B 465 -26.68 9.77 -23.85
N VAL B 466 -25.80 8.87 -23.41
CA VAL B 466 -26.01 7.99 -22.23
C VAL B 466 -24.82 8.16 -21.28
N ARG B 467 -25.11 8.37 -19.99
CA ARG B 467 -24.11 8.38 -18.90
C ARG B 467 -23.56 6.97 -18.73
N PRO B 468 -22.38 6.79 -18.14
CA PRO B 468 -21.81 5.44 -18.00
C PRO B 468 -22.74 4.44 -17.29
N ASP B 469 -23.75 4.91 -16.54
CA ASP B 469 -24.69 4.05 -15.76
C ASP B 469 -25.88 3.61 -16.62
N GLY B 470 -26.00 4.13 -17.85
CA GLY B 470 -27.07 3.73 -18.80
C GLY B 470 -28.20 4.74 -18.86
N TYR B 471 -28.15 5.80 -18.05
CA TYR B 471 -29.23 6.81 -17.95
C TYR B 471 -29.01 7.87 -19.04
N VAL B 472 -30.12 8.27 -19.68
CA VAL B 472 -30.13 9.19 -20.87
C VAL B 472 -30.00 10.64 -20.40
N ALA B 473 -28.85 11.26 -20.69
CA ALA B 473 -28.47 12.64 -20.31
C ALA B 473 -28.91 13.66 -21.36
N TRP B 474 -29.22 13.22 -22.60
CA TRP B 474 -29.56 14.13 -23.73
C TRP B 474 -30.04 13.30 -24.93
N VAL B 475 -30.90 13.88 -25.77
CA VAL B 475 -31.41 13.25 -27.02
C VAL B 475 -31.39 14.31 -28.13
N ALA B 476 -31.20 13.89 -29.37
CA ALA B 476 -31.37 14.75 -30.56
C ALA B 476 -32.69 14.39 -31.23
N PRO B 477 -33.66 15.33 -31.30
CA PRO B 477 -34.74 15.25 -32.29
C PRO B 477 -34.24 15.53 -33.72
N ALA B 478 -34.91 14.97 -34.75
CA ALA B 478 -34.57 15.10 -36.19
C ALA B 478 -34.51 16.58 -36.59
N GLY B 481 -29.93 18.59 -34.21
CA GLY B 481 -28.63 18.07 -34.67
C GLY B 481 -27.68 17.78 -33.51
N ALA B 482 -26.77 18.72 -33.21
CA ALA B 482 -25.86 18.72 -32.04
C ALA B 482 -26.37 19.74 -31.01
N ALA B 483 -27.68 20.00 -30.99
CA ALA B 483 -28.35 21.06 -30.22
C ALA B 483 -28.24 20.82 -28.71
N GLY B 484 -27.18 21.32 -28.07
CA GLY B 484 -26.99 21.30 -26.60
C GLY B 484 -26.18 20.11 -26.11
N LEU B 485 -25.64 19.30 -27.02
CA LEU B 485 -24.79 18.11 -26.71
C LEU B 485 -23.53 18.54 -25.95
N ASP B 486 -22.95 19.70 -26.28
CA ASP B 486 -21.75 20.29 -25.63
C ASP B 486 -22.12 20.68 -24.19
N GLU B 487 -23.35 21.12 -23.96
CA GLU B 487 -23.90 21.45 -22.62
C GLU B 487 -24.04 20.17 -21.79
N ALA B 488 -24.57 19.10 -22.39
CA ALA B 488 -24.82 17.78 -21.74
C ALA B 488 -23.48 17.11 -21.44
N LEU B 489 -22.54 17.11 -22.39
CA LEU B 489 -21.20 16.49 -22.22
C LEU B 489 -20.44 17.16 -21.06
N SER B 490 -20.48 18.49 -20.98
CA SER B 490 -19.75 19.31 -19.99
C SER B 490 -20.36 19.10 -18.59
N ARG B 491 -21.67 19.00 -18.52
CA ARG B 491 -22.41 18.80 -17.26
C ARG B 491 -22.03 17.43 -16.65
N TRP B 492 -22.01 16.35 -17.45
CA TRP B 492 -21.92 14.95 -16.94
C TRP B 492 -20.48 14.43 -17.04
N PHE B 493 -19.68 14.92 -17.97
CA PHE B 493 -18.35 14.34 -18.28
C PHE B 493 -17.22 15.36 -18.12
N GLY B 494 -17.54 16.66 -18.05
CA GLY B 494 -16.58 17.69 -17.64
C GLY B 494 -16.03 18.51 -18.82
N PRO B 495 -14.95 19.28 -18.61
CA PRO B 495 -14.34 20.09 -19.67
C PRO B 495 -13.84 19.27 -20.85
N SER B 496 -13.91 19.83 -22.06
CA SER B 496 -13.32 19.22 -23.29
C SER B 496 -11.80 19.14 -23.18
N ARG B 497 -11.17 18.26 -23.95
CA ARG B 497 -9.69 18.23 -24.17
C ARG B 497 -9.30 19.48 -25.01
N THR C 3 3.60 -1.29 -23.16
CA THR C 3 3.48 -2.14 -21.95
C THR C 3 4.64 -1.80 -21.00
N ILE C 4 5.85 -1.50 -21.50
CA ILE C 4 6.98 -1.00 -20.65
C ILE C 4 6.88 0.51 -20.44
N ASP C 5 7.23 0.98 -19.25
CA ASP C 5 7.26 2.43 -18.89
C ASP C 5 8.60 3.05 -19.26
N ALA C 6 9.66 2.26 -19.32
CA ALA C 6 11.03 2.69 -19.70
C ALA C 6 11.83 1.45 -20.02
N GLU C 7 12.88 1.59 -20.84
CA GLU C 7 13.77 0.46 -21.16
C GLU C 7 14.52 0.11 -19.89
N VAL C 8 14.94 1.12 -19.12
CA VAL C 8 15.60 0.87 -17.80
C VAL C 8 14.89 1.69 -16.73
N ILE C 9 14.61 1.04 -15.59
CA ILE C 9 14.27 1.65 -14.28
C ILE C 9 15.47 1.52 -13.34
N ILE C 10 15.90 2.63 -12.78
CA ILE C 10 16.94 2.69 -11.75
C ILE C 10 16.26 2.96 -10.40
N VAL C 11 16.57 2.14 -9.40
CA VAL C 11 16.15 2.38 -7.99
C VAL C 11 17.28 3.07 -7.26
N GLY C 12 17.12 4.35 -6.98
CA GLY C 12 18.14 5.16 -6.30
C GLY C 12 18.48 6.36 -7.15
N ALA C 13 18.20 7.56 -6.63
CA ALA C 13 18.68 8.85 -7.17
C ALA C 13 19.80 9.39 -6.27
N GLY C 14 20.63 8.52 -5.72
CA GLY C 14 21.98 8.84 -5.25
C GLY C 14 22.90 9.16 -6.41
N PRO C 15 24.19 9.46 -6.15
CA PRO C 15 25.11 9.86 -7.22
C PRO C 15 25.32 8.69 -8.20
N THR C 16 25.26 7.45 -7.73
CA THR C 16 25.43 6.28 -8.61
C THR C 16 24.29 6.23 -9.62
N GLY C 17 23.05 6.32 -9.15
CA GLY C 17 21.86 6.21 -10.00
C GLY C 17 21.77 7.38 -10.95
N LEU C 18 22.08 8.57 -10.47
CA LEU C 18 22.03 9.78 -11.32
C LEU C 18 23.15 9.72 -12.38
N MET C 19 24.34 9.23 -12.05
CA MET C 19 25.42 9.11 -13.10
C MET C 19 24.98 8.11 -14.18
N LEU C 20 24.43 6.98 -13.75
CA LEU C 20 23.98 5.89 -14.65
C LEU C 20 22.87 6.41 -15.56
N ALA C 21 21.98 7.25 -15.04
CA ALA C 21 20.86 7.80 -15.85
C ALA C 21 21.44 8.70 -16.93
N GLY C 22 22.40 9.55 -16.55
CA GLY C 22 23.19 10.36 -17.49
C GLY C 22 23.75 9.46 -18.58
N GLU C 23 24.42 8.38 -18.19
CA GLU C 23 25.10 7.47 -19.15
C GLU C 23 24.04 6.87 -20.08
N LEU C 24 22.90 6.47 -19.53
CA LEU C 24 21.91 5.73 -20.33
C LEU C 24 21.25 6.70 -21.31
N ARG C 25 21.00 7.94 -20.90
CA ARG C 25 20.40 8.95 -21.78
C ARG C 25 21.38 9.24 -22.91
N LEU C 26 22.68 9.28 -22.64
CA LEU C 26 23.70 9.56 -23.70
C LEU C 26 23.59 8.47 -24.76
N ASN C 27 23.12 7.28 -24.36
CA ASN C 27 22.90 6.14 -25.26
C ASN C 27 21.43 6.06 -25.69
N ASN C 28 20.64 7.10 -25.44
CA ASN C 28 19.22 7.15 -25.89
C ASN C 28 18.41 5.98 -25.32
N VAL C 29 18.76 5.49 -24.14
CA VAL C 29 17.96 4.45 -23.43
C VAL C 29 16.91 5.15 -22.57
N SER C 30 15.62 4.87 -22.80
CA SER C 30 14.55 5.52 -22.01
C SER C 30 14.73 5.04 -20.56
N THR C 31 14.73 5.99 -19.61
CA THR C 31 15.21 5.80 -18.23
C THR C 31 14.27 6.48 -17.25
N ILE C 32 13.73 5.72 -16.31
CA ILE C 32 13.07 6.20 -15.06
C ILE C 32 13.98 5.91 -13.88
N VAL C 33 14.19 6.91 -13.05
CA VAL C 33 14.92 6.82 -11.77
C VAL C 33 13.86 6.97 -10.65
N LEU C 34 13.71 5.96 -9.78
CA LEU C 34 12.77 5.98 -8.60
C LEU C 34 13.58 6.30 -7.34
N ASP C 35 13.09 7.20 -6.50
CA ASP C 35 13.66 7.42 -5.15
C ASP C 35 12.52 7.68 -4.17
N ARG C 36 12.52 6.92 -3.07
CA ARG C 36 11.51 7.01 -1.99
C ARG C 36 11.63 8.35 -1.25
N LEU C 37 12.78 9.02 -1.28
CA LEU C 37 12.94 10.35 -0.63
C LEU C 37 12.21 11.39 -1.47
N ALA C 38 11.34 12.20 -0.85
CA ALA C 38 10.54 13.21 -1.56
C ALA C 38 11.47 14.31 -2.07
N GLU C 39 12.63 14.48 -1.42
CA GLU C 39 13.65 15.45 -1.89
C GLU C 39 15.04 14.85 -1.66
N PRO C 40 16.07 15.39 -2.33
CA PRO C 40 17.44 14.95 -2.08
C PRO C 40 17.78 15.15 -0.59
N MET C 41 18.50 14.20 0.01
CA MET C 41 19.11 14.33 1.36
C MET C 41 19.90 15.66 1.40
N GLN C 42 19.61 16.51 2.41
CA GLN C 42 20.17 17.88 2.56
C GLN C 42 21.63 17.79 3.03
N GLN C 43 21.90 16.93 4.01
CA GLN C 43 23.23 16.72 4.63
C GLN C 43 24.12 15.94 3.65
N SER C 44 25.41 16.25 3.64
CA SER C 44 26.42 15.73 2.68
C SER C 44 27.31 14.73 3.41
N ARG C 45 27.16 13.44 3.10
CA ARG C 45 28.05 12.35 3.61
C ARG C 45 29.47 12.60 3.11
N ALA C 46 29.70 12.51 1.80
CA ALA C 46 31.04 12.74 1.21
C ALA C 46 31.22 14.24 0.97
N LEU C 47 32.47 14.73 1.14
CA LEU C 47 32.90 16.15 0.99
C LEU C 47 33.81 16.29 -0.24
N GLY C 48 33.93 15.21 -1.03
CA GLY C 48 34.58 15.30 -2.35
C GLY C 48 34.39 14.03 -3.16
N PHE C 49 35.43 13.67 -3.94
CA PHE C 49 35.50 12.41 -4.73
C PHE C 49 36.92 12.24 -5.31
N SER C 50 37.19 11.07 -5.89
CA SER C 50 38.52 10.63 -6.38
C SER C 50 38.92 11.35 -7.67
N ALA C 51 40.23 11.31 -7.95
CA ALA C 51 40.85 11.83 -9.18
C ALA C 51 40.19 11.19 -10.41
N ARG C 52 40.01 9.88 -10.40
CA ARG C 52 39.39 9.19 -11.56
C ARG C 52 37.93 9.65 -11.69
N THR C 53 37.25 9.94 -10.58
CA THR C 53 35.86 10.46 -10.61
C THR C 53 35.85 11.86 -11.25
N ILE C 54 36.79 12.72 -10.85
CA ILE C 54 36.97 14.06 -11.49
C ILE C 54 37.04 13.82 -13.00
N GLU C 55 37.90 12.91 -13.40
CA GLU C 55 38.14 12.60 -14.84
C GLU C 55 36.85 12.10 -15.50
N GLU C 56 36.10 11.22 -14.84
CA GLU C 56 34.87 10.65 -15.47
C GLU C 56 33.78 11.74 -15.52
N PHE C 57 33.78 12.69 -14.60
CA PHE C 57 32.90 13.89 -14.70
C PHE C 57 33.36 14.73 -15.91
N ASP C 58 34.68 14.89 -16.08
CA ASP C 58 35.27 15.79 -17.09
C ASP C 58 35.08 15.21 -18.49
N GLN C 59 35.03 13.88 -18.59
CA GLN C 59 34.82 13.10 -19.84
C GLN C 59 33.43 13.35 -20.42
N ARG C 60 32.48 13.85 -19.62
CA ARG C 60 31.07 14.08 -20.08
C ARG C 60 30.71 15.57 -20.03
N GLY C 61 31.68 16.48 -19.84
CA GLY C 61 31.46 17.94 -19.71
C GLY C 61 30.78 18.30 -18.39
N LEU C 62 30.82 17.42 -17.39
CA LEU C 62 30.10 17.62 -16.11
C LEU C 62 30.93 18.49 -15.16
N LEU C 63 32.25 18.38 -15.17
CA LEU C 63 33.10 19.04 -14.14
C LEU C 63 32.95 20.57 -14.26
N ALA C 64 32.62 21.07 -15.45
CA ALA C 64 32.46 22.51 -15.75
C ALA C 64 31.19 23.04 -15.06
N ARG C 65 30.22 22.19 -14.72
CA ARG C 65 29.01 22.60 -13.96
C ARG C 65 29.38 22.97 -12.52
N PHE C 66 30.56 22.56 -12.01
CA PHE C 66 31.03 22.88 -10.63
C PHE C 66 31.75 24.23 -10.61
N GLY C 67 32.08 24.77 -11.80
CA GLY C 67 32.97 25.94 -11.95
C GLY C 67 34.43 25.54 -11.84
N GLU C 68 35.15 26.04 -10.84
CA GLU C 68 36.56 25.59 -10.59
C GLU C 68 36.54 24.54 -9.47
N VAL C 69 37.31 23.46 -9.66
CA VAL C 69 37.43 22.29 -8.75
C VAL C 69 38.89 22.13 -8.36
N GLY C 70 39.23 22.49 -7.12
CA GLY C 70 40.57 22.32 -6.55
C GLY C 70 40.76 20.90 -6.07
N THR C 71 42.02 20.45 -6.00
CA THR C 71 42.37 19.08 -5.53
C THR C 71 43.21 19.18 -4.25
N ILE C 72 43.28 18.07 -3.52
CA ILE C 72 44.17 17.89 -2.34
C ILE C 72 45.43 17.18 -2.85
N PRO C 73 46.58 17.87 -2.89
CA PRO C 73 47.78 17.33 -3.54
C PRO C 73 48.36 16.14 -2.77
N PHE C 74 48.26 16.15 -1.44
CA PHE C 74 48.85 15.11 -0.54
C PHE C 74 47.77 14.47 0.32
N GLY C 75 48.04 13.22 0.73
CA GLY C 75 47.30 12.50 1.79
C GLY C 75 48.15 11.40 2.38
N HIS C 76 47.54 10.25 2.70
CA HIS C 76 48.17 9.12 3.46
C HIS C 76 47.68 7.76 2.95
N PHE C 77 48.36 6.69 3.34
CA PHE C 77 47.82 5.31 3.32
C PHE C 77 48.04 4.65 4.68
N GLY C 78 46.96 4.48 5.44
CA GLY C 78 47.00 3.86 6.79
C GLY C 78 47.77 4.69 7.82
N GLY C 79 47.86 6.01 7.62
CA GLY C 79 48.63 6.97 8.44
C GLY C 79 49.99 7.29 7.85
N VAL C 80 50.42 6.54 6.81
CA VAL C 80 51.73 6.71 6.12
C VAL C 80 51.57 7.78 5.07
N PRO C 81 52.27 8.94 5.17
CA PRO C 81 52.14 10.01 4.19
C PRO C 81 52.52 9.60 2.75
N LEU C 82 51.85 10.19 1.75
CA LEU C 82 52.09 9.94 0.30
C LEU C 82 51.80 11.20 -0.51
N ASP C 83 52.66 11.47 -1.49
CA ASP C 83 52.43 12.48 -2.56
C ASP C 83 51.59 11.80 -3.66
N TYR C 84 50.31 12.17 -3.76
CA TYR C 84 49.36 11.56 -4.71
C TYR C 84 49.62 12.11 -6.12
N ARG C 85 50.69 12.87 -6.32
CA ARG C 85 51.06 13.43 -7.65
C ARG C 85 52.12 12.54 -8.35
N VAL C 86 52.64 11.50 -7.68
CA VAL C 86 53.61 10.50 -8.25
C VAL C 86 53.00 9.81 -9.47
N ILE C 87 51.67 9.76 -9.58
CA ILE C 87 50.98 9.37 -10.86
C ILE C 87 50.45 10.63 -11.57
N LYS C 88 50.61 10.69 -12.88
CA LYS C 88 50.13 11.83 -13.71
C LYS C 88 48.60 11.85 -13.62
N GLY C 89 48.04 13.04 -13.36
CA GLY C 89 46.60 13.29 -13.11
C GLY C 89 46.17 12.94 -11.68
N GLY C 90 47.12 12.79 -10.75
CA GLY C 90 46.84 12.20 -9.42
C GLY C 90 46.65 13.22 -8.31
N SER C 91 45.85 12.89 -7.30
CA SER C 91 45.57 13.70 -6.10
C SER C 91 44.81 12.86 -5.05
N TYR C 92 44.78 13.31 -3.81
CA TYR C 92 43.99 12.66 -2.75
C TYR C 92 42.50 12.91 -3.04
N GLY C 93 42.21 13.77 -4.02
CA GLY C 93 40.87 13.92 -4.59
C GLY C 93 40.35 15.33 -4.40
N ALA C 94 39.23 15.64 -5.05
CA ALA C 94 38.57 16.97 -5.09
C ALA C 94 38.40 17.55 -3.67
N ARG C 95 38.61 18.87 -3.56
CA ARG C 95 38.57 19.64 -2.30
C ARG C 95 37.19 20.32 -2.13
N GLY C 96 36.57 20.04 -0.99
CA GLY C 96 35.37 20.73 -0.47
C GLY C 96 34.21 20.77 -1.45
N ILE C 97 33.84 19.64 -2.07
CA ILE C 97 32.59 19.52 -2.88
C ILE C 97 31.66 18.55 -2.16
N PRO C 98 30.67 19.04 -1.37
CA PRO C 98 29.72 18.17 -0.68
C PRO C 98 28.91 17.25 -1.60
N GLN C 99 28.53 16.07 -1.10
CA GLN C 99 27.75 15.08 -1.88
C GLN C 99 26.45 15.72 -2.41
N SER C 100 25.70 16.41 -1.55
CA SER C 100 24.46 17.15 -1.93
C SER C 100 24.72 17.98 -3.20
N ARG C 101 25.89 18.61 -3.30
CA ARG C 101 26.22 19.44 -4.48
C ARG C 101 26.50 18.48 -5.65
N THR C 102 27.24 17.40 -5.44
CA THR C 102 27.52 16.40 -6.51
C THR C 102 26.18 15.83 -7.02
N GLU C 103 25.29 15.39 -6.12
CA GLU C 103 23.96 14.87 -6.51
C GLU C 103 23.19 15.96 -7.26
N GLY C 104 23.25 17.21 -6.78
CA GLY C 104 22.57 18.35 -7.40
C GLY C 104 22.89 18.42 -8.88
N MET C 105 24.17 18.35 -9.24
CA MET C 105 24.55 18.57 -10.66
C MET C 105 24.28 17.30 -11.47
N LEU C 106 24.48 16.10 -10.92
CA LEU C 106 24.14 14.84 -11.65
C LEU C 106 22.65 14.78 -11.93
N ALA C 107 21.81 15.17 -10.97
CA ALA C 107 20.34 15.27 -11.20
C ALA C 107 20.11 16.22 -12.36
N ALA C 108 20.70 17.42 -12.32
CA ALA C 108 20.48 18.46 -13.34
C ALA C 108 20.91 17.90 -14.68
N ALA C 109 22.13 17.39 -14.74
CA ALA C 109 22.67 16.62 -15.87
C ALA C 109 21.64 15.64 -16.42
N ALA C 110 21.21 14.66 -15.61
CA ALA C 110 20.39 13.53 -16.07
C ALA C 110 19.02 14.01 -16.57
N VAL C 111 18.41 15.03 -15.94
CA VAL C 111 17.05 15.53 -16.34
C VAL C 111 17.17 16.32 -17.66
N GLU C 112 18.21 17.12 -17.88
CA GLU C 112 18.44 17.78 -19.20
C GLU C 112 18.49 16.73 -20.32
N LEU C 113 19.16 15.59 -20.10
CA LEU C 113 19.28 14.50 -21.13
C LEU C 113 17.99 13.67 -21.27
N GLY C 114 16.91 14.01 -20.53
CA GLY C 114 15.59 13.38 -20.65
C GLY C 114 15.38 12.18 -19.72
N ALA C 115 16.22 12.01 -18.69
CA ALA C 115 15.98 11.01 -17.63
C ALA C 115 14.78 11.51 -16.82
N GLU C 116 13.89 10.61 -16.46
CA GLU C 116 12.66 10.97 -15.70
C GLU C 116 12.88 10.57 -14.23
N LEU C 117 12.98 11.57 -13.36
CA LEU C 117 13.18 11.41 -11.91
C LEU C 117 11.79 11.45 -11.25
N ARG C 118 11.33 10.34 -10.66
CA ARG C 118 10.09 10.29 -9.85
C ARG C 118 10.43 10.11 -8.36
N ARG C 119 10.25 11.17 -7.57
CA ARG C 119 10.57 11.21 -6.13
C ARG C 119 9.35 10.78 -5.30
N GLY C 120 9.54 10.45 -4.03
CA GLY C 120 8.50 9.90 -3.15
C GLY C 120 7.89 8.62 -3.71
N GLN C 121 8.70 7.73 -4.28
CA GLN C 121 8.27 6.45 -4.89
C GLN C 121 9.19 5.35 -4.38
N GLU C 122 8.64 4.51 -3.51
CA GLU C 122 9.38 3.44 -2.83
C GLU C 122 9.11 2.11 -3.54
N VAL C 123 10.16 1.47 -4.05
CA VAL C 123 10.07 0.08 -4.58
C VAL C 123 9.90 -0.87 -3.39
N VAL C 124 8.90 -1.76 -3.43
CA VAL C 124 8.66 -2.77 -2.33
C VAL C 124 8.69 -4.18 -2.92
N SER C 125 8.54 -4.34 -4.21
CA SER C 125 8.64 -5.67 -4.84
C SER C 125 9.24 -5.59 -6.26
N ILE C 126 10.01 -6.61 -6.57
CA ILE C 126 10.70 -6.78 -7.89
C ILE C 126 10.31 -8.15 -8.43
N ASP C 127 10.11 -8.23 -9.74
CA ASP C 127 9.76 -9.47 -10.46
C ASP C 127 10.52 -9.43 -11.78
N ASP C 128 11.51 -10.32 -11.95
CA ASP C 128 12.21 -10.56 -13.23
C ASP C 128 11.68 -11.89 -13.77
N ASP C 129 10.90 -11.86 -14.84
CA ASP C 129 10.27 -13.09 -15.40
C ASP C 129 11.00 -13.55 -16.66
N GLY C 130 12.11 -12.88 -17.00
CA GLY C 130 13.04 -13.32 -18.05
C GLY C 130 12.90 -12.52 -19.31
N THR C 131 11.73 -11.92 -19.55
CA THR C 131 11.42 -11.03 -20.71
C THR C 131 11.49 -9.54 -20.34
N GLY C 132 11.26 -9.22 -19.07
CA GLY C 132 11.35 -7.86 -18.52
C GLY C 132 11.36 -7.89 -17.02
N VAL C 133 11.34 -6.72 -16.39
CA VAL C 133 11.27 -6.60 -14.91
C VAL C 133 10.07 -5.71 -14.62
N ALA C 134 9.33 -6.06 -13.58
CA ALA C 134 8.22 -5.28 -13.03
C ALA C 134 8.62 -4.88 -11.61
N VAL C 135 8.29 -3.65 -11.26
CA VAL C 135 8.57 -3.04 -9.95
C VAL C 135 7.22 -2.51 -9.43
N VAL C 136 6.88 -2.86 -8.19
CA VAL C 136 5.68 -2.34 -7.49
C VAL C 136 6.14 -1.19 -6.59
N VAL C 137 5.53 -0.04 -6.77
CA VAL C 137 5.99 1.19 -6.10
C VAL C 137 4.84 1.70 -5.24
N ARG C 138 5.14 2.14 -4.01
CA ARG C 138 4.21 2.92 -3.16
C ARG C 138 4.40 4.38 -3.51
N THR C 139 3.31 5.06 -3.89
CA THR C 139 3.29 6.51 -4.21
C THR C 139 2.10 7.18 -3.52
N ALA C 140 2.12 8.51 -3.56
CA ALA C 140 1.08 9.44 -3.03
C ALA C 140 -0.15 9.41 -3.94
N ASP C 141 -0.06 8.72 -5.07
CA ASP C 141 -1.16 8.58 -6.08
C ASP C 141 -1.58 7.12 -6.20
N GLY C 142 -1.27 6.28 -5.20
CA GLY C 142 -1.59 4.85 -5.17
C GLY C 142 -0.38 3.96 -5.46
N GLU C 143 -0.53 2.66 -5.23
CA GLU C 143 0.43 1.60 -5.58
C GLU C 143 0.45 1.42 -7.10
N GLN C 144 1.62 1.40 -7.73
CA GLN C 144 1.74 1.25 -9.21
C GLN C 144 2.68 0.10 -9.52
N THR C 145 2.43 -0.56 -10.65
CA THR C 145 3.40 -1.52 -11.23
C THR C 145 4.06 -0.83 -12.41
N LEU C 146 5.39 -0.67 -12.36
CA LEU C 146 6.18 -0.13 -13.49
C LEU C 146 6.96 -1.30 -14.10
N ARG C 147 7.14 -1.27 -15.41
CA ARG C 147 7.80 -2.35 -16.18
C ARG C 147 8.91 -1.76 -17.07
N ALA C 148 10.02 -2.49 -17.13
CA ALA C 148 11.22 -2.13 -17.91
C ALA C 148 11.83 -3.42 -18.46
N LYS C 149 12.83 -3.26 -19.33
CA LYS C 149 13.61 -4.38 -19.90
C LYS C 149 14.60 -4.85 -18.84
N TYR C 150 15.15 -3.91 -18.08
CA TYR C 150 16.29 -4.11 -17.16
C TYR C 150 16.04 -3.23 -15.96
N LEU C 151 16.33 -3.78 -14.77
CA LEU C 151 16.26 -3.06 -13.49
C LEU C 151 17.68 -2.93 -12.97
N VAL C 152 18.02 -1.76 -12.46
CA VAL C 152 19.34 -1.54 -11.84
C VAL C 152 19.08 -1.13 -10.40
N GLY C 153 19.69 -1.84 -9.47
CA GLY C 153 19.68 -1.43 -8.06
C GLY C 153 20.81 -0.50 -7.79
N ALA C 154 20.56 0.81 -7.80
CA ALA C 154 21.48 1.86 -7.28
C ALA C 154 20.94 2.34 -5.94
N ASP C 155 20.46 1.43 -5.11
CA ASP C 155 19.58 1.77 -3.97
C ASP C 155 20.32 1.58 -2.63
N GLY C 156 21.64 1.70 -2.59
CA GLY C 156 22.38 1.87 -1.33
C GLY C 156 22.65 0.57 -0.58
N ALA C 157 23.31 0.72 0.58
CA ALA C 157 23.82 -0.33 1.50
C ALA C 157 22.79 -1.40 1.80
N ARG C 158 21.51 -1.03 1.94
CA ARG C 158 20.46 -1.99 2.38
C ARG C 158 19.60 -2.41 1.18
N SER C 159 20.08 -2.08 -0.03
CA SER C 159 19.47 -2.38 -1.37
C SER C 159 18.29 -3.33 -1.24
N THR C 160 17.07 -2.79 -1.33
CA THR C 160 15.86 -3.60 -1.63
C THR C 160 16.12 -4.48 -2.86
N VAL C 161 16.73 -3.90 -3.92
CA VAL C 161 16.86 -4.63 -5.21
C VAL C 161 17.76 -5.84 -5.01
N ARG C 162 18.88 -5.68 -4.29
CA ARG C 162 19.83 -6.78 -4.07
C ARG C 162 19.17 -7.93 -3.29
N LYS C 163 18.39 -7.58 -2.27
CA LYS C 163 17.69 -8.55 -1.39
C LYS C 163 16.62 -9.26 -2.20
N ALA C 164 15.90 -8.51 -3.03
CA ALA C 164 14.78 -9.02 -3.86
C ALA C 164 15.35 -9.93 -4.96
N ALA C 165 16.60 -9.70 -5.40
CA ALA C 165 17.25 -10.53 -6.45
C ALA C 165 17.86 -11.79 -5.83
N GLY C 166 18.04 -11.80 -4.52
CA GLY C 166 18.51 -12.99 -3.81
C GLY C 166 20.02 -13.07 -3.81
N ILE C 167 20.68 -11.93 -3.96
CA ILE C 167 22.15 -11.84 -4.21
C ILE C 167 22.82 -11.58 -2.86
N ASP C 168 23.79 -12.42 -2.54
CA ASP C 168 24.47 -12.45 -1.23
C ASP C 168 25.30 -11.18 -1.11
N PHE C 169 25.57 -10.77 0.14
CA PHE C 169 26.32 -9.55 0.48
C PHE C 169 27.42 -9.91 1.47
N PRO C 170 28.35 -10.80 1.11
CA PRO C 170 29.37 -11.24 2.06
C PRO C 170 30.40 -10.16 2.42
N GLY C 171 31.01 -10.35 3.59
CA GLY C 171 32.10 -9.51 4.10
C GLY C 171 32.15 -9.56 5.61
N THR C 172 32.55 -8.44 6.21
CA THR C 172 32.91 -8.33 7.64
C THR C 172 31.86 -7.51 8.36
N ASP C 173 31.48 -7.95 9.56
CA ASP C 173 30.68 -7.14 10.52
C ASP C 173 31.48 -5.92 10.94
N PRO C 174 30.78 -4.83 11.32
CA PRO C 174 31.47 -3.67 11.89
C PRO C 174 32.25 -4.15 13.11
N THR C 175 33.46 -3.62 13.35
CA THR C 175 34.21 -3.85 14.61
C THR C 175 34.41 -2.53 15.33
N MET C 176 33.94 -1.41 14.77
CA MET C 176 34.16 -0.09 15.39
C MET C 176 33.16 0.90 14.79
N GLU C 177 33.05 2.06 15.44
CA GLU C 177 32.24 3.19 14.92
C GLU C 177 33.10 4.45 14.86
N MET C 178 32.82 5.30 13.88
CA MET C 178 33.20 6.71 13.95
C MET C 178 31.91 7.52 14.09
N TRP C 179 32.00 8.65 14.79
CA TRP C 179 30.87 9.57 15.07
C TRP C 179 31.18 10.91 14.42
N LEU C 180 30.15 11.51 13.84
CA LEU C 180 30.27 12.72 13.02
C LEU C 180 29.36 13.78 13.64
N ALA C 181 29.85 15.01 13.78
CA ALA C 181 29.04 16.17 14.17
C ALA C 181 29.52 17.37 13.36
N ASP C 182 28.61 18.00 12.62
CA ASP C 182 28.82 19.35 12.02
C ASP C 182 28.38 20.39 13.06
N VAL C 183 29.15 21.45 13.23
CA VAL C 183 28.91 22.48 14.27
C VAL C 183 29.47 23.80 13.76
N ALA C 184 28.72 24.89 13.95
CA ALA C 184 29.09 26.25 13.53
C ALA C 184 29.50 27.05 14.77
N GLY C 185 30.53 27.89 14.64
CA GLY C 185 30.88 28.95 15.60
C GLY C 185 31.95 28.56 16.61
N CYS C 186 32.46 27.32 16.56
CA CYS C 186 33.47 26.78 17.51
C CYS C 186 34.90 27.16 17.08
N ASP C 187 35.09 27.68 15.86
CA ASP C 187 36.39 28.10 15.26
C ASP C 187 37.50 27.11 15.63
N LEU C 188 37.34 25.82 15.33
CA LEU C 188 38.29 24.76 15.75
C LEU C 188 39.48 24.71 14.81
N ARG C 189 40.59 24.20 15.34
CA ARG C 189 41.80 23.83 14.55
C ARG C 189 41.47 22.67 13.61
N LEU C 190 41.67 22.88 12.31
CA LEU C 190 41.49 21.87 11.24
C LEU C 190 42.48 20.70 11.48
N ARG C 191 41.99 19.48 11.31
CA ARG C 191 42.73 18.19 11.43
C ARG C 191 42.29 17.28 10.26
N PHE C 192 42.60 17.68 9.03
CA PHE C 192 42.07 17.09 7.76
C PHE C 192 42.35 15.57 7.70
N SER C 193 43.61 15.16 7.86
CA SER C 193 44.07 13.75 7.63
C SER C 193 43.72 12.88 8.85
N GLY C 194 43.41 13.51 9.98
CA GLY C 194 43.18 12.83 11.27
C GLY C 194 44.40 12.96 12.15
N GLU C 195 44.18 12.98 13.45
CA GLU C 195 45.27 13.12 14.45
C GLU C 195 45.05 12.04 15.51
N LEU C 196 46.07 11.21 15.72
CA LEU C 196 46.07 10.17 16.76
C LEU C 196 46.35 10.85 18.11
N VAL C 197 45.52 10.50 19.10
CA VAL C 197 45.59 11.05 20.48
C VAL C 197 45.44 9.85 21.38
N PRO C 198 45.91 9.93 22.64
CA PRO C 198 45.79 8.79 23.56
C PRO C 198 44.28 8.60 23.68
N GLY C 199 43.80 7.38 23.45
CA GLY C 199 42.36 7.05 23.55
C GLY C 199 41.69 6.94 22.19
N GLY C 200 42.27 7.50 21.13
CA GLY C 200 41.85 7.19 19.75
C GLY C 200 42.27 8.23 18.73
N MET C 201 41.30 8.75 17.99
CA MET C 201 41.56 9.54 16.75
C MET C 201 40.48 10.62 16.61
N VAL C 202 40.87 11.73 16.01
CA VAL C 202 40.02 12.96 15.93
C VAL C 202 40.25 13.57 14.55
N MET C 203 39.17 13.83 13.83
CA MET C 203 39.20 14.62 12.57
C MET C 203 38.39 15.90 12.79
N VAL C 204 38.86 17.00 12.21
CA VAL C 204 38.16 18.30 12.18
C VAL C 204 38.34 18.85 10.77
N LEU C 205 37.25 18.96 9.98
CA LEU C 205 37.33 19.37 8.55
C LEU C 205 36.58 20.69 8.36
N PRO C 206 37.04 21.56 7.45
CA PRO C 206 36.29 22.76 7.08
C PRO C 206 35.00 22.42 6.31
N LEU C 207 33.83 22.81 6.84
CA LEU C 207 32.53 22.78 6.13
C LEU C 207 32.18 24.20 5.64
N GLY C 208 33.15 25.09 5.43
CA GLY C 208 32.88 26.45 4.94
C GLY C 208 33.39 27.53 5.91
N PRO C 209 32.89 28.78 5.77
CA PRO C 209 33.37 29.90 6.59
C PRO C 209 33.19 29.76 8.11
N VAL C 210 32.05 29.23 8.58
CA VAL C 210 31.77 29.13 10.05
C VAL C 210 31.62 27.66 10.48
N ALA C 211 31.17 26.77 9.58
CA ALA C 211 30.83 25.38 9.93
C ALA C 211 32.10 24.53 9.89
N GLN C 212 32.20 23.52 10.74
CA GLN C 212 33.25 22.49 10.66
C GLN C 212 32.63 21.14 10.96
N ARG C 213 33.18 20.10 10.33
CA ARG C 213 32.85 18.70 10.66
C ARG C 213 33.87 18.16 11.63
N VAL C 214 33.36 17.54 12.68
CA VAL C 214 34.13 16.85 13.72
C VAL C 214 33.90 15.35 13.51
N VAL C 215 34.98 14.60 13.39
CA VAL C 215 34.91 13.12 13.26
C VAL C 215 35.74 12.58 14.42
N VAL C 216 35.23 11.56 15.09
CA VAL C 216 35.79 11.10 16.38
C VAL C 216 35.77 9.57 16.43
N PHE C 217 36.89 8.98 16.82
CA PHE C 217 37.02 7.52 17.12
C PHE C 217 37.66 7.39 18.50
N GLU C 218 37.18 6.40 19.25
CA GLU C 218 37.65 6.10 20.63
C GLU C 218 37.86 4.58 20.73
N HIS C 219 39.08 4.14 21.08
CA HIS C 219 39.39 2.71 21.34
C HIS C 219 38.44 2.18 22.43
N ALA C 220 38.12 3.01 23.42
CA ALA C 220 37.31 2.62 24.59
C ALA C 220 35.92 2.15 24.15
N THR C 221 35.16 3.02 23.47
CA THR C 221 33.84 2.66 22.88
C THR C 221 34.05 1.60 21.80
N GLY C 222 33.41 0.43 21.95
CA GLY C 222 33.38 -0.62 20.91
C GLY C 222 32.24 -0.35 19.94
N LEU C 223 31.17 -1.14 20.07
CA LEU C 223 29.89 -1.04 19.30
C LEU C 223 28.73 -0.81 20.26
N ARG C 224 27.76 0.01 19.83
CA ARG C 224 26.51 0.33 20.58
C ARG C 224 25.43 -0.70 20.26
N SER C 226 21.91 1.69 18.41
CA SER C 226 22.88 1.03 17.50
C SER C 226 22.40 1.14 16.04
N THR C 227 21.08 1.13 15.82
CA THR C 227 20.45 1.40 14.51
C THR C 227 20.32 2.93 14.33
N GLU C 228 20.31 3.71 15.43
CA GLU C 228 20.13 5.18 15.40
C GLU C 228 21.48 5.89 15.58
N PRO C 229 21.64 7.14 15.09
CA PRO C 229 22.85 7.91 15.35
C PRO C 229 23.10 8.12 16.85
N PRO C 230 24.33 8.49 17.24
CA PRO C 230 24.58 9.10 18.54
C PRO C 230 24.16 10.57 18.55
N THR C 231 23.95 11.10 19.76
CA THR C 231 23.46 12.49 20.02
C THR C 231 24.63 13.46 19.86
N PHE C 232 24.34 14.71 19.53
CA PHE C 232 25.35 15.79 19.58
C PHE C 232 26.11 15.76 20.92
N ALA C 233 25.43 15.41 22.02
CA ALA C 233 26.01 15.42 23.40
C ALA C 233 26.97 14.24 23.59
N GLU C 234 26.63 13.06 23.08
CA GLU C 234 27.57 11.91 23.07
C GLU C 234 28.82 12.32 22.27
N VAL C 235 28.67 12.90 21.08
CA VAL C 235 29.83 13.22 20.20
C VAL C 235 30.67 14.31 20.89
N ALA C 236 30.03 15.33 21.47
CA ALA C 236 30.73 16.50 22.04
C ALA C 236 31.57 16.03 23.24
N ASP C 237 30.99 15.17 24.08
CA ASP C 237 31.69 14.47 25.20
C ASP C 237 32.94 13.76 24.64
N ALA C 238 32.80 12.95 23.59
CA ALA C 238 33.88 12.14 22.98
C ALA C 238 35.02 13.07 22.53
N PHE C 239 34.72 14.12 21.76
CA PHE C 239 35.70 15.13 21.30
C PHE C 239 36.47 15.72 22.50
N GLU C 240 35.78 15.96 23.62
CA GLU C 240 36.38 16.51 24.86
C GLU C 240 37.30 15.47 25.49
N ARG C 241 36.83 14.21 25.65
CA ARG C 241 37.65 13.08 26.17
C ARG C 241 38.94 12.92 25.37
N LEU C 242 39.01 13.38 24.12
CA LEU C 242 40.19 13.12 23.23
C LEU C 242 41.08 14.36 23.11
N THR C 243 40.49 15.56 23.02
CA THR C 243 41.22 16.84 22.74
C THR C 243 41.10 17.82 23.91
N GLY C 244 40.23 17.54 24.88
CA GLY C 244 39.86 18.49 25.95
C GLY C 244 39.31 19.80 25.41
N GLU C 245 38.82 19.82 24.17
CA GLU C 245 38.10 21.00 23.61
C GLU C 245 36.61 20.86 23.88
N ASP C 246 35.94 22.00 23.93
CA ASP C 246 34.49 22.15 24.21
C ASP C 246 33.84 22.74 22.95
N ILE C 247 32.91 22.00 22.33
CA ILE C 247 32.15 22.41 21.11
C ILE C 247 30.69 22.69 21.50
N ARG C 248 30.32 22.48 22.77
CA ARG C 248 28.92 22.55 23.26
C ARG C 248 28.42 24.00 23.21
N GLY C 249 29.31 24.98 23.04
CA GLY C 249 28.97 26.41 22.93
C GLY C 249 28.86 26.84 21.49
N GLY C 250 28.76 25.89 20.56
CA GLY C 250 28.51 26.13 19.13
C GLY C 250 27.14 25.59 18.71
N LYS C 251 26.73 25.93 17.47
CA LYS C 251 25.40 25.63 16.85
C LYS C 251 25.43 24.28 16.12
N PRO C 252 24.86 23.18 16.68
CA PRO C 252 24.81 21.91 15.97
C PRO C 252 24.07 22.00 14.63
N LEU C 253 24.67 21.48 13.55
CA LEU C 253 24.10 21.42 12.19
C LEU C 253 23.67 19.98 11.84
N TRP C 254 24.40 18.96 12.31
CA TRP C 254 24.15 17.55 11.91
C TRP C 254 24.97 16.61 12.78
N VAL C 255 24.43 15.40 12.96
CA VAL C 255 25.12 14.31 13.70
C VAL C 255 24.83 13.01 12.96
N SER C 256 25.85 12.18 12.82
CA SER C 256 25.76 10.90 12.09
C SER C 256 26.92 10.03 12.52
N TRP C 257 27.04 8.86 11.91
CA TRP C 257 28.13 7.90 12.21
C TRP C 257 28.38 7.01 11.00
N PHE C 258 29.43 6.19 11.07
CA PHE C 258 29.79 5.16 10.09
C PHE C 258 30.60 4.09 10.83
N THR C 259 30.65 2.89 10.25
CA THR C 259 31.41 1.73 10.77
C THR C 259 32.50 1.31 9.77
N ASP C 260 33.15 0.19 10.07
CA ASP C 260 34.12 -0.45 9.14
C ASP C 260 33.49 -1.72 8.56
N SER C 261 32.16 -1.83 8.61
CA SER C 261 31.41 -2.88 7.88
C SER C 261 31.80 -2.79 6.40
N SER C 262 32.42 -3.85 5.89
CA SER C 262 33.04 -3.96 4.55
C SER C 262 32.45 -5.17 3.82
N ARG C 263 31.62 -4.94 2.79
CA ARG C 263 30.86 -6.03 2.14
C ARG C 263 30.64 -5.70 0.67
N GLN C 264 30.42 -6.74 -0.13
CA GLN C 264 30.34 -6.63 -1.60
C GLN C 264 29.38 -7.68 -2.15
N ALA C 265 28.45 -7.27 -2.99
CA ALA C 265 27.51 -8.16 -3.70
C ALA C 265 28.33 -9.23 -4.42
N ALA C 266 27.94 -10.50 -4.31
CA ALA C 266 28.65 -11.67 -4.89
C ALA C 266 28.40 -11.69 -6.41
N GLU C 267 27.29 -11.11 -6.82
CA GLU C 267 26.87 -11.05 -8.24
C GLU C 267 26.52 -9.59 -8.54
N TYR C 268 27.13 -9.00 -9.57
CA TYR C 268 26.74 -7.63 -9.99
C TYR C 268 25.57 -7.73 -10.96
N ARG C 269 25.26 -8.94 -11.42
CA ARG C 269 24.15 -9.15 -12.38
C ARG C 269 23.49 -10.49 -12.09
N ARG C 270 22.16 -10.50 -12.10
CA ARG C 270 21.37 -11.74 -12.18
C ARG C 270 20.20 -11.49 -13.11
N GLY C 271 20.19 -12.15 -14.27
CA GLY C 271 19.24 -11.94 -15.36
C GLY C 271 19.18 -10.47 -15.79
N ARG C 272 17.99 -9.88 -15.71
CA ARG C 272 17.70 -8.47 -16.06
C ARG C 272 17.82 -7.57 -14.85
N ILE C 273 18.57 -8.00 -13.84
CA ILE C 273 18.78 -7.18 -12.61
C ILE C 273 20.27 -6.97 -12.43
N LEU C 274 20.64 -5.74 -12.15
CA LEU C 274 22.06 -5.37 -11.97
C LEU C 274 22.16 -4.49 -10.73
N LEU C 275 23.34 -4.44 -10.15
CA LEU C 275 23.61 -3.58 -8.98
C LEU C 275 24.77 -2.63 -9.28
N ALA C 276 24.69 -1.44 -8.73
CA ALA C 276 25.79 -0.47 -8.77
C ALA C 276 25.86 0.29 -7.43
N GLY C 277 27.06 0.75 -7.13
CA GLY C 277 27.33 1.69 -6.02
C GLY C 277 27.26 0.97 -4.70
N ASP C 278 26.65 1.59 -3.70
CA ASP C 278 26.64 1.07 -2.31
C ASP C 278 25.81 -0.22 -2.27
N ALA C 279 24.79 -0.38 -3.12
CA ALA C 279 24.02 -1.65 -3.30
C ALA C 279 25.00 -2.81 -3.59
N ALA C 280 26.15 -2.52 -4.19
CA ALA C 280 27.12 -3.55 -4.63
C ALA C 280 28.33 -3.62 -3.69
N HIS C 281 28.59 -2.61 -2.86
CA HIS C 281 29.78 -2.62 -1.98
C HIS C 281 29.65 -1.54 -0.91
N ILE C 282 30.09 -1.86 0.30
CA ILE C 282 30.15 -0.87 1.42
C ILE C 282 31.48 -1.12 2.11
N HIS C 283 32.01 -0.04 2.69
CA HIS C 283 33.30 -0.09 3.43
C HIS C 283 33.47 1.24 4.16
N MET C 284 34.50 1.31 5.00
CA MET C 284 34.76 2.55 5.76
C MET C 284 35.17 3.63 4.77
N PRO C 285 34.43 4.75 4.71
CA PRO C 285 34.77 5.84 3.81
C PRO C 285 36.07 6.53 4.22
N ILE C 286 36.92 6.87 3.25
CA ILE C 286 38.24 7.50 3.47
C ILE C 286 38.56 8.36 2.26
N GLY C 287 38.57 9.68 2.43
CA GLY C 287 38.83 10.62 1.33
C GLY C 287 37.84 10.33 0.20
N GLY C 288 38.33 10.24 -1.04
CA GLY C 288 37.46 10.00 -2.21
C GLY C 288 36.93 8.58 -2.28
N GLN C 289 37.10 7.74 -1.25
CA GLN C 289 36.72 6.30 -1.30
C GLN C 289 35.40 6.03 -0.56
N GLY C 290 34.44 5.51 -1.32
CA GLY C 290 33.05 5.28 -0.96
C GLY C 290 32.18 5.46 -2.19
N MET C 291 31.83 6.71 -2.47
CA MET C 291 30.97 7.11 -3.61
C MET C 291 31.70 6.97 -4.95
N SER C 292 33.01 7.24 -4.97
CA SER C 292 33.80 7.34 -6.23
C SER C 292 33.62 6.04 -7.04
N ALA C 293 33.71 4.88 -6.41
CA ALA C 293 33.60 3.57 -7.08
C ALA C 293 32.19 3.38 -7.68
N GLY C 294 31.16 4.02 -7.10
CA GLY C 294 29.77 3.95 -7.61
C GLY C 294 29.66 4.69 -8.93
N ILE C 295 30.31 5.86 -9.04
CA ILE C 295 30.39 6.63 -10.32
C ILE C 295 31.09 5.73 -11.33
N GLN C 296 32.21 5.12 -10.95
CA GLN C 296 32.94 4.20 -11.85
C GLN C 296 32.02 3.06 -12.29
N ASP C 297 31.30 2.46 -11.35
CA ASP C 297 30.35 1.36 -11.65
C ASP C 297 29.45 1.90 -12.76
N ALA C 298 28.85 3.07 -12.55
CA ALA C 298 27.79 3.60 -13.42
C ALA C 298 28.35 3.75 -14.84
N VAL C 299 29.55 4.32 -14.94
CA VAL C 299 30.21 4.64 -16.23
C VAL C 299 30.58 3.31 -16.94
N ASN C 300 31.04 2.31 -16.20
CA ASN C 300 31.32 0.98 -16.79
C ASN C 300 30.03 0.37 -17.37
N LEU C 301 28.89 0.55 -16.70
CA LEU C 301 27.64 -0.21 -16.97
C LEU C 301 26.85 0.42 -18.11
N GLY C 302 26.68 1.76 -18.09
CA GLY C 302 25.71 2.48 -18.92
C GLY C 302 25.75 2.08 -20.39
N TRP C 303 26.90 2.20 -21.04
CA TRP C 303 27.05 1.90 -22.48
C TRP C 303 26.85 0.40 -22.75
N LYS C 304 27.28 -0.44 -21.80
CA LYS C 304 27.14 -1.91 -21.91
C LYS C 304 25.66 -2.28 -21.86
N LEU C 305 24.91 -1.66 -20.97
CA LEU C 305 23.49 -2.02 -20.79
C LEU C 305 22.73 -1.53 -22.01
N ALA C 306 23.08 -0.34 -22.51
CA ALA C 306 22.48 0.29 -23.72
C ALA C 306 22.67 -0.68 -24.91
N ALA C 307 23.89 -1.18 -25.10
CA ALA C 307 24.25 -2.07 -26.22
C ALA C 307 23.36 -3.32 -26.15
N GLU C 308 23.24 -3.87 -24.95
CA GLU C 308 22.43 -5.08 -24.72
C GLU C 308 20.99 -4.77 -25.13
N ILE C 309 20.41 -3.69 -24.62
CA ILE C 309 19.01 -3.33 -24.96
C ILE C 309 18.91 -3.08 -26.47
N HIS C 310 19.87 -2.36 -27.07
CA HIS C 310 19.81 -1.97 -28.51
C HIS C 310 20.00 -3.17 -29.45
N GLY C 311 20.48 -4.31 -28.96
CA GLY C 311 20.47 -5.55 -29.76
C GLY C 311 21.77 -5.79 -30.53
N HIS C 312 22.83 -5.02 -30.27
CA HIS C 312 24.14 -5.12 -30.96
C HIS C 312 25.25 -5.51 -29.99
N ALA C 313 24.92 -5.82 -28.74
CA ALA C 313 25.93 -6.24 -27.75
C ALA C 313 26.60 -7.52 -28.21
N PRO C 314 27.94 -7.61 -28.15
CA PRO C 314 28.61 -8.90 -28.23
C PRO C 314 28.08 -9.83 -27.11
N GLU C 315 28.07 -11.14 -27.38
CA GLU C 315 27.47 -12.19 -26.52
C GLU C 315 27.74 -11.91 -25.02
N GLY C 316 29.00 -11.70 -24.63
CA GLY C 316 29.45 -11.55 -23.23
C GLY C 316 29.74 -10.11 -22.77
N LEU C 317 29.33 -9.07 -23.50
CA LEU C 317 29.69 -7.67 -23.11
C LEU C 317 29.06 -7.36 -21.75
N LEU C 318 27.77 -7.56 -21.57
CA LEU C 318 27.12 -7.13 -20.31
C LEU C 318 27.76 -7.86 -19.11
N ASP C 319 28.17 -9.13 -19.30
CA ASP C 319 28.84 -9.96 -18.28
C ASP C 319 30.21 -9.38 -17.89
N THR C 320 30.80 -8.46 -18.66
CA THR C 320 32.07 -7.78 -18.32
C THR C 320 31.82 -6.72 -17.24
N TYR C 321 30.57 -6.30 -16.99
CA TYR C 321 30.30 -5.40 -15.84
C TYR C 321 30.79 -6.09 -14.54
N HIS C 322 30.41 -7.35 -14.30
CA HIS C 322 30.82 -8.09 -13.07
C HIS C 322 32.32 -8.35 -13.11
N THR C 323 32.82 -8.93 -14.20
CA THR C 323 34.23 -9.44 -14.26
C THR C 323 35.19 -8.27 -14.22
N GLU C 324 34.78 -7.07 -14.61
CA GLU C 324 35.66 -5.88 -14.48
C GLU C 324 35.45 -5.20 -13.11
N ARG C 325 34.21 -4.96 -12.72
CA ARG C 325 33.92 -4.01 -11.61
C ARG C 325 33.99 -4.75 -10.27
N HIS C 326 33.69 -6.06 -10.24
CA HIS C 326 33.74 -6.81 -8.94
C HIS C 326 35.16 -6.73 -8.38
N PRO C 327 36.21 -7.17 -9.11
CA PRO C 327 37.55 -7.12 -8.54
C PRO C 327 38.03 -5.68 -8.24
N VAL C 328 37.69 -4.73 -9.10
CA VAL C 328 38.13 -3.33 -8.85
C VAL C 328 37.48 -2.84 -7.53
N ASP C 329 36.13 -2.94 -7.41
CA ASP C 329 35.38 -2.55 -6.18
C ASP C 329 35.91 -3.35 -4.99
N GLY C 330 36.25 -4.61 -5.21
CA GLY C 330 36.85 -5.45 -4.16
C GLY C 330 38.13 -4.86 -3.62
N ARG C 331 38.96 -4.24 -4.45
CA ARG C 331 40.28 -3.70 -4.00
C ARG C 331 40.04 -2.47 -3.13
N VAL C 332 38.93 -1.75 -3.38
CA VAL C 332 38.54 -0.57 -2.54
C VAL C 332 38.12 -1.07 -1.14
N VAL C 333 37.36 -2.15 -1.07
CA VAL C 333 36.93 -2.72 0.24
C VAL C 333 38.19 -3.12 1.02
N MET C 334 39.06 -3.90 0.40
CA MET C 334 40.32 -4.41 0.98
C MET C 334 41.22 -3.26 1.46
N ASN C 335 41.51 -2.29 0.60
CA ASN C 335 42.49 -1.22 0.90
C ASN C 335 41.94 -0.34 2.04
N THR C 336 40.66 -0.01 2.03
CA THR C 336 40.06 0.81 3.11
C THR C 336 40.16 0.00 4.39
N LEU C 337 39.95 -1.32 4.36
CA LEU C 337 40.03 -2.16 5.59
C LEU C 337 41.47 -2.14 6.07
N ALA C 338 42.41 -2.34 5.14
CA ALA C 338 43.86 -2.31 5.44
C ALA C 338 44.19 -0.95 6.04
N GLN C 339 43.61 0.12 5.52
CA GLN C 339 43.89 1.47 6.05
C GLN C 339 43.30 1.62 7.46
N ARG C 340 42.11 1.08 7.70
CA ARG C 340 41.44 1.15 9.02
C ARG C 340 42.32 0.47 10.07
N TRP C 341 42.86 -0.70 9.78
CA TRP C 341 43.64 -1.53 10.74
C TRP C 341 45.05 -0.98 10.89
N LEU C 342 45.68 -0.47 9.85
CA LEU C 342 47.02 0.14 10.00
C LEU C 342 46.87 1.33 10.91
N TYR C 343 45.94 2.26 10.57
CA TYR C 343 45.87 3.61 11.17
C TYR C 343 45.33 3.56 12.60
N LEU C 344 44.36 2.69 12.89
CA LEU C 344 43.59 2.72 14.16
C LEU C 344 43.84 1.47 15.00
N GLY C 345 44.72 0.55 14.56
CA GLY C 345 44.96 -0.73 15.24
C GLY C 345 45.83 -0.61 16.49
N GLY C 346 46.32 0.58 16.84
CA GLY C 346 47.03 0.80 18.12
C GLY C 346 48.40 0.15 18.10
N GLU C 347 48.99 -0.13 19.28
CA GLU C 347 50.44 -0.42 19.46
C GLU C 347 50.84 -1.71 18.72
N ALA C 348 50.03 -2.76 18.80
CA ALA C 348 50.31 -4.07 18.16
C ALA C 348 50.55 -3.92 16.65
N MET C 349 50.01 -2.89 16.00
CA MET C 349 50.17 -2.65 14.53
C MET C 349 51.45 -1.88 14.22
N GLN C 350 52.17 -1.38 15.22
CA GLN C 350 53.34 -0.47 14.99
C GLN C 350 54.36 -1.15 14.07
N PRO C 351 54.70 -2.44 14.31
CA PRO C 351 55.61 -3.19 13.43
C PRO C 351 55.29 -3.09 11.94
N LEU C 352 54.01 -3.30 11.59
CA LEU C 352 53.47 -3.20 10.21
C LEU C 352 53.55 -1.77 9.67
N ARG C 353 53.24 -0.76 10.49
CA ARG C 353 53.37 0.67 10.06
C ARG C 353 54.84 0.92 9.68
N GLU C 354 55.77 0.48 10.52
N GLU C 354 55.80 0.48 10.49
CA GLU C 354 57.23 0.68 10.25
CA GLU C 354 57.23 0.77 10.19
C GLU C 354 57.59 -0.04 8.96
C GLU C 354 57.65 -0.07 8.96
N LEU C 355 57.12 -1.29 8.78
CA LEU C 355 57.38 -2.11 7.57
C LEU C 355 56.87 -1.39 6.32
N LEU C 356 55.66 -0.88 6.39
CA LEU C 356 55.09 -0.18 5.21
C LEU C 356 55.82 1.16 5.03
N GLY C 357 56.20 1.83 6.12
CA GLY C 357 57.09 3.00 6.11
C GLY C 357 58.37 2.70 5.34
N GLU C 358 58.95 1.51 5.54
CA GLU C 358 60.14 1.09 4.75
C GLU C 358 59.76 0.94 3.28
N LEU C 359 58.66 0.24 2.96
CA LEU C 359 58.33 -0.10 1.55
C LEU C 359 57.93 1.13 0.74
N VAL C 360 57.29 2.14 1.33
CA VAL C 360 56.92 3.36 0.56
C VAL C 360 58.16 4.11 0.07
N ARG C 361 59.37 3.68 0.44
CA ARG C 361 60.59 4.36 -0.06
C ARG C 361 60.76 4.06 -1.55
N TYR C 362 60.17 2.99 -2.08
CA TYR C 362 60.26 2.62 -3.53
C TYR C 362 59.17 3.29 -4.36
N PRO C 363 59.51 4.05 -5.42
CA PRO C 363 58.49 4.65 -6.29
C PRO C 363 57.34 3.69 -6.68
N ASP C 364 57.71 2.45 -6.98
CA ASP C 364 56.87 1.23 -7.15
C ASP C 364 55.67 1.20 -6.20
N VAL C 365 55.92 1.21 -4.89
CA VAL C 365 54.84 0.94 -3.91
C VAL C 365 54.06 2.25 -3.72
N GLN C 366 54.72 3.41 -3.74
CA GLN C 366 54.03 4.74 -3.76
C GLN C 366 53.03 4.74 -4.91
N GLU C 367 53.47 4.47 -6.15
CA GLU C 367 52.59 4.48 -7.35
C GLU C 367 51.42 3.51 -7.16
N HIS C 368 51.66 2.35 -6.55
CA HIS C 368 50.66 1.27 -6.38
C HIS C 368 49.54 1.68 -5.40
N LEU C 369 49.91 2.22 -4.22
CA LEU C 369 48.95 2.69 -3.18
C LEU C 369 48.19 3.93 -3.69
N VAL C 370 48.89 4.90 -4.26
CA VAL C 370 48.25 6.09 -4.90
C VAL C 370 47.34 5.64 -6.05
N GLY C 371 47.81 4.74 -6.90
CA GLY C 371 47.00 4.18 -7.99
C GLY C 371 45.71 3.54 -7.48
N MET C 372 45.78 2.70 -6.45
CA MET C 372 44.58 1.93 -6.01
C MET C 372 43.55 2.90 -5.40
N VAL C 373 44.00 3.97 -4.74
CA VAL C 373 43.14 4.92 -3.99
C VAL C 373 42.51 5.93 -4.97
N THR C 374 43.27 6.38 -5.98
CA THR C 374 42.81 7.39 -6.96
C THR C 374 41.86 6.76 -8.00
N GLY C 375 41.92 5.45 -8.23
CA GLY C 375 41.27 4.81 -9.39
C GLY C 375 42.06 4.98 -10.68
N LEU C 376 43.29 5.49 -10.61
CA LEU C 376 44.09 5.78 -11.84
C LEU C 376 44.93 4.54 -12.25
N ASP C 377 44.90 3.47 -11.47
CA ASP C 377 45.61 2.21 -11.80
C ASP C 377 44.69 1.23 -12.50
N ILE C 378 43.41 1.56 -12.71
CA ILE C 378 42.45 0.51 -13.16
C ILE C 378 42.89 0.01 -14.55
N ARG C 379 42.94 -1.31 -14.69
CA ARG C 379 43.25 -2.02 -15.94
C ARG C 379 42.20 -3.09 -16.20
N TYR C 380 41.50 -3.02 -17.33
CA TYR C 380 40.55 -4.09 -17.72
C TYR C 380 41.23 -5.07 -18.67
N ASP C 381 40.75 -6.31 -18.65
CA ASP C 381 41.19 -7.39 -19.57
C ASP C 381 40.57 -7.06 -20.93
N VAL C 382 41.40 -6.73 -21.92
CA VAL C 382 40.99 -6.39 -23.31
C VAL C 382 41.74 -7.29 -24.30
N GLY C 383 42.34 -8.37 -23.80
CA GLY C 383 43.01 -9.39 -24.63
C GLY C 383 44.50 -9.09 -24.78
N ALA C 384 45.15 -9.72 -25.76
CA ALA C 384 46.63 -9.83 -25.86
C ALA C 384 47.20 -8.47 -26.28
N GLY C 385 48.39 -8.15 -25.75
CA GLY C 385 49.21 -6.99 -26.14
C GLY C 385 49.86 -6.38 -24.93
N GLU C 386 51.09 -5.90 -25.06
CA GLU C 386 51.95 -5.46 -23.94
C GLU C 386 51.99 -3.94 -23.83
N HIS C 387 51.39 -3.22 -24.77
CA HIS C 387 51.46 -1.75 -24.73
C HIS C 387 51.00 -1.27 -23.34
N PRO C 388 51.75 -0.36 -22.67
CA PRO C 388 51.35 0.20 -21.38
C PRO C 388 49.95 0.83 -21.24
N LEU C 389 49.32 1.16 -22.35
CA LEU C 389 48.05 1.94 -22.39
C LEU C 389 46.87 0.98 -22.34
N LEU C 390 47.10 -0.27 -22.74
CA LEU C 390 46.02 -1.22 -23.10
C LEU C 390 45.21 -1.58 -21.83
N GLY C 391 43.88 -1.45 -21.92
CA GLY C 391 42.93 -1.68 -20.81
C GLY C 391 42.92 -0.58 -19.75
N ARG C 392 43.71 0.47 -19.88
CA ARG C 392 43.79 1.57 -18.89
C ARG C 392 42.99 2.76 -19.42
N ARG C 393 42.71 3.74 -18.56
CA ARG C 393 41.99 4.98 -18.95
C ARG C 393 42.84 5.78 -19.95
N ILE C 394 42.20 6.36 -20.96
CA ILE C 394 42.94 7.27 -21.89
C ILE C 394 43.22 8.56 -21.15
N PRO C 395 44.46 9.04 -21.12
CA PRO C 395 44.75 10.31 -20.46
C PRO C 395 44.10 11.47 -21.24
N ASN C 396 43.88 12.57 -20.53
CA ASN C 396 43.41 13.85 -21.10
C ASN C 396 44.62 14.56 -21.74
N GLN C 397 44.63 14.69 -23.06
CA GLN C 397 45.73 15.38 -23.77
C GLN C 397 45.13 16.33 -24.81
N GLU C 398 45.76 17.49 -24.97
CA GLU C 398 45.51 18.43 -26.09
C GLU C 398 45.56 17.63 -27.39
N LEU C 399 44.58 17.85 -28.24
CA LEU C 399 44.59 17.40 -29.65
C LEU C 399 44.67 18.65 -30.54
N VAL C 400 45.39 18.56 -31.66
CA VAL C 400 45.38 19.59 -32.74
C VAL C 400 44.81 18.99 -34.02
N GLY C 401 43.77 19.64 -34.54
CA GLY C 401 43.04 19.29 -35.77
C GLY C 401 41.84 20.20 -35.90
N GLU C 402 40.92 19.92 -36.83
CA GLU C 402 39.78 20.83 -37.12
C GLU C 402 38.56 20.44 -36.27
N PHE C 403 38.21 21.24 -35.26
CA PHE C 403 37.15 20.89 -34.29
C PHE C 403 35.98 21.89 -34.39
N SER C 406 38.25 26.55 -34.18
CA SER C 406 39.02 25.89 -33.08
C SER C 406 39.91 24.83 -33.69
N GLY C 407 41.23 25.07 -33.69
CA GLY C 407 42.23 24.11 -34.15
C GLY C 407 42.67 23.19 -33.02
N LYS C 408 42.02 23.31 -31.86
CA LYS C 408 42.41 22.61 -30.61
C LYS C 408 41.20 21.95 -29.97
N SER C 409 41.42 20.77 -29.38
CA SER C 409 40.47 20.07 -28.49
C SER C 409 41.27 19.22 -27.49
N THR C 410 40.57 18.36 -26.73
CA THR C 410 41.20 17.37 -25.83
C THR C 410 40.59 15.99 -26.07
N THR C 411 41.35 14.95 -25.73
CA THR C 411 40.84 13.56 -25.67
C THR C 411 39.56 13.53 -24.81
N PHE C 412 39.53 14.16 -23.64
CA PHE C 412 38.33 14.13 -22.77
C PHE C 412 37.13 14.77 -23.51
N GLU C 413 37.32 15.91 -24.18
CA GLU C 413 36.21 16.62 -24.87
C GLU C 413 35.59 15.69 -25.91
N GLN C 414 36.36 14.80 -26.53
CA GLN C 414 35.84 13.87 -27.56
C GLN C 414 35.03 12.74 -26.89
N LEU C 415 35.00 12.67 -25.56
CA LEU C 415 34.24 11.60 -24.82
C LEU C 415 32.89 12.13 -24.28
N HIS C 416 32.59 13.42 -24.51
CA HIS C 416 31.37 14.11 -24.00
C HIS C 416 30.10 13.41 -24.49
N ARG C 417 30.06 12.98 -25.75
CA ARG C 417 28.86 12.34 -26.32
C ARG C 417 28.74 10.90 -25.81
N GLY C 418 29.74 10.36 -25.09
CA GLY C 418 29.69 9.05 -24.42
C GLY C 418 29.66 7.88 -25.38
N ARG C 419 30.26 8.05 -26.56
CA ARG C 419 30.39 7.00 -27.59
C ARG C 419 31.82 6.45 -27.64
N GLY C 420 32.02 5.36 -28.36
CA GLY C 420 33.36 4.89 -28.71
C GLY C 420 34.11 5.97 -29.47
N VAL C 421 35.45 6.00 -29.37
CA VAL C 421 36.32 6.92 -30.17
C VAL C 421 37.52 6.13 -30.72
N LEU C 422 37.68 6.16 -32.05
CA LEU C 422 38.97 5.86 -32.73
C LEU C 422 39.69 7.19 -32.91
N PHE C 423 40.77 7.41 -32.15
CA PHE C 423 41.70 8.55 -32.35
C PHE C 423 42.71 8.13 -33.42
N ALA C 424 42.66 8.80 -34.57
CA ALA C 424 43.66 8.64 -35.66
C ALA C 424 44.70 9.74 -35.47
N PHE C 425 45.88 9.39 -34.96
CA PHE C 425 46.96 10.36 -34.63
C PHE C 425 47.83 10.56 -35.89
N GLY C 426 48.07 9.48 -36.63
CA GLY C 426 48.83 9.45 -37.90
C GLY C 426 47.96 9.67 -39.13
N ASP C 427 48.59 9.82 -40.29
CA ASP C 427 47.94 10.01 -41.62
C ASP C 427 47.31 8.70 -42.10
N ASP C 428 47.73 7.55 -41.56
CA ASP C 428 47.24 6.23 -42.04
C ASP C 428 45.71 6.29 -42.09
N THR C 429 45.16 5.72 -43.16
CA THR C 429 43.73 5.71 -43.54
C THR C 429 43.16 4.37 -43.06
N ALA C 430 44.03 3.43 -42.69
CA ALA C 430 43.73 2.01 -42.53
C ALA C 430 42.74 1.81 -41.35
N GLY C 431 42.88 2.60 -40.28
CA GLY C 431 42.07 2.44 -39.06
C GLY C 431 40.68 3.06 -39.24
N PRO C 432 40.60 4.37 -39.54
CA PRO C 432 39.30 4.94 -39.90
C PRO C 432 38.53 4.07 -40.92
N GLN C 433 39.17 3.54 -41.97
CA GLN C 433 38.46 2.72 -43.00
C GLN C 433 37.91 1.45 -42.32
N ALA C 434 38.69 0.80 -41.46
CA ALA C 434 38.33 -0.45 -40.76
C ALA C 434 37.12 -0.23 -39.83
N ALA C 435 36.90 1.02 -39.38
CA ALA C 435 35.82 1.45 -38.44
C ALA C 435 34.56 1.99 -39.13
N THR C 436 34.47 1.95 -40.47
CA THR C 436 33.28 2.47 -41.20
C THR C 436 32.03 1.71 -40.73
N GLY C 437 32.09 0.40 -40.61
CA GLY C 437 30.93 -0.41 -40.16
C GLY C 437 30.45 -0.06 -38.75
N TRP C 438 31.15 0.82 -38.02
CA TRP C 438 30.86 1.08 -36.58
C TRP C 438 30.62 2.56 -36.32
N THR C 439 30.42 3.36 -37.39
CA THR C 439 30.20 4.82 -37.30
C THR C 439 28.94 5.13 -36.46
N ASP C 440 27.95 4.23 -36.39
CA ASP C 440 26.77 4.38 -35.47
C ASP C 440 27.19 4.34 -34.00
N ARG C 441 28.33 3.74 -33.63
CA ARG C 441 28.71 3.52 -32.21
C ARG C 441 30.09 4.07 -31.88
N VAL C 442 30.98 4.20 -32.88
CA VAL C 442 32.38 4.67 -32.72
C VAL C 442 32.59 5.92 -33.59
N ASP C 443 33.00 7.02 -32.97
CA ASP C 443 33.37 8.27 -33.67
C ASP C 443 34.87 8.28 -33.94
N VAL C 444 35.25 8.46 -35.20
CA VAL C 444 36.66 8.58 -35.66
C VAL C 444 37.07 10.04 -35.49
N VAL C 445 38.17 10.28 -34.77
CA VAL C 445 38.72 11.64 -34.53
C VAL C 445 40.15 11.70 -35.07
N ARG C 446 40.35 12.50 -36.13
CA ARG C 446 41.69 12.73 -36.73
C ARG C 446 42.26 13.96 -36.06
N ALA C 447 43.36 13.80 -35.33
CA ALA C 447 43.97 14.89 -34.54
C ALA C 447 45.35 14.43 -34.09
N THR C 448 46.30 15.37 -34.01
CA THR C 448 47.68 15.16 -33.49
C THR C 448 47.67 15.49 -32.00
N PRO C 449 48.12 14.55 -31.13
CA PRO C 449 48.23 14.82 -29.70
C PRO C 449 49.49 15.59 -29.28
N HIS C 450 49.40 16.46 -28.27
CA HIS C 450 50.52 17.22 -27.64
C HIS C 450 50.41 17.17 -26.10
N THR C 451 51.53 17.28 -25.39
CA THR C 451 51.66 17.48 -23.91
C THR C 451 51.42 16.16 -23.18
N ASP C 453 55.25 17.38 -21.73
CA ASP C 453 55.77 16.62 -20.56
C ASP C 453 56.60 15.43 -21.01
N PRO C 454 57.66 15.06 -20.27
CA PRO C 454 58.51 13.92 -20.64
C PRO C 454 57.83 12.55 -20.45
N ASP C 455 57.98 11.66 -21.43
CA ASP C 455 57.28 10.34 -21.49
C ASP C 455 55.82 10.60 -21.85
N ASP C 456 55.56 10.96 -23.12
CA ASP C 456 54.20 11.04 -23.73
C ASP C 456 53.61 9.63 -23.77
N PRO C 457 52.42 9.39 -23.18
CA PRO C 457 51.80 8.07 -23.25
C PRO C 457 51.38 7.66 -24.67
N PHE C 458 51.20 8.61 -25.58
CA PHE C 458 50.86 8.35 -27.00
C PHE C 458 52.13 8.21 -27.88
N HIS C 459 53.32 8.36 -27.30
CA HIS C 459 54.57 8.31 -28.09
C HIS C 459 54.56 7.06 -28.98
N GLY C 460 54.76 7.22 -30.29
CA GLY C 460 55.00 6.08 -31.21
C GLY C 460 53.71 5.38 -31.61
N LEU C 461 52.55 6.00 -31.43
CA LEU C 461 51.24 5.39 -31.76
C LEU C 461 50.59 6.16 -32.89
N ASP C 462 50.01 5.47 -33.86
CA ASP C 462 49.21 6.05 -34.96
C ASP C 462 47.72 6.10 -34.58
N ALA C 463 47.26 5.26 -33.64
CA ALA C 463 45.82 5.15 -33.30
C ALA C 463 45.59 4.46 -31.95
N VAL C 464 44.45 4.83 -31.37
CA VAL C 464 43.94 4.31 -30.07
C VAL C 464 42.42 4.21 -30.16
N LEU C 465 41.89 2.99 -30.01
CA LEU C 465 40.43 2.75 -29.81
C LEU C 465 40.12 2.77 -28.31
N VAL C 466 39.14 3.60 -27.96
CA VAL C 466 38.65 3.88 -26.60
C VAL C 466 37.20 3.42 -26.55
N ARG C 467 36.87 2.64 -25.51
CA ARG C 467 35.48 2.29 -25.15
C ARG C 467 34.76 3.56 -24.72
N PRO C 468 33.41 3.56 -24.65
CA PRO C 468 32.65 4.72 -24.23
C PRO C 468 33.02 5.21 -22.83
N ASP C 469 33.64 4.36 -21.98
CA ASP C 469 33.97 4.71 -20.58
C ASP C 469 35.35 5.36 -20.50
N GLY C 470 36.07 5.40 -21.62
CA GLY C 470 37.41 6.01 -21.70
C GLY C 470 38.55 5.00 -21.59
N TYR C 471 38.24 3.70 -21.45
CA TYR C 471 39.28 2.64 -21.28
C TYR C 471 39.73 2.17 -22.66
N VAL C 472 41.05 2.06 -22.84
CA VAL C 472 41.70 1.72 -24.15
C VAL C 472 41.55 0.22 -24.47
N ALA C 473 40.89 -0.06 -25.58
CA ALA C 473 40.54 -1.40 -26.10
C ALA C 473 41.57 -1.90 -27.13
N TRP C 474 42.34 -1.00 -27.74
CA TRP C 474 43.24 -1.32 -28.89
C TRP C 474 44.14 -0.11 -29.15
N VAL C 475 45.41 -0.36 -29.48
CA VAL C 475 46.37 0.66 -29.99
C VAL C 475 47.08 0.13 -31.24
N ALA C 476 47.58 1.07 -32.05
CA ALA C 476 48.38 0.78 -33.25
C ALA C 476 49.70 1.49 -33.12
N PRO C 477 50.82 0.76 -32.92
CA PRO C 477 52.13 1.39 -33.02
C PRO C 477 52.32 1.98 -34.43
N ALA C 478 53.19 2.97 -34.55
CA ALA C 478 53.60 3.62 -35.83
C ALA C 478 53.68 2.54 -36.93
N GLY C 479 52.81 2.62 -37.93
CA GLY C 479 52.91 1.81 -39.15
C GLY C 479 52.31 0.42 -39.02
N ALA C 480 51.62 0.12 -37.90
CA ALA C 480 50.93 -1.18 -37.68
C ALA C 480 49.61 -1.23 -38.46
N GLY C 481 49.05 -0.07 -38.79
CA GLY C 481 47.75 -0.01 -39.51
C GLY C 481 46.59 -0.46 -38.62
N ALA C 482 45.76 -1.39 -39.13
CA ALA C 482 44.42 -1.68 -38.59
C ALA C 482 44.35 -3.10 -38.05
N ALA C 483 45.42 -3.90 -38.08
CA ALA C 483 45.30 -5.30 -37.61
C ALA C 483 44.92 -5.27 -36.11
N GLY C 484 44.03 -6.18 -35.70
CA GLY C 484 43.43 -6.22 -34.35
C GLY C 484 42.23 -5.28 -34.23
N LEU C 485 42.10 -4.24 -35.05
CA LEU C 485 41.01 -3.25 -34.89
C LEU C 485 39.65 -3.91 -35.10
N ASP C 486 39.48 -4.75 -36.13
CA ASP C 486 38.16 -5.35 -36.45
C ASP C 486 37.72 -6.22 -35.27
N GLU C 487 38.68 -6.97 -34.70
CA GLU C 487 38.50 -7.90 -33.55
C GLU C 487 38.08 -7.05 -32.35
N ALA C 488 38.76 -5.91 -32.13
CA ALA C 488 38.52 -4.99 -30.99
C ALA C 488 37.14 -4.34 -31.12
N LEU C 489 36.77 -3.85 -32.31
CA LEU C 489 35.44 -3.25 -32.52
C LEU C 489 34.37 -4.33 -32.30
N SER C 490 34.60 -5.54 -32.76
CA SER C 490 33.62 -6.65 -32.70
C SER C 490 33.39 -7.04 -31.22
N ARG C 491 34.47 -7.11 -30.46
CA ARG C 491 34.47 -7.56 -29.05
C ARG C 491 33.73 -6.54 -28.18
N TRP C 492 33.98 -5.25 -28.38
CA TRP C 492 33.49 -4.19 -27.45
C TRP C 492 32.25 -3.48 -28.01
N PHE C 493 32.01 -3.52 -29.32
CA PHE C 493 30.89 -2.76 -29.92
C PHE C 493 29.93 -3.64 -30.71
N GLY C 494 30.23 -4.94 -30.88
CA GLY C 494 29.35 -5.90 -31.57
C GLY C 494 29.54 -5.92 -33.09
N PRO C 495 28.68 -6.66 -33.84
CA PRO C 495 28.86 -6.89 -35.27
C PRO C 495 28.86 -5.58 -36.08
N SER C 496 29.69 -5.54 -37.12
CA SER C 496 29.70 -4.52 -38.21
C SER C 496 28.28 -4.34 -38.78
N ARG C 497 27.89 -3.12 -39.17
CA ARG C 497 26.72 -2.86 -40.06
C ARG C 497 27.06 -3.22 -41.51
N ILE D 4 18.91 29.27 46.80
CA ILE D 4 18.32 29.03 45.46
C ILE D 4 18.49 27.53 45.11
N ASP D 5 17.40 26.76 45.19
CA ASP D 5 17.34 25.34 44.74
C ASP D 5 17.32 25.31 43.21
N ALA D 6 16.88 26.40 42.57
CA ALA D 6 16.84 26.59 41.10
C ALA D 6 16.51 28.06 40.84
N GLU D 7 16.90 28.59 39.68
CA GLU D 7 16.72 30.01 39.26
C GLU D 7 15.21 30.35 39.10
N VAL D 8 14.40 29.34 38.76
CA VAL D 8 12.92 29.48 38.57
C VAL D 8 12.26 28.19 39.05
N ILE D 9 11.26 28.31 39.92
CA ILE D 9 10.39 27.16 40.31
C ILE D 9 9.07 27.28 39.53
N ILE D 10 8.51 26.13 39.13
CA ILE D 10 7.17 26.07 38.46
C ILE D 10 6.24 25.23 39.34
N VAL D 11 5.14 25.83 39.78
CA VAL D 11 4.03 25.09 40.44
C VAL D 11 3.12 24.60 39.31
N GLY D 12 3.13 23.31 39.03
CA GLY D 12 2.15 22.69 38.11
C GLY D 12 2.83 21.99 36.96
N ALA D 13 2.68 20.66 36.92
CA ALA D 13 3.20 19.74 35.89
C ALA D 13 2.16 19.50 34.79
N GLY D 14 1.36 20.51 34.44
CA GLY D 14 0.42 20.46 33.31
C GLY D 14 1.09 20.94 32.03
N PRO D 15 0.37 20.97 30.89
CA PRO D 15 0.97 21.33 29.60
C PRO D 15 1.64 22.71 29.62
N THR D 16 1.03 23.65 30.36
CA THR D 16 1.50 25.05 30.48
C THR D 16 2.89 25.05 31.16
N GLY D 17 2.97 24.35 32.30
CA GLY D 17 4.16 24.31 33.18
C GLY D 17 5.27 23.48 32.59
N LEU D 18 4.96 22.27 32.11
CA LEU D 18 5.94 21.38 31.44
C LEU D 18 6.50 22.08 30.19
N MET D 19 5.67 22.80 29.42
CA MET D 19 6.14 23.47 28.17
C MET D 19 7.04 24.64 28.58
N LEU D 20 6.76 25.27 29.72
CA LEU D 20 7.56 26.43 30.18
C LEU D 20 8.94 25.94 30.65
N ALA D 21 8.98 24.89 31.47
CA ALA D 21 10.21 24.16 31.88
C ALA D 21 11.09 23.91 30.64
N GLY D 22 10.51 23.29 29.61
CA GLY D 22 11.20 22.96 28.34
C GLY D 22 11.82 24.20 27.71
N GLU D 23 11.13 25.33 27.76
CA GLU D 23 11.60 26.60 27.17
C GLU D 23 12.72 27.18 28.04
N LEU D 24 12.54 27.17 29.37
CA LEU D 24 13.54 27.71 30.35
C LEU D 24 14.83 26.87 30.26
N ARG D 25 14.71 25.55 30.31
CA ARG D 25 15.82 24.58 30.05
C ARG D 25 16.52 24.88 28.72
N LEU D 26 15.80 25.25 27.64
CA LEU D 26 16.45 25.63 26.36
C LEU D 26 17.30 26.90 26.52
N ASN D 27 17.00 27.75 27.50
CA ASN D 27 17.77 29.00 27.78
C ASN D 27 18.66 28.77 29.01
N ASN D 28 18.87 27.51 29.41
CA ASN D 28 19.83 27.04 30.44
C ASN D 28 19.36 27.39 31.85
N VAL D 29 18.33 28.22 31.98
CA VAL D 29 17.75 28.56 33.31
C VAL D 29 17.49 27.25 34.05
N SER D 30 18.12 27.07 35.22
CA SER D 30 17.85 25.94 36.15
C SER D 30 16.38 26.03 36.57
N THR D 31 15.57 25.01 36.29
CA THR D 31 14.13 25.04 36.68
C THR D 31 13.72 23.74 37.38
N ILE D 32 12.89 23.88 38.39
CA ILE D 32 12.17 22.75 39.04
C ILE D 32 10.66 22.98 38.88
N VAL D 33 9.94 21.86 38.68
CA VAL D 33 8.47 21.80 38.51
C VAL D 33 7.93 21.06 39.73
N LEU D 34 6.95 21.66 40.41
CA LEU D 34 6.22 21.06 41.57
C LEU D 34 4.78 20.70 41.14
N ASP D 35 4.31 19.51 41.54
CA ASP D 35 2.89 19.11 41.35
C ASP D 35 2.44 18.28 42.55
N ARG D 36 1.29 18.62 43.12
CA ARG D 36 0.68 17.96 44.31
C ARG D 36 0.28 16.53 43.97
N LEU D 37 0.07 16.20 42.69
CA LEU D 37 -0.38 14.84 42.29
C LEU D 37 0.85 13.92 42.30
N ALA D 38 0.71 12.72 42.86
CA ALA D 38 1.76 11.67 42.87
C ALA D 38 2.07 11.23 41.43
N GLU D 39 1.03 11.11 40.59
CA GLU D 39 1.13 10.59 39.19
C GLU D 39 0.58 11.61 38.22
N PRO D 40 0.94 11.54 36.92
CA PRO D 40 0.20 12.23 35.86
C PRO D 40 -1.23 11.69 35.78
N MET D 41 -2.21 12.60 35.81
CA MET D 41 -3.67 12.30 35.79
C MET D 41 -3.95 11.36 34.61
N GLN D 42 -4.58 10.21 34.88
CA GLN D 42 -4.90 9.19 33.84
C GLN D 42 -5.83 9.81 32.78
N GLN D 43 -6.95 10.41 33.21
CA GLN D 43 -8.11 10.75 32.35
C GLN D 43 -7.86 12.09 31.63
N SER D 44 -7.99 12.11 30.29
CA SER D 44 -7.67 13.26 29.41
C SER D 44 -8.86 14.24 29.37
N ARG D 45 -8.60 15.53 29.59
CA ARG D 45 -9.61 16.62 29.42
C ARG D 45 -9.65 17.00 27.95
N ALA D 46 -8.64 17.71 27.46
CA ALA D 46 -8.45 18.01 26.02
C ALA D 46 -8.18 16.71 25.26
N LEU D 47 -8.63 16.65 24.00
CA LEU D 47 -8.36 15.52 23.07
C LEU D 47 -7.53 16.02 21.91
N GLY D 48 -6.92 17.20 22.06
CA GLY D 48 -6.10 17.82 21.01
C GLY D 48 -5.63 19.19 21.45
N PHE D 49 -5.37 20.05 20.48
CA PHE D 49 -4.85 21.42 20.67
C PHE D 49 -4.85 22.11 19.31
N SER D 50 -4.56 23.41 19.28
CA SER D 50 -4.82 24.30 18.14
C SER D 50 -3.73 24.19 17.09
N ALA D 51 -3.97 24.79 15.93
CA ALA D 51 -2.98 24.92 14.84
C ALA D 51 -1.71 25.64 15.35
N ARG D 52 -1.84 26.74 16.11
CA ARG D 52 -0.64 27.49 16.59
C ARG D 52 0.10 26.63 17.61
N THR D 53 -0.61 25.88 18.44
CA THR D 53 0.01 24.93 19.41
C THR D 53 0.87 23.87 18.66
N ILE D 54 0.34 23.28 17.59
CA ILE D 54 1.12 22.32 16.75
C ILE D 54 2.41 23.02 16.32
N GLU D 55 2.29 24.24 15.81
CA GLU D 55 3.42 25.01 15.23
C GLU D 55 4.49 25.28 16.30
N GLU D 56 4.07 25.50 17.56
CA GLU D 56 4.96 25.87 18.69
C GLU D 56 5.60 24.60 19.28
N PHE D 57 4.92 23.45 19.20
CA PHE D 57 5.55 22.13 19.38
C PHE D 57 6.58 21.88 18.25
N ASP D 58 6.20 22.07 16.99
CA ASP D 58 7.04 21.73 15.81
C ASP D 58 8.26 22.68 15.76
N GLN D 59 8.10 23.90 16.28
CA GLN D 59 9.15 24.96 16.37
C GLN D 59 10.34 24.46 17.20
N ARG D 60 10.06 23.63 18.20
CA ARG D 60 11.04 23.06 19.17
C ARG D 60 11.35 21.60 18.82
N GLY D 61 10.83 21.09 17.70
CA GLY D 61 10.94 19.67 17.34
C GLY D 61 10.31 18.70 18.35
N LEU D 62 9.33 19.14 19.16
CA LEU D 62 8.56 18.23 20.06
C LEU D 62 7.51 17.41 19.29
N LEU D 63 7.13 17.83 18.08
CA LEU D 63 5.98 17.27 17.32
C LEU D 63 6.37 15.86 16.82
N ALA D 64 7.65 15.66 16.48
CA ALA D 64 8.20 14.38 16.00
C ALA D 64 8.10 13.30 17.09
N ARG D 65 7.86 13.68 18.35
CA ARG D 65 7.77 12.72 19.49
C ARG D 65 6.35 12.16 19.62
N PHE D 66 5.36 12.76 18.93
CA PHE D 66 3.98 12.21 18.80
C PHE D 66 3.98 11.16 17.69
N GLY D 67 4.93 11.29 16.75
CA GLY D 67 4.86 10.74 15.38
C GLY D 67 4.01 11.62 14.50
N GLU D 68 3.25 11.00 13.58
CA GLU D 68 2.31 11.68 12.64
C GLU D 68 1.20 12.37 13.44
N VAL D 69 1.05 13.68 13.26
CA VAL D 69 -0.06 14.48 13.87
C VAL D 69 -1.09 14.75 12.78
N GLY D 70 -2.26 14.13 12.90
CA GLY D 70 -3.40 14.34 12.00
C GLY D 70 -4.22 15.54 12.47
N THR D 71 -4.62 16.42 11.56
CA THR D 71 -5.40 17.63 11.89
C THR D 71 -6.84 17.49 11.38
N ILE D 72 -7.74 18.32 11.92
CA ILE D 72 -9.20 18.35 11.62
C ILE D 72 -9.49 19.54 10.71
N PRO D 73 -9.88 19.34 9.44
CA PRO D 73 -10.04 20.47 8.51
C PRO D 73 -11.28 21.35 8.78
N PHE D 74 -12.38 20.74 9.26
CA PHE D 74 -13.66 21.46 9.41
C PHE D 74 -14.06 21.52 10.87
N GLY D 75 -14.66 22.63 11.22
CA GLY D 75 -15.39 22.76 12.49
C GLY D 75 -16.46 23.81 12.34
N HIS D 76 -16.56 24.64 13.37
CA HIS D 76 -17.65 25.62 13.56
C HIS D 76 -17.13 26.81 14.38
N PHE D 77 -17.98 27.82 14.42
CA PHE D 77 -17.92 28.95 15.34
C PHE D 77 -19.35 29.19 15.81
N GLY D 78 -19.64 28.79 17.06
CA GLY D 78 -20.98 28.86 17.68
C GLY D 78 -22.02 28.17 16.82
N GLY D 79 -21.69 27.03 16.22
CA GLY D 79 -22.62 26.23 15.42
C GLY D 79 -22.52 26.50 13.94
N VAL D 80 -21.78 27.54 13.52
CA VAL D 80 -21.74 27.93 12.09
C VAL D 80 -20.60 27.15 11.43
N PRO D 81 -20.89 26.24 10.46
CA PRO D 81 -19.84 25.48 9.79
C PRO D 81 -18.79 26.42 9.17
N LEU D 82 -17.52 26.08 9.39
CA LEU D 82 -16.36 26.81 8.83
C LEU D 82 -15.37 25.78 8.27
N ASP D 83 -14.67 26.16 7.21
CA ASP D 83 -13.46 25.44 6.77
C ASP D 83 -12.26 26.15 7.39
N TYR D 84 -11.51 25.44 8.24
CA TYR D 84 -10.40 25.99 9.06
C TYR D 84 -9.11 26.07 8.25
N ARG D 85 -9.12 25.65 6.98
CA ARG D 85 -7.91 25.69 6.11
C ARG D 85 -7.84 27.01 5.35
N VAL D 86 -8.82 27.89 5.49
CA VAL D 86 -8.83 29.19 4.76
C VAL D 86 -7.59 30.00 5.17
N ILE D 87 -7.00 29.75 6.35
CA ILE D 87 -5.72 30.37 6.82
C ILE D 87 -4.58 29.40 6.51
N LYS D 88 -3.55 29.86 5.78
CA LYS D 88 -2.32 29.06 5.51
C LYS D 88 -1.78 28.58 6.85
N GLY D 89 -1.77 27.27 7.06
CA GLY D 89 -1.38 26.64 8.33
C GLY D 89 -2.58 26.22 9.13
N GLY D 90 -3.77 26.73 8.77
CA GLY D 90 -4.98 26.59 9.59
C GLY D 90 -5.53 25.17 9.64
N SER D 91 -6.01 24.78 10.81
CA SER D 91 -6.92 23.63 10.98
C SER D 91 -7.74 23.87 12.25
N TYR D 92 -8.68 22.97 12.53
CA TYR D 92 -9.58 23.03 13.69
C TYR D 92 -8.84 22.46 14.90
N GLY D 93 -7.65 21.91 14.64
CA GLY D 93 -6.71 21.42 15.66
C GLY D 93 -6.12 20.08 15.29
N ALA D 94 -5.53 19.42 16.28
CA ALA D 94 -4.85 18.12 16.14
C ALA D 94 -5.85 17.03 16.48
N ARG D 95 -5.90 15.96 15.69
CA ARG D 95 -6.91 14.92 15.92
C ARG D 95 -6.30 13.80 16.78
N GLY D 96 -7.06 13.36 17.78
CA GLY D 96 -6.82 12.09 18.50
C GLY D 96 -5.60 12.12 19.39
N ILE D 97 -5.01 13.29 19.68
CA ILE D 97 -3.91 13.43 20.70
C ILE D 97 -4.52 13.86 22.05
N PRO D 98 -4.81 12.89 22.94
CA PRO D 98 -5.32 13.23 24.27
C PRO D 98 -4.27 14.07 25.03
N GLN D 99 -4.74 14.84 26.02
CA GLN D 99 -3.93 15.69 26.92
C GLN D 99 -2.85 14.86 27.66
N SER D 100 -3.20 13.68 28.18
CA SER D 100 -2.27 12.76 28.89
C SER D 100 -1.03 12.45 28.03
N ARG D 101 -1.18 12.37 26.72
CA ARG D 101 -0.08 12.05 25.78
C ARG D 101 0.64 13.36 25.48
N THR D 102 -0.10 14.47 25.47
CA THR D 102 0.48 15.83 25.36
C THR D 102 1.39 16.06 26.58
N GLU D 103 0.91 15.71 27.78
CA GLU D 103 1.66 15.87 29.05
C GLU D 103 2.80 14.86 29.05
N GLY D 104 2.53 13.62 28.64
CA GLY D 104 3.54 12.61 28.29
C GLY D 104 4.70 13.28 27.55
N MET D 105 4.49 13.65 26.29
CA MET D 105 5.50 14.27 25.40
C MET D 105 6.25 15.37 26.16
N LEU D 106 5.52 16.37 26.65
CA LEU D 106 6.09 17.63 27.23
C LEU D 106 6.97 17.30 28.45
N ALA D 107 6.46 16.48 29.37
CA ALA D 107 7.22 16.02 30.56
C ALA D 107 8.50 15.36 30.06
N ALA D 108 8.41 14.55 29.00
CA ALA D 108 9.55 13.85 28.36
C ALA D 108 10.63 14.83 27.96
N ALA D 109 10.27 15.90 27.25
CA ALA D 109 11.22 16.90 26.71
C ALA D 109 11.81 17.80 27.79
N ALA D 110 11.09 18.00 28.89
CA ALA D 110 11.48 18.92 30.00
C ALA D 110 12.55 18.25 30.87
N VAL D 111 12.30 17.02 31.30
CA VAL D 111 13.24 16.16 32.09
C VAL D 111 14.50 15.91 31.24
N GLU D 112 14.33 15.51 29.99
CA GLU D 112 15.43 15.25 29.02
C GLU D 112 16.36 16.46 28.89
N LEU D 113 15.84 17.69 28.87
CA LEU D 113 16.67 18.93 28.80
C LEU D 113 17.12 19.34 30.23
N GLY D 114 16.74 18.58 31.25
CA GLY D 114 17.24 18.72 32.63
C GLY D 114 16.43 19.71 33.45
N ALA D 115 15.10 19.57 33.43
CA ALA D 115 14.18 20.19 34.41
C ALA D 115 13.96 19.19 35.54
N GLU D 116 13.89 19.70 36.78
CA GLU D 116 13.60 18.88 37.99
C GLU D 116 12.08 18.85 38.14
N LEU D 117 11.49 17.66 38.09
CA LEU D 117 10.03 17.47 38.20
C LEU D 117 9.77 16.67 39.48
N ARG D 118 9.56 17.37 40.59
CA ARG D 118 9.22 16.74 41.89
C ARG D 118 7.70 16.73 42.03
N ARG D 119 7.09 15.55 41.88
CA ARG D 119 5.64 15.33 42.07
C ARG D 119 5.37 15.21 43.58
N GLY D 120 4.19 14.70 43.96
CA GLY D 120 3.76 14.50 45.36
C GLY D 120 3.91 15.72 46.26
N GLN D 121 4.24 16.90 45.71
CA GLN D 121 4.59 18.14 46.48
C GLN D 121 3.56 19.24 46.21
N GLU D 122 3.10 19.94 47.25
CA GLU D 122 1.99 20.93 47.17
C GLU D 122 2.40 22.25 47.80
N VAL D 123 2.55 23.31 47.00
CA VAL D 123 2.83 24.68 47.50
C VAL D 123 1.73 25.07 48.49
N VAL D 124 2.05 25.94 49.47
CA VAL D 124 1.09 26.47 50.49
C VAL D 124 1.40 27.95 50.82
N SER D 125 2.63 28.45 50.63
CA SER D 125 2.91 29.90 50.84
C SER D 125 3.78 30.46 49.72
N ILE D 126 3.59 31.75 49.45
CA ILE D 126 4.32 32.57 48.44
C ILE D 126 4.89 33.80 49.16
N ASP D 127 6.21 33.85 49.30
CA ASP D 127 6.90 35.08 49.76
C ASP D 127 7.90 35.56 48.68
N ASP D 128 7.62 36.72 48.10
CA ASP D 128 8.50 37.50 47.19
C ASP D 128 9.18 38.59 48.04
N ASP D 129 10.52 38.59 48.09
CA ASP D 129 11.39 39.57 48.83
C ASP D 129 11.57 40.86 48.01
N GLY D 130 11.64 40.74 46.68
CA GLY D 130 12.13 41.79 45.76
C GLY D 130 13.55 41.47 45.32
N THR D 131 14.09 40.36 45.82
CA THR D 131 15.47 39.88 45.54
C THR D 131 15.43 38.40 45.08
N GLY D 132 14.27 37.76 45.26
CA GLY D 132 14.07 36.31 45.18
C GLY D 132 12.65 35.96 45.60
N VAL D 133 12.32 34.67 45.69
CA VAL D 133 10.95 34.19 46.00
C VAL D 133 11.07 32.89 46.81
N ALA D 134 10.25 32.73 47.83
CA ALA D 134 10.21 31.50 48.66
C ALA D 134 8.97 30.69 48.31
N VAL D 135 8.91 29.44 48.75
CA VAL D 135 7.78 28.50 48.55
C VAL D 135 7.70 27.53 49.73
N VAL D 136 6.55 27.49 50.40
CA VAL D 136 6.32 26.61 51.58
C VAL D 136 5.81 25.25 51.10
N VAL D 137 6.62 24.51 50.34
CA VAL D 137 6.26 23.15 49.82
C VAL D 137 5.87 22.28 51.03
N ARG D 138 4.75 21.57 50.96
CA ARG D 138 4.31 20.58 51.98
C ARG D 138 4.37 19.18 51.36
N THR D 139 4.19 18.13 52.18
CA THR D 139 4.03 16.70 51.74
C THR D 139 3.06 15.99 52.68
N GLY D 142 6.77 15.85 55.34
CA GLY D 142 6.67 17.12 56.09
C GLY D 142 6.98 18.34 55.23
N GLU D 143 6.83 19.54 55.78
CA GLU D 143 6.95 20.83 55.04
C GLU D 143 8.43 21.22 54.84
N GLN D 144 9.00 20.92 53.67
CA GLN D 144 10.33 21.45 53.22
C GLN D 144 10.23 22.96 53.05
N THR D 145 11.16 23.59 52.32
CA THR D 145 11.06 25.03 51.88
C THR D 145 12.00 25.28 50.71
N LEU D 146 11.58 26.07 49.72
CA LEU D 146 12.30 26.23 48.42
C LEU D 146 12.32 27.70 48.00
N ARG D 147 13.34 28.09 47.25
CA ARG D 147 13.57 29.51 46.84
C ARG D 147 14.06 29.58 45.39
N ALA D 148 13.76 30.68 44.70
CA ALA D 148 14.27 30.96 43.34
C ALA D 148 14.30 32.46 43.08
N LYS D 149 14.78 32.86 41.90
CA LYS D 149 14.78 34.29 41.46
C LYS D 149 13.38 34.71 41.02
N TYR D 150 12.61 33.82 40.40
CA TYR D 150 11.21 34.08 40.00
C TYR D 150 10.39 32.80 40.19
N LEU D 151 9.10 32.95 40.53
CA LEU D 151 8.14 31.84 40.65
C LEU D 151 7.00 31.99 39.64
N VAL D 152 6.79 30.96 38.81
CA VAL D 152 5.69 30.91 37.80
C VAL D 152 4.59 29.99 38.34
N GLY D 153 3.42 30.57 38.60
CA GLY D 153 2.17 29.86 38.89
C GLY D 153 1.55 29.34 37.61
N ALA D 154 1.57 28.02 37.44
CA ALA D 154 0.95 27.31 36.31
C ALA D 154 0.08 26.21 36.91
N ASP D 155 -0.68 26.59 37.95
CA ASP D 155 -1.34 25.64 38.87
C ASP D 155 -2.86 25.65 38.65
N GLY D 156 -3.30 25.94 37.43
CA GLY D 156 -4.70 25.72 37.01
C GLY D 156 -5.65 26.85 37.40
N ALA D 157 -6.93 26.51 37.58
CA ALA D 157 -8.08 27.44 37.69
C ALA D 157 -8.12 28.03 39.09
N ARG D 158 -8.07 27.17 40.11
CA ARG D 158 -7.99 27.55 41.55
C ARG D 158 -6.51 27.76 41.95
N SER D 159 -5.82 28.67 41.24
CA SER D 159 -4.35 28.88 41.33
C SER D 159 -3.96 29.39 42.72
N THR D 160 -3.34 28.54 43.53
CA THR D 160 -2.72 28.94 44.82
C THR D 160 -1.90 30.20 44.59
N VAL D 161 -0.96 30.13 43.64
CA VAL D 161 0.02 31.22 43.34
C VAL D 161 -0.72 32.51 43.01
N ARG D 162 -1.79 32.47 42.22
CA ARG D 162 -2.61 33.67 41.88
C ARG D 162 -3.24 34.24 43.15
N LYS D 163 -3.78 33.34 44.01
CA LYS D 163 -4.53 33.67 45.25
C LYS D 163 -3.55 34.32 46.25
N ALA D 164 -2.64 33.54 46.83
CA ALA D 164 -1.62 34.02 47.78
C ALA D 164 -1.04 35.35 47.26
N ALA D 165 -0.58 35.38 46.01
CA ALA D 165 0.01 36.57 45.35
C ALA D 165 -0.95 37.77 45.37
N GLY D 166 -2.21 37.57 45.74
CA GLY D 166 -3.21 38.64 45.88
C GLY D 166 -3.68 39.17 44.53
N ILE D 167 -3.64 38.35 43.48
CA ILE D 167 -4.29 38.70 42.18
C ILE D 167 -5.70 38.07 42.21
N ASP D 168 -6.65 38.81 41.66
CA ASP D 168 -8.07 38.39 41.49
C ASP D 168 -8.27 38.05 40.02
N PHE D 169 -8.87 36.89 39.72
CA PHE D 169 -9.37 36.55 38.35
C PHE D 169 -10.82 37.04 38.29
N PRO D 170 -11.04 38.31 37.88
CA PRO D 170 -12.38 38.81 37.60
C PRO D 170 -12.95 38.20 36.31
N GLY D 171 -14.28 38.21 36.19
CA GLY D 171 -15.00 37.78 34.98
C GLY D 171 -16.36 37.22 35.35
N THR D 172 -16.99 36.52 34.41
CA THR D 172 -18.41 36.10 34.50
C THR D 172 -18.52 34.83 35.35
N ASP D 173 -19.60 34.73 36.12
CA ASP D 173 -19.98 33.53 36.90
C ASP D 173 -20.43 32.47 35.93
N PRO D 174 -20.56 31.20 36.35
CA PRO D 174 -21.13 30.17 35.50
C PRO D 174 -22.62 30.47 35.27
N THR D 175 -23.21 29.90 34.21
CA THR D 175 -24.66 30.01 33.87
C THR D 175 -25.20 28.69 33.35
N MET D 176 -24.37 27.66 33.21
CA MET D 176 -24.77 26.35 32.62
C MET D 176 -23.72 25.29 32.97
N GLU D 177 -24.10 24.02 32.81
CA GLU D 177 -23.21 22.86 32.96
C GLU D 177 -23.29 22.01 31.70
N MET D 178 -22.15 21.41 31.33
CA MET D 178 -22.01 20.37 30.29
C MET D 178 -21.45 19.12 30.96
N TRP D 179 -22.23 18.04 31.04
CA TRP D 179 -21.75 16.75 31.60
C TRP D 179 -21.06 15.93 30.51
N LEU D 180 -20.25 14.97 30.94
CA LEU D 180 -19.26 14.26 30.12
C LEU D 180 -19.14 12.85 30.69
N ALA D 181 -19.30 11.83 29.85
CA ALA D 181 -19.11 10.42 30.24
C ALA D 181 -18.29 9.69 29.17
N ASP D 182 -17.14 9.15 29.55
CA ASP D 182 -16.37 8.20 28.72
C ASP D 182 -17.03 6.84 28.94
N VAL D 183 -17.41 6.19 27.85
CA VAL D 183 -18.19 4.93 27.85
C VAL D 183 -17.62 4.03 26.74
N ALA D 184 -17.45 2.75 27.05
CA ALA D 184 -16.92 1.73 26.14
C ALA D 184 -18.03 0.71 25.86
N GLY D 185 -18.17 0.31 24.59
CA GLY D 185 -19.01 -0.82 24.14
C GLY D 185 -20.40 -0.40 23.68
N CYS D 186 -20.65 0.89 23.43
CA CYS D 186 -21.98 1.41 23.01
C CYS D 186 -22.02 1.61 21.48
N ASP D 187 -20.88 1.89 20.85
CA ASP D 187 -20.75 1.89 19.38
C ASP D 187 -21.65 2.99 18.80
N LEU D 188 -21.62 4.17 19.41
CA LEU D 188 -22.51 5.30 19.06
C LEU D 188 -22.08 5.91 17.73
N ARG D 189 -22.98 6.65 17.11
CA ARG D 189 -22.70 7.56 15.97
C ARG D 189 -21.94 8.77 16.52
N LEU D 190 -20.87 9.17 15.83
CA LEU D 190 -20.04 10.32 16.24
C LEU D 190 -20.74 11.61 15.86
N ARG D 191 -20.64 12.60 16.74
CA ARG D 191 -21.19 13.96 16.59
C ARG D 191 -20.06 14.92 16.97
N PHE D 192 -19.11 15.12 16.05
CA PHE D 192 -17.76 15.69 16.32
C PHE D 192 -17.92 17.11 16.86
N SER D 193 -18.77 17.91 16.22
CA SER D 193 -18.94 19.36 16.50
C SER D 193 -20.06 19.59 17.55
N GLY D 194 -20.74 18.54 17.99
CA GLY D 194 -22.03 18.67 18.70
C GLY D 194 -23.19 18.83 17.72
N GLU D 195 -24.41 18.51 18.17
CA GLU D 195 -25.66 18.65 17.37
C GLU D 195 -26.74 19.28 18.24
N LEU D 196 -27.32 20.41 17.83
CA LEU D 196 -28.55 20.96 18.47
C LEU D 196 -29.69 19.96 18.25
N VAL D 197 -30.37 19.61 19.33
CA VAL D 197 -31.61 18.79 19.36
C VAL D 197 -32.60 19.53 20.24
N PRO D 198 -33.87 19.11 20.27
CA PRO D 198 -34.82 19.65 21.25
C PRO D 198 -34.37 19.19 22.65
N GLY D 199 -34.27 20.11 23.59
CA GLY D 199 -33.75 19.82 24.95
C GLY D 199 -32.37 20.42 25.15
N GLY D 200 -31.50 20.38 24.14
CA GLY D 200 -30.23 21.12 24.15
C GLY D 200 -29.26 20.73 23.04
N MET D 201 -28.15 20.08 23.43
CA MET D 201 -26.95 19.86 22.59
C MET D 201 -26.27 18.57 23.04
N VAL D 202 -25.84 17.75 22.06
CA VAL D 202 -25.11 16.48 22.32
C VAL D 202 -23.85 16.47 21.45
N MET D 203 -22.74 15.96 22.01
CA MET D 203 -21.53 15.57 21.22
C MET D 203 -21.17 14.14 21.55
N VAL D 204 -20.56 13.46 20.59
CA VAL D 204 -20.03 12.07 20.75
C VAL D 204 -18.66 12.12 20.06
N LEU D 205 -17.58 11.92 20.83
CA LEU D 205 -16.21 12.00 20.29
C LEU D 205 -15.59 10.62 20.38
N PRO D 206 -14.76 10.21 19.39
CA PRO D 206 -14.04 8.94 19.48
C PRO D 206 -12.90 9.06 20.50
N LEU D 207 -12.77 8.06 21.36
CA LEU D 207 -11.63 7.96 22.33
C LEU D 207 -10.67 6.91 21.78
N GLY D 208 -11.12 5.67 21.67
CA GLY D 208 -10.50 4.61 20.86
C GLY D 208 -11.57 3.84 20.07
N PRO D 209 -11.23 2.62 19.59
CA PRO D 209 -12.13 1.87 18.70
C PRO D 209 -13.45 1.37 19.32
N VAL D 210 -13.52 1.24 20.64
CA VAL D 210 -14.70 0.66 21.36
C VAL D 210 -15.13 1.58 22.52
N ALA D 211 -14.55 2.79 22.61
CA ALA D 211 -14.82 3.79 23.66
C ALA D 211 -15.16 5.14 23.00
N GLN D 212 -16.12 5.86 23.58
CA GLN D 212 -16.55 7.21 23.09
C GLN D 212 -16.79 8.14 24.27
N ARG D 213 -16.55 9.44 24.06
CA ARG D 213 -16.89 10.51 25.03
C ARG D 213 -18.25 11.11 24.64
N VAL D 214 -19.24 10.90 25.50
CA VAL D 214 -20.62 11.43 25.33
C VAL D 214 -20.76 12.74 26.10
N VAL D 215 -20.72 13.87 25.38
CA VAL D 215 -20.87 15.25 25.95
C VAL D 215 -22.33 15.67 25.81
N VAL D 216 -22.87 16.30 26.84
CA VAL D 216 -24.33 16.49 27.05
C VAL D 216 -24.58 17.86 27.67
N PHE D 217 -25.58 18.57 27.13
CA PHE D 217 -26.13 19.85 27.65
C PHE D 217 -27.66 19.84 27.53
N GLU D 218 -28.34 20.23 28.61
CA GLU D 218 -29.83 20.32 28.67
C GLU D 218 -30.26 21.72 29.11
N HIS D 219 -31.17 22.33 28.36
CA HIS D 219 -31.74 23.68 28.63
C HIS D 219 -32.34 23.74 30.05
N ALA D 220 -32.99 22.65 30.49
CA ALA D 220 -33.79 22.55 31.74
C ALA D 220 -32.92 22.42 33.01
N THR D 221 -31.72 21.83 32.91
CA THR D 221 -30.84 21.47 34.06
C THR D 221 -30.28 22.70 34.78
N GLY D 222 -30.00 23.79 34.07
CA GLY D 222 -29.28 24.96 34.60
C GLY D 222 -28.00 24.52 35.33
N LEU D 223 -27.87 24.85 36.62
CA LEU D 223 -26.74 24.43 37.49
C LEU D 223 -27.27 23.55 38.63
N ARG D 224 -26.47 22.58 39.10
CA ARG D 224 -26.67 21.89 40.40
C ARG D 224 -25.80 22.58 41.46
N ASN D 225 -25.24 21.80 42.40
CA ASN D 225 -24.19 22.20 43.39
C ASN D 225 -23.23 21.02 43.59
N SER D 226 -21.94 21.18 43.25
CA SER D 226 -20.83 20.27 43.68
C SER D 226 -19.50 21.05 43.65
N PRO D 230 -21.60 15.09 38.43
CA PRO D 230 -22.74 14.20 38.11
C PRO D 230 -22.37 12.72 38.18
N THR D 231 -23.33 11.85 38.44
CA THR D 231 -23.17 10.39 38.25
C THR D 231 -23.25 10.08 36.76
N PHE D 232 -22.50 9.08 36.30
CA PHE D 232 -22.67 8.43 34.98
C PHE D 232 -24.17 8.23 34.72
N ALA D 233 -24.89 7.69 35.71
CA ALA D 233 -26.33 7.31 35.62
C ALA D 233 -27.17 8.54 35.27
N GLU D 234 -26.85 9.72 35.81
CA GLU D 234 -27.56 11.00 35.55
C GLU D 234 -27.15 11.57 34.18
N VAL D 235 -25.92 11.31 33.75
CA VAL D 235 -25.43 11.70 32.39
C VAL D 235 -26.11 10.79 31.38
N ALA D 236 -26.35 9.53 31.75
CA ALA D 236 -27.04 8.51 30.93
C ALA D 236 -28.48 8.94 30.68
N ASP D 237 -29.21 9.27 31.74
CA ASP D 237 -30.62 9.73 31.66
C ASP D 237 -30.70 10.95 30.73
N ALA D 238 -29.78 11.89 30.88
CA ALA D 238 -29.73 13.14 30.09
C ALA D 238 -29.50 12.81 28.60
N PHE D 239 -28.54 11.94 28.31
CA PHE D 239 -28.23 11.49 26.93
C PHE D 239 -29.51 10.89 26.33
N GLU D 240 -30.27 10.11 27.11
CA GLU D 240 -31.50 9.43 26.63
C GLU D 240 -32.61 10.47 26.37
N ARG D 241 -32.85 11.41 27.28
CA ARG D 241 -33.85 12.50 27.10
C ARG D 241 -33.60 13.22 25.77
N LEU D 242 -32.33 13.42 25.38
CA LEU D 242 -31.92 14.26 24.22
C LEU D 242 -31.94 13.45 22.92
N THR D 243 -31.56 12.17 22.91
CA THR D 243 -31.31 11.38 21.69
C THR D 243 -32.27 10.19 21.57
N GLY D 244 -32.74 9.64 22.69
CA GLY D 244 -33.57 8.43 22.76
C GLY D 244 -32.73 7.18 22.95
N GLU D 245 -31.40 7.37 23.03
CA GLU D 245 -30.40 6.27 22.98
C GLU D 245 -29.98 5.91 24.42
N ASP D 246 -29.80 4.61 24.65
CA ASP D 246 -29.57 3.98 25.98
C ASP D 246 -28.10 3.54 26.03
N ILE D 247 -27.28 4.18 26.87
CA ILE D 247 -25.84 3.82 27.08
C ILE D 247 -25.62 3.14 28.45
N ARG D 248 -26.70 2.81 29.19
CA ARG D 248 -26.62 2.13 30.52
C ARG D 248 -25.89 0.78 30.37
N GLY D 249 -25.93 0.16 29.18
CA GLY D 249 -25.29 -1.15 28.87
C GLY D 249 -23.78 -1.06 28.67
N GLY D 250 -23.25 0.13 28.42
CA GLY D 250 -21.80 0.36 28.24
C GLY D 250 -21.05 0.37 29.57
N LYS D 251 -19.74 0.13 29.52
CA LYS D 251 -18.81 0.19 30.68
C LYS D 251 -18.45 1.65 30.95
N PRO D 252 -18.88 2.25 32.08
CA PRO D 252 -18.38 3.57 32.46
C PRO D 252 -16.85 3.53 32.62
N LEU D 253 -16.16 4.49 32.01
CA LEU D 253 -14.69 4.69 32.18
C LEU D 253 -14.47 5.94 33.04
N TRP D 254 -15.08 7.05 32.64
CA TRP D 254 -14.96 8.36 33.31
C TRP D 254 -16.27 9.15 33.24
N VAL D 255 -16.46 10.07 34.18
CA VAL D 255 -17.60 11.02 34.27
C VAL D 255 -17.03 12.36 34.77
N SER D 256 -17.26 13.46 34.06
CA SER D 256 -16.79 14.80 34.49
C SER D 256 -17.75 15.88 33.98
N TRP D 257 -17.34 17.14 34.07
CA TRP D 257 -18.21 18.29 33.71
C TRP D 257 -17.40 19.58 33.61
N PHE D 258 -18.02 20.60 33.04
CA PHE D 258 -17.46 21.97 32.96
C PHE D 258 -18.61 22.97 32.82
N THR D 259 -18.25 24.25 32.89
CA THR D 259 -19.18 25.40 32.90
C THR D 259 -18.64 26.42 31.89
N ASP D 260 -19.37 27.52 31.75
CA ASP D 260 -18.97 28.69 30.92
C ASP D 260 -18.41 29.80 31.83
N SER D 261 -17.95 29.46 33.04
CA SER D 261 -17.17 30.40 33.90
C SER D 261 -15.99 30.94 33.09
N SER D 262 -15.94 32.26 32.89
CA SER D 262 -14.93 32.95 32.02
C SER D 262 -14.23 34.07 32.81
N ARG D 263 -13.03 33.79 33.34
CA ARG D 263 -12.25 34.69 34.24
C ARG D 263 -10.78 34.76 33.80
N GLN D 264 -10.14 35.91 34.01
CA GLN D 264 -8.75 36.22 33.57
C GLN D 264 -8.05 37.02 34.68
N ALA D 265 -6.88 36.57 35.10
CA ALA D 265 -5.95 37.32 35.98
C ALA D 265 -5.89 38.78 35.51
N ALA D 266 -6.14 39.71 36.45
CA ALA D 266 -6.04 41.17 36.22
C ALA D 266 -4.59 41.53 35.91
N GLU D 267 -3.62 40.86 36.54
CA GLU D 267 -2.17 41.02 36.24
C GLU D 267 -1.51 39.65 36.07
N TYR D 268 -0.57 39.55 35.13
CA TYR D 268 0.20 38.32 34.83
C TYR D 268 1.48 38.28 35.68
N ARG D 269 2.18 39.42 35.77
CA ARG D 269 3.39 39.60 36.61
C ARG D 269 3.06 40.47 37.84
N ARG D 270 3.11 39.88 39.04
CA ARG D 270 3.22 40.63 40.32
C ARG D 270 4.66 40.54 40.84
N GLY D 271 5.49 41.54 40.52
CA GLY D 271 6.91 41.65 40.91
C GLY D 271 7.75 40.51 40.33
N ARG D 272 8.05 39.51 41.18
CA ARG D 272 8.84 38.29 40.82
C ARG D 272 7.90 37.07 40.70
N ILE D 273 6.59 37.25 40.89
CA ILE D 273 5.57 36.18 40.61
C ILE D 273 4.91 36.45 39.26
N LEU D 274 4.84 35.40 38.42
CA LEU D 274 4.18 35.40 37.09
C LEU D 274 3.10 34.31 37.06
N LEU D 275 2.08 34.52 36.22
CA LEU D 275 0.95 33.57 35.97
C LEU D 275 0.94 33.18 34.48
N ALA D 276 0.58 31.93 34.19
CA ALA D 276 0.44 31.41 32.82
C ALA D 276 -0.59 30.28 32.81
N GLY D 277 -1.29 30.10 31.67
CA GLY D 277 -2.23 28.97 31.49
C GLY D 277 -3.54 29.22 32.21
N ASP D 278 -4.09 28.21 32.87
CA ASP D 278 -5.44 28.28 33.50
C ASP D 278 -5.43 29.18 34.74
N ALA D 279 -4.25 29.37 35.36
CA ALA D 279 -4.03 30.30 36.49
C ALA D 279 -4.28 31.73 35.99
N ALA D 280 -4.02 31.99 34.71
CA ALA D 280 -4.15 33.33 34.09
C ALA D 280 -5.52 33.52 33.43
N HIS D 281 -6.27 32.43 33.19
CA HIS D 281 -7.52 32.44 32.38
C HIS D 281 -8.24 31.10 32.46
N ILE D 282 -9.57 31.14 32.62
CA ILE D 282 -10.49 29.96 32.55
C ILE D 282 -11.63 30.33 31.58
N HIS D 283 -12.23 29.34 30.91
CA HIS D 283 -13.31 29.56 29.92
C HIS D 283 -13.94 28.23 29.50
N MET D 284 -15.07 28.29 28.81
CA MET D 284 -15.73 27.07 28.29
C MET D 284 -14.80 26.44 27.28
N PRO D 285 -14.40 25.17 27.43
CA PRO D 285 -13.51 24.55 26.45
C PRO D 285 -14.30 24.28 25.16
N ILE D 286 -13.73 24.66 24.02
CA ILE D 286 -14.29 24.34 22.67
C ILE D 286 -13.15 23.93 21.74
N GLY D 287 -13.09 22.65 21.40
CA GLY D 287 -12.13 22.11 20.40
C GLY D 287 -10.71 22.27 20.89
N GLY D 288 -9.89 23.07 20.17
CA GLY D 288 -8.50 23.35 20.54
C GLY D 288 -8.39 24.51 21.53
N GLN D 289 -9.48 24.96 22.15
CA GLN D 289 -9.47 26.22 22.95
C GLN D 289 -9.50 25.85 24.43
N GLY D 290 -8.43 26.28 25.14
CA GLY D 290 -8.19 26.02 26.56
C GLY D 290 -6.71 25.90 26.86
N MET D 291 -6.19 24.67 26.83
CA MET D 291 -4.76 24.30 26.91
C MET D 291 -3.95 25.13 25.90
N SER D 292 -4.40 25.23 24.66
CA SER D 292 -3.62 25.85 23.56
C SER D 292 -3.03 27.20 24.01
N ALA D 293 -3.83 28.04 24.70
CA ALA D 293 -3.46 29.44 24.99
C ALA D 293 -2.43 29.45 26.13
N GLY D 294 -2.53 28.51 27.06
CA GLY D 294 -1.56 28.24 28.13
C GLY D 294 -0.21 27.84 27.58
N ILE D 295 -0.18 26.91 26.61
CA ILE D 295 1.05 26.57 25.85
C ILE D 295 1.62 27.87 25.24
N GLN D 296 0.77 28.73 24.64
CA GLN D 296 1.27 29.99 24.01
C GLN D 296 1.86 30.94 25.06
N ASP D 297 1.29 30.97 26.28
CA ASP D 297 1.77 31.77 27.43
C ASP D 297 3.22 31.32 27.69
N ALA D 298 3.43 30.02 27.97
CA ALA D 298 4.76 29.42 28.24
C ALA D 298 5.78 29.89 27.19
N VAL D 299 5.43 29.81 25.92
CA VAL D 299 6.36 30.13 24.80
C VAL D 299 6.62 31.65 24.76
N ASN D 300 5.64 32.47 25.16
CA ASN D 300 5.84 33.94 25.26
C ASN D 300 6.77 34.27 26.45
N LEU D 301 6.61 33.56 27.58
CA LEU D 301 7.25 33.83 28.88
C LEU D 301 8.72 33.35 28.87
N GLY D 302 8.94 32.05 28.66
CA GLY D 302 10.26 31.38 28.74
C GLY D 302 11.43 32.32 28.45
N TRP D 303 11.56 32.76 27.19
CA TRP D 303 12.75 33.48 26.65
C TRP D 303 12.86 34.91 27.20
N LYS D 304 11.74 35.48 27.63
CA LYS D 304 11.63 36.84 28.24
C LYS D 304 12.20 36.76 29.66
N LEU D 305 11.74 35.76 30.44
CA LEU D 305 12.12 35.51 31.84
C LEU D 305 13.62 35.19 31.92
N ALA D 306 14.12 34.44 30.94
CA ALA D 306 15.54 34.00 30.85
C ALA D 306 16.44 35.22 30.71
N ALA D 307 16.05 36.14 29.83
CA ALA D 307 16.78 37.40 29.52
C ALA D 307 16.85 38.28 30.78
N GLU D 308 15.77 38.28 31.59
CA GLU D 308 15.73 39.03 32.87
C GLU D 308 16.81 38.46 33.80
N ILE D 309 16.80 37.14 33.99
CA ILE D 309 17.74 36.45 34.91
C ILE D 309 19.18 36.59 34.39
N HIS D 310 19.40 36.45 33.09
CA HIS D 310 20.74 36.55 32.46
C HIS D 310 21.14 38.02 32.34
N GLY D 311 20.22 38.94 32.63
CA GLY D 311 20.50 40.38 32.77
C GLY D 311 20.89 41.04 31.45
N HIS D 312 20.38 40.57 30.29
CA HIS D 312 20.42 41.31 29.01
C HIS D 312 19.03 41.79 28.59
N ALA D 313 17.98 41.46 29.38
CA ALA D 313 16.57 41.86 29.12
C ALA D 313 16.50 43.37 29.03
N PRO D 314 16.00 43.98 27.93
CA PRO D 314 15.72 45.41 27.95
C PRO D 314 14.79 45.81 29.12
N GLU D 315 14.86 47.08 29.54
CA GLU D 315 13.89 47.69 30.49
C GLU D 315 12.51 47.54 29.85
N GLY D 316 11.67 46.65 30.38
CA GLY D 316 10.27 46.49 29.92
C GLY D 316 10.07 45.34 28.93
N LEU D 317 11.04 44.44 28.77
CA LEU D 317 10.85 43.17 28.01
C LEU D 317 9.97 42.21 28.83
N LEU D 318 10.30 41.92 30.09
CA LEU D 318 9.50 40.97 30.91
C LEU D 318 8.07 41.49 31.09
N ASP D 319 7.89 42.81 31.15
CA ASP D 319 6.55 43.44 31.27
C ASP D 319 5.73 43.16 30.00
N THR D 320 6.40 42.93 28.86
CA THR D 320 5.77 42.74 27.53
C THR D 320 4.97 41.41 27.57
N TYR D 321 5.24 40.53 28.55
CA TYR D 321 4.46 39.30 28.81
C TYR D 321 3.00 39.65 29.08
N HIS D 322 2.74 40.67 29.90
CA HIS D 322 1.35 41.04 30.29
C HIS D 322 0.71 41.77 29.11
N THR D 323 1.37 42.82 28.62
CA THR D 323 0.85 43.68 27.54
C THR D 323 0.62 42.85 26.28
N GLU D 324 1.37 41.75 26.08
CA GLU D 324 1.18 40.85 24.92
C GLU D 324 0.09 39.79 25.22
N ARG D 325 0.17 39.04 26.32
CA ARG D 325 -0.66 37.82 26.48
C ARG D 325 -2.00 38.08 27.16
N HIS D 326 -2.19 39.22 27.82
CA HIS D 326 -3.48 39.60 28.46
C HIS D 326 -4.54 39.84 27.39
N PRO D 327 -4.32 40.69 26.38
CA PRO D 327 -5.34 40.91 25.35
C PRO D 327 -5.52 39.75 24.36
N VAL D 328 -4.51 38.91 24.15
CA VAL D 328 -4.68 37.67 23.33
C VAL D 328 -5.55 36.67 24.10
N ASP D 329 -5.18 36.35 25.34
CA ASP D 329 -5.90 35.39 26.22
C ASP D 329 -7.33 35.90 26.48
N GLY D 330 -7.53 37.22 26.44
CA GLY D 330 -8.83 37.89 26.62
C GLY D 330 -9.76 37.59 25.46
N ARG D 331 -9.25 37.66 24.22
CA ARG D 331 -10.02 37.38 22.99
C ARG D 331 -10.44 35.91 22.91
N VAL D 332 -9.71 35.00 23.54
CA VAL D 332 -10.10 33.56 23.64
C VAL D 332 -11.29 33.46 24.61
N VAL D 333 -11.26 34.21 25.71
CA VAL D 333 -12.38 34.27 26.72
C VAL D 333 -13.66 34.75 26.03
N MET D 334 -13.57 35.89 25.34
CA MET D 334 -14.66 36.54 24.58
C MET D 334 -15.19 35.57 23.50
N ASN D 335 -14.37 35.25 22.49
CA ASN D 335 -14.56 34.19 21.47
C ASN D 335 -15.38 33.04 22.03
N THR D 336 -14.90 32.35 23.07
CA THR D 336 -15.56 31.12 23.58
C THR D 336 -16.90 31.48 24.23
N LEU D 337 -17.04 32.69 24.79
CA LEU D 337 -18.33 33.15 25.39
C LEU D 337 -19.32 33.41 24.26
N ALA D 338 -18.90 34.13 23.23
CA ALA D 338 -19.75 34.45 22.06
C ALA D 338 -20.28 33.11 21.51
N GLN D 339 -19.39 32.12 21.39
CA GLN D 339 -19.72 30.77 20.86
C GLN D 339 -20.74 30.11 21.78
N ARG D 340 -20.50 30.04 23.10
CA ARG D 340 -21.40 29.34 24.04
C ARG D 340 -22.82 29.94 23.95
N TRP D 341 -22.96 31.25 23.72
CA TRP D 341 -24.30 31.89 23.61
C TRP D 341 -24.88 31.59 22.22
N LEU D 342 -24.11 31.80 21.16
CA LEU D 342 -24.56 31.48 19.78
C LEU D 342 -25.10 30.05 19.74
N TYR D 343 -24.43 29.10 20.40
CA TYR D 343 -24.59 27.65 20.16
C TYR D 343 -25.55 27.03 21.19
N LEU D 344 -25.43 27.42 22.47
CA LEU D 344 -26.22 26.79 23.56
C LEU D 344 -27.35 27.73 23.99
N GLY D 345 -27.42 28.94 23.43
CA GLY D 345 -28.46 29.95 23.77
C GLY D 345 -29.85 29.62 23.21
N GLY D 346 -30.07 28.44 22.62
CA GLY D 346 -31.40 27.95 22.20
C GLY D 346 -32.06 28.84 21.17
N GLU D 347 -33.39 28.78 21.11
CA GLU D 347 -34.23 29.40 20.05
C GLU D 347 -34.04 30.93 20.08
N ALA D 348 -33.98 31.52 21.27
CA ALA D 348 -33.75 32.97 21.41
C ALA D 348 -32.63 33.38 20.47
N MET D 349 -31.50 32.65 20.47
CA MET D 349 -30.22 33.01 19.80
C MET D 349 -30.21 32.55 18.33
N GLN D 350 -31.23 31.81 17.91
CA GLN D 350 -31.35 31.26 16.54
C GLN D 350 -31.12 32.38 15.53
N PRO D 351 -31.70 33.58 15.72
CA PRO D 351 -31.50 34.69 14.78
C PRO D 351 -30.06 35.20 14.63
N LEU D 352 -29.26 35.17 15.70
CA LEU D 352 -27.83 35.60 15.63
C LEU D 352 -27.00 34.48 14.99
N ARG D 353 -27.39 33.21 15.15
CA ARG D 353 -26.76 32.06 14.44
C ARG D 353 -27.00 32.20 12.94
N GLU D 354 -28.21 32.58 12.54
CA GLU D 354 -28.53 32.80 11.11
C GLU D 354 -27.76 34.01 10.55
N LEU D 355 -27.68 35.11 11.32
CA LEU D 355 -26.96 36.35 10.91
C LEU D 355 -25.48 36.01 10.70
N LEU D 356 -24.83 35.36 11.66
CA LEU D 356 -23.42 34.92 11.49
C LEU D 356 -23.30 33.96 10.31
N GLY D 357 -24.24 33.02 10.16
CA GLY D 357 -24.28 32.11 9.00
C GLY D 357 -24.15 32.87 7.70
N GLU D 358 -24.80 34.05 7.59
CA GLU D 358 -24.73 34.88 6.37
C GLU D 358 -23.36 35.53 6.25
N LEU D 359 -22.84 36.08 7.35
CA LEU D 359 -21.56 36.86 7.39
C LEU D 359 -20.39 35.96 6.99
N VAL D 360 -20.41 34.67 7.32
CA VAL D 360 -19.26 33.76 7.00
C VAL D 360 -19.16 33.47 5.48
N ARG D 361 -20.06 34.01 4.65
N ARG D 361 -20.07 34.00 4.65
CA ARG D 361 -19.90 33.94 3.16
CA ARG D 361 -19.92 33.97 3.16
C ARG D 361 -18.75 34.87 2.72
C ARG D 361 -18.74 34.86 2.73
N TYR D 362 -18.31 35.82 3.55
CA TYR D 362 -17.17 36.74 3.22
C TYR D 362 -15.87 36.04 3.63
N PRO D 363 -14.92 35.87 2.68
CA PRO D 363 -13.62 35.32 3.01
C PRO D 363 -13.06 35.97 4.28
N ASP D 364 -13.12 37.30 4.40
CA ASP D 364 -12.43 38.04 5.49
C ASP D 364 -13.08 37.69 6.84
N VAL D 365 -14.34 37.25 6.88
CA VAL D 365 -15.00 36.83 8.15
C VAL D 365 -14.58 35.39 8.49
N GLN D 366 -14.54 34.50 7.51
CA GLN D 366 -14.04 33.12 7.74
C GLN D 366 -12.62 33.26 8.32
N GLU D 367 -11.80 34.03 7.63
CA GLU D 367 -10.37 34.24 7.99
C GLU D 367 -10.28 34.81 9.40
N HIS D 368 -11.13 35.79 9.73
CA HIS D 368 -11.19 36.43 11.07
C HIS D 368 -11.51 35.39 12.16
N LEU D 369 -12.52 34.53 12.00
CA LEU D 369 -12.95 33.62 13.10
C LEU D 369 -11.99 32.43 13.15
N VAL D 370 -11.47 32.01 12.01
CA VAL D 370 -10.48 30.90 12.00
C VAL D 370 -9.16 31.42 12.60
N GLY D 371 -8.75 32.65 12.29
CA GLY D 371 -7.58 33.29 12.89
C GLY D 371 -7.68 33.28 14.41
N MET D 372 -8.84 33.66 14.94
CA MET D 372 -9.14 33.76 16.39
C MET D 372 -8.94 32.41 17.04
N VAL D 373 -9.60 31.40 16.51
CA VAL D 373 -9.73 30.05 17.15
C VAL D 373 -8.37 29.35 17.05
N THR D 374 -7.65 29.55 15.95
CA THR D 374 -6.44 28.78 15.61
C THR D 374 -5.25 29.28 16.41
N GLY D 375 -5.19 30.58 16.70
CA GLY D 375 -4.03 31.27 17.31
C GLY D 375 -3.19 31.88 16.22
N LEU D 376 -3.59 31.71 14.98
CA LEU D 376 -2.77 32.09 13.82
C LEU D 376 -2.94 33.59 13.49
N ASP D 377 -3.85 34.32 14.14
CA ASP D 377 -4.11 35.77 13.88
C ASP D 377 -3.26 36.70 14.79
N ILE D 378 -2.47 36.16 15.71
CA ILE D 378 -1.82 36.96 16.78
C ILE D 378 -0.84 37.97 16.15
N ARG D 379 -0.98 39.25 16.50
CA ARG D 379 -0.05 40.34 16.09
C ARG D 379 0.39 41.08 17.37
N TYR D 380 1.68 40.98 17.74
CA TYR D 380 2.27 41.72 18.89
C TYR D 380 2.74 43.11 18.41
N ASP D 381 2.76 44.08 19.33
CA ASP D 381 3.28 45.45 19.09
C ASP D 381 4.81 45.37 19.05
N VAL D 382 5.41 45.75 17.94
CA VAL D 382 6.89 45.64 17.74
C VAL D 382 7.47 46.99 17.27
N GLY D 383 6.62 48.03 17.18
CA GLY D 383 6.99 49.39 16.71
C GLY D 383 6.44 49.70 15.32
N ALA D 384 7.03 50.69 14.66
CA ALA D 384 6.54 51.25 13.39
C ALA D 384 6.84 50.30 12.23
N GLY D 385 5.88 50.09 11.34
CA GLY D 385 6.02 49.23 10.16
C GLY D 385 4.68 48.83 9.59
N GLU D 386 4.55 48.91 8.26
CA GLU D 386 3.33 48.56 7.48
C GLU D 386 3.37 47.06 7.11
N HIS D 387 4.55 46.46 6.94
CA HIS D 387 4.71 45.10 6.37
C HIS D 387 3.72 44.14 7.02
N PRO D 388 3.02 43.30 6.22
CA PRO D 388 2.03 42.38 6.75
C PRO D 388 2.57 41.39 7.81
N LEU D 389 3.88 41.10 7.77
CA LEU D 389 4.54 40.07 8.60
C LEU D 389 4.85 40.59 10.01
N LEU D 390 4.96 41.90 10.21
CA LEU D 390 5.51 42.44 11.47
C LEU D 390 4.57 42.11 12.63
N GLY D 391 5.12 41.60 13.72
CA GLY D 391 4.37 41.24 14.94
C GLY D 391 3.69 39.89 14.86
N ARG D 392 3.76 39.19 13.72
CA ARG D 392 3.06 37.89 13.49
C ARG D 392 4.05 36.71 13.49
N ARG D 393 3.53 35.51 13.83
CA ARG D 393 4.16 34.18 13.58
C ARG D 393 4.91 34.23 12.24
N ILE D 394 6.20 33.89 12.23
CA ILE D 394 6.93 33.48 10.99
C ILE D 394 6.35 32.13 10.56
N PRO D 395 5.90 31.96 9.29
CA PRO D 395 5.32 30.69 8.86
C PRO D 395 6.47 29.69 8.62
N ASN D 396 6.14 28.39 8.60
CA ASN D 396 7.10 27.31 8.29
C ASN D 396 7.37 27.28 6.77
N GLN D 397 8.59 27.56 6.34
CA GLN D 397 8.93 27.66 4.89
C GLN D 397 10.34 27.11 4.64
N GLU D 398 10.51 26.46 3.50
CA GLU D 398 11.80 25.82 3.12
C GLU D 398 12.79 26.93 2.81
N LEU D 399 14.03 26.75 3.29
CA LEU D 399 15.16 27.69 3.10
C LEU D 399 16.23 27.02 2.24
N VAL D 400 16.65 27.70 1.16
CA VAL D 400 17.83 27.33 0.33
C VAL D 400 19.00 28.25 0.68
N SER D 409 16.97 23.78 4.39
CA SER D 409 16.26 23.45 5.65
C SER D 409 14.90 24.17 5.68
N THR D 410 14.31 24.31 6.86
CA THR D 410 13.04 25.07 7.07
C THR D 410 13.18 26.07 8.21
N THR D 411 12.51 27.22 8.09
CA THR D 411 12.47 28.28 9.13
C THR D 411 12.21 27.68 10.51
N PHE D 412 11.36 26.65 10.63
CA PHE D 412 11.02 26.03 11.94
C PHE D 412 12.17 25.20 12.50
N GLU D 413 12.99 24.58 11.64
CA GLU D 413 14.17 23.78 12.12
C GLU D 413 15.13 24.78 12.80
N GLN D 414 15.22 26.01 12.26
CA GLN D 414 16.11 27.08 12.79
C GLN D 414 15.67 27.55 14.16
N LEU D 415 14.49 27.16 14.63
CA LEU D 415 13.91 27.68 15.90
C LEU D 415 14.00 26.62 17.00
N HIS D 416 14.55 25.44 16.71
CA HIS D 416 14.63 24.27 17.63
C HIS D 416 15.39 24.62 18.92
N ARG D 417 16.46 25.42 18.84
CA ARG D 417 17.31 25.81 20.00
C ARG D 417 16.54 26.70 20.98
N GLY D 418 15.69 27.59 20.48
CA GLY D 418 14.96 28.57 21.30
C GLY D 418 15.67 29.92 21.30
N ARG D 419 16.52 30.16 20.31
CA ARG D 419 17.26 31.43 20.10
C ARG D 419 16.48 32.29 19.10
N GLY D 420 16.73 33.59 19.09
CA GLY D 420 16.21 34.45 18.02
C GLY D 420 16.85 34.02 16.72
N VAL D 421 16.35 34.49 15.59
CA VAL D 421 16.94 34.14 14.28
C VAL D 421 16.85 35.34 13.35
N LEU D 422 17.95 35.62 12.65
CA LEU D 422 17.96 36.61 11.54
C LEU D 422 18.08 35.85 10.22
N PHE D 423 17.00 35.79 9.46
CA PHE D 423 16.95 35.09 8.15
C PHE D 423 17.45 36.06 7.07
N ALA D 424 18.72 35.93 6.68
CA ALA D 424 19.38 36.79 5.67
C ALA D 424 19.23 36.14 4.29
N PHE D 425 18.33 36.68 3.47
CA PHE D 425 17.91 36.11 2.15
C PHE D 425 18.79 36.66 1.03
N GLY D 426 19.35 37.86 1.19
CA GLY D 426 20.20 38.51 0.18
C GLY D 426 21.61 37.95 0.17
N ASP D 427 22.49 38.52 -0.64
CA ASP D 427 23.97 38.36 -0.55
C ASP D 427 24.57 39.57 0.20
N ASP D 428 23.71 40.50 0.64
CA ASP D 428 24.11 41.65 1.50
C ASP D 428 24.39 41.09 2.90
N THR D 429 25.45 41.61 3.54
CA THR D 429 25.99 41.09 4.82
C THR D 429 25.80 42.12 5.95
N ALA D 430 25.22 43.29 5.62
CA ALA D 430 24.84 44.36 6.58
C ALA D 430 24.07 43.75 7.76
N GLY D 431 23.06 42.92 7.48
CA GLY D 431 22.23 42.24 8.50
C GLY D 431 23.09 41.37 9.40
N PRO D 432 23.68 40.27 8.87
CA PRO D 432 24.59 39.42 9.66
C PRO D 432 25.79 40.13 10.30
N GLN D 433 26.34 41.18 9.69
CA GLN D 433 27.47 41.95 10.27
C GLN D 433 26.97 42.70 11.52
N ALA D 434 25.76 43.26 11.48
CA ALA D 434 25.11 43.94 12.63
C ALA D 434 24.70 42.93 13.72
N ALA D 435 24.45 41.67 13.34
CA ALA D 435 23.96 40.60 14.26
C ALA D 435 25.08 40.10 15.16
N THR D 436 26.34 40.42 14.82
CA THR D 436 27.59 39.95 15.49
C THR D 436 27.55 40.26 16.99
N GLY D 437 27.03 41.44 17.36
CA GLY D 437 26.79 41.82 18.77
C GLY D 437 25.95 40.80 19.52
N TRP D 438 25.14 39.99 18.83
CA TRP D 438 24.09 39.17 19.47
C TRP D 438 24.16 37.70 19.04
N THR D 439 25.33 37.22 18.60
CA THR D 439 25.54 35.79 18.23
C THR D 439 25.12 34.88 19.40
N ASP D 440 25.29 35.30 20.65
CA ASP D 440 24.97 34.47 21.85
C ASP D 440 23.44 34.38 22.07
N ARG D 441 22.65 35.20 21.36
CA ARG D 441 21.19 35.36 21.60
C ARG D 441 20.41 35.17 20.30
N VAL D 442 21.00 35.57 19.17
CA VAL D 442 20.38 35.50 17.82
C VAL D 442 21.30 34.69 16.92
N ASP D 443 20.89 33.45 16.60
CA ASP D 443 21.47 32.60 15.51
C ASP D 443 21.24 33.31 14.18
N VAL D 444 22.15 33.18 13.23
CA VAL D 444 22.05 33.85 11.90
C VAL D 444 21.99 32.74 10.84
N VAL D 445 21.15 32.93 9.82
CA VAL D 445 20.85 31.89 8.79
C VAL D 445 20.90 32.57 7.41
N ARG D 446 21.92 32.24 6.62
CA ARG D 446 22.08 32.80 5.24
C ARG D 446 21.51 31.75 4.28
N ALA D 447 20.45 32.11 3.54
CA ALA D 447 19.63 31.20 2.70
C ALA D 447 18.38 31.93 2.22
N THR D 448 18.08 31.86 0.91
CA THR D 448 16.84 32.40 0.27
C THR D 448 15.69 31.39 0.44
N PRO D 457 5.37 34.10 2.88
CA PRO D 457 5.05 35.53 2.94
C PRO D 457 6.30 36.43 2.97
N PHE D 458 7.44 35.95 2.47
CA PHE D 458 8.74 36.67 2.53
C PHE D 458 9.05 37.44 1.24
N HIS D 459 8.09 37.62 0.32
CA HIS D 459 8.34 38.29 -0.99
C HIS D 459 8.92 39.70 -0.78
N GLY D 460 9.97 40.07 -1.52
CA GLY D 460 10.53 41.44 -1.59
C GLY D 460 11.30 41.85 -0.33
N LEU D 461 11.73 40.87 0.49
CA LEU D 461 12.49 41.11 1.75
C LEU D 461 13.91 40.55 1.60
N ASP D 462 14.90 41.31 2.04
CA ASP D 462 16.31 40.87 2.07
C ASP D 462 16.58 40.18 3.41
N ALA D 463 15.89 40.56 4.50
CA ALA D 463 16.08 39.95 5.83
C ALA D 463 14.80 39.99 6.67
N VAL D 464 14.71 39.08 7.63
CA VAL D 464 13.62 39.00 8.65
C VAL D 464 14.24 38.56 9.98
N LEU D 465 13.99 39.34 11.02
CA LEU D 465 14.47 39.09 12.40
C LEU D 465 13.31 38.56 13.21
N VAL D 466 13.50 37.39 13.80
CA VAL D 466 12.45 36.70 14.58
C VAL D 466 12.90 36.58 16.03
N ARG D 467 11.98 36.85 16.94
CA ARG D 467 12.15 36.61 18.39
C ARG D 467 12.25 35.11 18.61
N PRO D 468 12.73 34.65 19.78
CA PRO D 468 12.77 33.24 20.15
C PRO D 468 11.44 32.47 20.00
N ASP D 469 10.31 33.16 20.07
CA ASP D 469 8.97 32.51 20.06
C ASP D 469 8.43 32.43 18.63
N GLY D 470 9.14 32.99 17.65
CA GLY D 470 8.80 32.86 16.21
C GLY D 470 8.12 34.09 15.65
N TYR D 471 7.90 35.13 16.45
CA TYR D 471 7.18 36.35 16.00
C TYR D 471 8.18 37.35 15.41
N VAL D 472 7.83 37.92 14.26
CA VAL D 472 8.72 38.79 13.46
C VAL D 472 8.77 40.18 14.12
N ALA D 473 9.97 40.65 14.51
CA ALA D 473 10.19 41.90 15.27
C ALA D 473 10.77 42.98 14.35
N TRP D 474 11.21 42.58 13.15
CA TRP D 474 11.88 43.48 12.19
C TRP D 474 11.97 42.78 10.82
N VAL D 475 12.04 43.55 9.74
CA VAL D 475 12.23 43.03 8.36
C VAL D 475 13.05 44.06 7.58
N ALA D 476 13.60 43.68 6.44
CA ALA D 476 14.30 44.60 5.51
C ALA D 476 13.86 44.29 4.09
N PRO D 477 13.23 45.26 3.38
CA PRO D 477 13.01 45.13 1.93
C PRO D 477 14.29 44.75 1.15
N ALA D 480 17.97 47.50 0.95
CA ALA D 480 17.31 47.85 2.23
C ALA D 480 18.35 47.95 3.35
N GLY D 481 19.17 46.91 3.55
CA GLY D 481 20.27 46.90 4.54
C GLY D 481 19.79 46.54 5.94
N ALA D 482 20.57 46.87 6.98
CA ALA D 482 20.23 46.63 8.40
C ALA D 482 19.63 47.90 9.02
N ALA D 483 18.85 48.64 8.24
CA ALA D 483 18.41 50.04 8.50
C ALA D 483 17.97 50.24 9.97
N GLY D 484 17.15 49.35 10.52
CA GLY D 484 16.64 49.47 11.90
C GLY D 484 16.98 48.25 12.74
N LEU D 485 17.98 47.48 12.31
CA LEU D 485 18.24 46.13 12.86
C LEU D 485 18.84 46.25 14.27
N ASP D 486 19.84 47.12 14.41
CA ASP D 486 20.45 47.49 15.72
C ASP D 486 19.31 47.76 16.72
N GLU D 487 18.42 48.69 16.35
CA GLU D 487 17.24 49.10 17.16
C GLU D 487 16.40 47.86 17.53
N ALA D 488 16.03 47.04 16.54
CA ALA D 488 15.18 45.84 16.77
C ALA D 488 15.96 44.82 17.60
N LEU D 489 17.25 44.61 17.29
CA LEU D 489 18.12 43.71 18.09
C LEU D 489 18.24 44.21 19.53
N SER D 490 18.47 45.50 19.76
CA SER D 490 18.55 46.05 21.15
C SER D 490 17.19 45.95 21.85
N ARG D 491 16.11 46.18 21.10
CA ARG D 491 14.75 46.25 21.69
C ARG D 491 14.40 44.91 22.37
N TRP D 492 14.65 43.78 21.71
CA TRP D 492 14.12 42.46 22.17
C TRP D 492 15.21 41.61 22.82
N PHE D 493 16.48 41.79 22.41
CA PHE D 493 17.57 40.87 22.82
C PHE D 493 18.49 41.56 23.85
N GLY D 494 18.55 42.90 23.81
CA GLY D 494 19.33 43.70 24.78
C GLY D 494 20.58 44.30 24.16
N PRO D 495 21.57 44.72 24.98
CA PRO D 495 22.76 45.40 24.46
C PRO D 495 23.74 44.50 23.68
N SER D 496 24.26 45.00 22.55
CA SER D 496 25.42 44.38 21.82
C SER D 496 26.49 43.91 22.82
N ARG D 497 27.18 42.79 22.53
CA ARG D 497 28.20 42.16 23.43
C ARG D 497 29.52 42.03 22.66
#